data_3SFT
# 
_entry.id   3SFT 
# 
_audit_conform.dict_name       mmcif_pdbx.dic 
_audit_conform.dict_version    5.380 
_audit_conform.dict_location   http://mmcif.pdb.org/dictionaries/ascii/mmcif_pdbx.dic 
# 
loop_
_database_2.database_id 
_database_2.database_code 
_database_2.pdbx_database_accession 
_database_2.pdbx_DOI 
PDB   3SFT         pdb_00003sft 10.2210/pdb3sft/pdb 
RCSB  RCSB066150   ?            ?                   
WWPDB D_1000066150 ?            ?                   
# 
_pdbx_database_status.status_code                     REL 
_pdbx_database_status.entry_id                        3SFT 
_pdbx_database_status.recvd_initial_deposition_date   2011-06-14 
_pdbx_database_status.deposit_site                    RCSB 
_pdbx_database_status.process_site                    PDBJ 
_pdbx_database_status.status_code_sf                  REL 
_pdbx_database_status.status_code_mr                  ? 
_pdbx_database_status.SG_entry                        ? 
_pdbx_database_status.status_code_cs                  ? 
_pdbx_database_status.pdb_format_compatible           Y 
_pdbx_database_status.status_code_nmr_data            ? 
_pdbx_database_status.methods_development_category    ? 
# 
loop_
_audit_author.name 
_audit_author.pdbx_ordinal 
'Park, S.Y.'  1 
'Crane, B.R.' 2 
# 
_citation.id                        primary 
_citation.title                     
;An insight into the interaction mode between CheB and chemoreceptor from two crystal structures of CheB methylesterase catalytic domain
;
_citation.journal_abbrev            Biochem.Biophys.Res.Commun. 
_citation.journal_volume            411 
_citation.page_first                69 
_citation.page_last                 75 
_citation.year                      2011 
_citation.journal_id_ASTM           BBRCA9 
_citation.country                   US 
_citation.journal_id_ISSN           0006-291X 
_citation.journal_id_CSD            0146 
_citation.book_publisher            ? 
_citation.pdbx_database_id_PubMed   21722627 
_citation.pdbx_database_id_DOI      10.1016/j.bbrc.2011.06.090 
# 
loop_
_citation_author.citation_id 
_citation_author.name 
_citation_author.ordinal 
_citation_author.identifier_ORCID 
primary 'Cho, K.H.'   1 ? 
primary 'Crane, B.R.' 2 ? 
primary 'Park, S.Y.'  3 ? 
# 
_cell.entry_id           3SFT 
_cell.length_a           52.467 
_cell.length_b           65.075 
_cell.length_c           78.353 
_cell.angle_alpha        90.00 
_cell.angle_beta         90.00 
_cell.angle_gamma        90.00 
_cell.Z_PDB              4 
_cell.pdbx_unique_axis   ? 
_cell.length_a_esd       ? 
_cell.length_b_esd       ? 
_cell.length_c_esd       ? 
_cell.angle_alpha_esd    ? 
_cell.angle_beta_esd     ? 
_cell.angle_gamma_esd    ? 
# 
_symmetry.entry_id                         3SFT 
_symmetry.space_group_name_H-M             'P 21 21 21' 
_symmetry.pdbx_full_space_group_name_H-M   ? 
_symmetry.cell_setting                     ? 
_symmetry.Int_Tables_number                19 
_symmetry.space_group_name_Hall            ? 
# 
loop_
_entity.id 
_entity.type 
_entity.src_method 
_entity.pdbx_description 
_entity.formula_weight 
_entity.pdbx_number_of_molecules 
_entity.pdbx_ec 
_entity.pdbx_mutation 
_entity.pdbx_fragment 
_entity.details 
1 polymer man 'Chemotaxis response regulator protein-glutamate methylesterase' 20895.289 1   3.1.1.61 ? 
'CheB methylesterase catalytic domain' ? 
2 water   nat water                                                            18.015    106 ?        ? ? ? 
# 
_entity_name_com.entity_id   1 
_entity_name_com.name        CheB 
# 
_entity_poly.entity_id                      1 
_entity_poly.type                           'polypeptide(L)' 
_entity_poly.nstd_linkage                   no 
_entity_poly.nstd_monomer                   no 
_entity_poly.pdbx_seq_one_letter_code       
;GSHMVSGKIVVIGSSTGGPRSLDMIIPNLPKNFPAPIVVVQHMPPGFTKSLAMRLDSTSELTVKEAEDGEEVKPGFVYIA
PGDFHLGLKAQNGKVFFFLDKSDKINNVRPAVDFTLDKAAEIYKSKTIAVILTGMGKDGTKGAFKVKFYGGTVIAEDKET
CVVFGMPKSVIEEGYADYVLPAYKIPEKLIELV
;
_entity_poly.pdbx_seq_one_letter_code_can   
;GSHMVSGKIVVIGSSTGGPRSLDMIIPNLPKNFPAPIVVVQHMPPGFTKSLAMRLDSTSELTVKEAEDGEEVKPGFVYIA
PGDFHLGLKAQNGKVFFFLDKSDKINNVRPAVDFTLDKAAEIYKSKTIAVILTGMGKDGTKGAFKVKFYGGTVIAEDKET
CVVFGMPKSVIEEGYADYVLPAYKIPEKLIELV
;
_entity_poly.pdbx_strand_id                 A 
_entity_poly.pdbx_target_identifier         ? 
# 
loop_
_entity_poly_seq.entity_id 
_entity_poly_seq.num 
_entity_poly_seq.mon_id 
_entity_poly_seq.hetero 
1 1   GLY n 
1 2   SER n 
1 3   HIS n 
1 4   MET n 
1 5   VAL n 
1 6   SER n 
1 7   GLY n 
1 8   LYS n 
1 9   ILE n 
1 10  VAL n 
1 11  VAL n 
1 12  ILE n 
1 13  GLY n 
1 14  SER n 
1 15  SER n 
1 16  THR n 
1 17  GLY n 
1 18  GLY n 
1 19  PRO n 
1 20  ARG n 
1 21  SER n 
1 22  LEU n 
1 23  ASP n 
1 24  MET n 
1 25  ILE n 
1 26  ILE n 
1 27  PRO n 
1 28  ASN n 
1 29  LEU n 
1 30  PRO n 
1 31  LYS n 
1 32  ASN n 
1 33  PHE n 
1 34  PRO n 
1 35  ALA n 
1 36  PRO n 
1 37  ILE n 
1 38  VAL n 
1 39  VAL n 
1 40  VAL n 
1 41  GLN n 
1 42  HIS n 
1 43  MET n 
1 44  PRO n 
1 45  PRO n 
1 46  GLY n 
1 47  PHE n 
1 48  THR n 
1 49  LYS n 
1 50  SER n 
1 51  LEU n 
1 52  ALA n 
1 53  MET n 
1 54  ARG n 
1 55  LEU n 
1 56  ASP n 
1 57  SER n 
1 58  THR n 
1 59  SER n 
1 60  GLU n 
1 61  LEU n 
1 62  THR n 
1 63  VAL n 
1 64  LYS n 
1 65  GLU n 
1 66  ALA n 
1 67  GLU n 
1 68  ASP n 
1 69  GLY n 
1 70  GLU n 
1 71  GLU n 
1 72  VAL n 
1 73  LYS n 
1 74  PRO n 
1 75  GLY n 
1 76  PHE n 
1 77  VAL n 
1 78  TYR n 
1 79  ILE n 
1 80  ALA n 
1 81  PRO n 
1 82  GLY n 
1 83  ASP n 
1 84  PHE n 
1 85  HIS n 
1 86  LEU n 
1 87  GLY n 
1 88  LEU n 
1 89  LYS n 
1 90  ALA n 
1 91  GLN n 
1 92  ASN n 
1 93  GLY n 
1 94  LYS n 
1 95  VAL n 
1 96  PHE n 
1 97  PHE n 
1 98  PHE n 
1 99  LEU n 
1 100 ASP n 
1 101 LYS n 
1 102 SER n 
1 103 ASP n 
1 104 LYS n 
1 105 ILE n 
1 106 ASN n 
1 107 ASN n 
1 108 VAL n 
1 109 ARG n 
1 110 PRO n 
1 111 ALA n 
1 112 VAL n 
1 113 ASP n 
1 114 PHE n 
1 115 THR n 
1 116 LEU n 
1 117 ASP n 
1 118 LYS n 
1 119 ALA n 
1 120 ALA n 
1 121 GLU n 
1 122 ILE n 
1 123 TYR n 
1 124 LYS n 
1 125 SER n 
1 126 LYS n 
1 127 THR n 
1 128 ILE n 
1 129 ALA n 
1 130 VAL n 
1 131 ILE n 
1 132 LEU n 
1 133 THR n 
1 134 GLY n 
1 135 MET n 
1 136 GLY n 
1 137 LYS n 
1 138 ASP n 
1 139 GLY n 
1 140 THR n 
1 141 LYS n 
1 142 GLY n 
1 143 ALA n 
1 144 PHE n 
1 145 LYS n 
1 146 VAL n 
1 147 LYS n 
1 148 PHE n 
1 149 TYR n 
1 150 GLY n 
1 151 GLY n 
1 152 THR n 
1 153 VAL n 
1 154 ILE n 
1 155 ALA n 
1 156 GLU n 
1 157 ASP n 
1 158 LYS n 
1 159 GLU n 
1 160 THR n 
1 161 CYS n 
1 162 VAL n 
1 163 VAL n 
1 164 PHE n 
1 165 GLY n 
1 166 MET n 
1 167 PRO n 
1 168 LYS n 
1 169 SER n 
1 170 VAL n 
1 171 ILE n 
1 172 GLU n 
1 173 GLU n 
1 174 GLY n 
1 175 TYR n 
1 176 ALA n 
1 177 ASP n 
1 178 TYR n 
1 179 VAL n 
1 180 LEU n 
1 181 PRO n 
1 182 ALA n 
1 183 TYR n 
1 184 LYS n 
1 185 ILE n 
1 186 PRO n 
1 187 GLU n 
1 188 LYS n 
1 189 LEU n 
1 190 ILE n 
1 191 GLU n 
1 192 LEU n 
1 193 VAL n 
# 
_entity_src_gen.entity_id                          1 
_entity_src_gen.pdbx_src_id                        1 
_entity_src_gen.pdbx_alt_source_flag               sample 
_entity_src_gen.pdbx_seq_type                      ? 
_entity_src_gen.pdbx_beg_seq_num                   ? 
_entity_src_gen.pdbx_end_seq_num                   ? 
_entity_src_gen.gene_src_common_name               ? 
_entity_src_gen.gene_src_genus                     ? 
_entity_src_gen.pdbx_gene_src_gene                 cheB 
_entity_src_gen.gene_src_species                   ? 
_entity_src_gen.gene_src_strain                    ? 
_entity_src_gen.gene_src_tissue                    ? 
_entity_src_gen.gene_src_tissue_fraction           ? 
_entity_src_gen.gene_src_details                   ? 
_entity_src_gen.pdbx_gene_src_fragment             ? 
_entity_src_gen.pdbx_gene_src_scientific_name      'Thermotoga maritima' 
_entity_src_gen.pdbx_gene_src_ncbi_taxonomy_id     2336 
_entity_src_gen.pdbx_gene_src_variant              ? 
_entity_src_gen.pdbx_gene_src_cell_line            ? 
_entity_src_gen.pdbx_gene_src_atcc                 ? 
_entity_src_gen.pdbx_gene_src_organ                ? 
_entity_src_gen.pdbx_gene_src_organelle            ? 
_entity_src_gen.pdbx_gene_src_cell                 ? 
_entity_src_gen.pdbx_gene_src_cellular_location    ? 
_entity_src_gen.host_org_common_name               ? 
_entity_src_gen.pdbx_host_org_scientific_name      'Escherichia coli' 
_entity_src_gen.pdbx_host_org_ncbi_taxonomy_id     562 
_entity_src_gen.host_org_genus                     ? 
_entity_src_gen.pdbx_host_org_gene                 ? 
_entity_src_gen.pdbx_host_org_organ                ? 
_entity_src_gen.host_org_species                   ? 
_entity_src_gen.pdbx_host_org_tissue               ? 
_entity_src_gen.pdbx_host_org_tissue_fraction      ? 
_entity_src_gen.pdbx_host_org_strain               'BL21(DE3)' 
_entity_src_gen.pdbx_host_org_variant              ? 
_entity_src_gen.pdbx_host_org_cell_line            ? 
_entity_src_gen.pdbx_host_org_atcc                 ? 
_entity_src_gen.pdbx_host_org_culture_collection   ? 
_entity_src_gen.pdbx_host_org_cell                 ? 
_entity_src_gen.pdbx_host_org_organelle            ? 
_entity_src_gen.pdbx_host_org_cellular_location    ? 
_entity_src_gen.pdbx_host_org_vector_type          plasmid 
_entity_src_gen.pdbx_host_org_vector               ? 
_entity_src_gen.host_org_details                   ? 
_entity_src_gen.expression_system_id               ? 
_entity_src_gen.plasmid_name                       pET28a 
_entity_src_gen.plasmid_details                    ? 
_entity_src_gen.pdbx_description                   ? 
# 
_struct_ref.id                         1 
_struct_ref.db_name                    UNP 
_struct_ref.db_code                    CHEB_THEMA 
_struct_ref.pdbx_db_accession          Q9WYN9 
_struct_ref.entity_id                  1 
_struct_ref.pdbx_seq_one_letter_code   
;VSGKIVVIGSSTGGPRSLDMIIPNLPKNFPAPIVVVQHMPPGFTKSLAMRLDSTSELTVKEAEDGEEVKPGFVYIAPGDF
HLGLKAQNGKVFFFLDKSDKINNVRPAVDFTLDKAAEIYKSKTIAVILTGMGKDGTKGAFKVKFYGGTVIAEDKETCVVF
GMPKSVIEEGYADYVLPAYKIPEKLIELV
;
_struct_ref.pdbx_align_begin           156 
_struct_ref.pdbx_db_isoform            ? 
# 
_struct_ref_seq.align_id                      1 
_struct_ref_seq.ref_id                        1 
_struct_ref_seq.pdbx_PDB_id_code              3SFT 
_struct_ref_seq.pdbx_strand_id                A 
_struct_ref_seq.seq_align_beg                 5 
_struct_ref_seq.pdbx_seq_align_beg_ins_code   ? 
_struct_ref_seq.seq_align_end                 193 
_struct_ref_seq.pdbx_seq_align_end_ins_code   ? 
_struct_ref_seq.pdbx_db_accession             Q9WYN9 
_struct_ref_seq.db_align_beg                  156 
_struct_ref_seq.pdbx_db_align_beg_ins_code    ? 
_struct_ref_seq.db_align_end                  344 
_struct_ref_seq.pdbx_db_align_end_ins_code    ? 
_struct_ref_seq.pdbx_auth_seq_align_beg       156 
_struct_ref_seq.pdbx_auth_seq_align_end       344 
# 
loop_
_struct_ref_seq_dif.align_id 
_struct_ref_seq_dif.pdbx_pdb_id_code 
_struct_ref_seq_dif.mon_id 
_struct_ref_seq_dif.pdbx_pdb_strand_id 
_struct_ref_seq_dif.seq_num 
_struct_ref_seq_dif.pdbx_pdb_ins_code 
_struct_ref_seq_dif.pdbx_seq_db_name 
_struct_ref_seq_dif.pdbx_seq_db_accession_code 
_struct_ref_seq_dif.db_mon_id 
_struct_ref_seq_dif.pdbx_seq_db_seq_num 
_struct_ref_seq_dif.details 
_struct_ref_seq_dif.pdbx_auth_seq_num 
_struct_ref_seq_dif.pdbx_ordinal 
1 3SFT GLY A 1 ? UNP Q9WYN9 ? ? 'expression tag' 152 1 
1 3SFT SER A 2 ? UNP Q9WYN9 ? ? 'expression tag' 153 2 
1 3SFT HIS A 3 ? UNP Q9WYN9 ? ? 'expression tag' 154 3 
1 3SFT MET A 4 ? UNP Q9WYN9 ? ? 'expression tag' 155 4 
# 
loop_
_chem_comp.id 
_chem_comp.type 
_chem_comp.mon_nstd_flag 
_chem_comp.name 
_chem_comp.pdbx_synonyms 
_chem_comp.formula 
_chem_comp.formula_weight 
ALA 'L-peptide linking' y ALANINE         ? 'C3 H7 N O2'     89.093  
ARG 'L-peptide linking' y ARGININE        ? 'C6 H15 N4 O2 1' 175.209 
ASN 'L-peptide linking' y ASPARAGINE      ? 'C4 H8 N2 O3'    132.118 
ASP 'L-peptide linking' y 'ASPARTIC ACID' ? 'C4 H7 N O4'     133.103 
CYS 'L-peptide linking' y CYSTEINE        ? 'C3 H7 N O2 S'   121.158 
GLN 'L-peptide linking' y GLUTAMINE       ? 'C5 H10 N2 O3'   146.144 
GLU 'L-peptide linking' y 'GLUTAMIC ACID' ? 'C5 H9 N O4'     147.129 
GLY 'peptide linking'   y GLYCINE         ? 'C2 H5 N O2'     75.067  
HIS 'L-peptide linking' y HISTIDINE       ? 'C6 H10 N3 O2 1' 156.162 
HOH non-polymer         . WATER           ? 'H2 O'           18.015  
ILE 'L-peptide linking' y ISOLEUCINE      ? 'C6 H13 N O2'    131.173 
LEU 'L-peptide linking' y LEUCINE         ? 'C6 H13 N O2'    131.173 
LYS 'L-peptide linking' y LYSINE          ? 'C6 H15 N2 O2 1' 147.195 
MET 'L-peptide linking' y METHIONINE      ? 'C5 H11 N O2 S'  149.211 
PHE 'L-peptide linking' y PHENYLALANINE   ? 'C9 H11 N O2'    165.189 
PRO 'L-peptide linking' y PROLINE         ? 'C5 H9 N O2'     115.130 
SER 'L-peptide linking' y SERINE          ? 'C3 H7 N O3'     105.093 
THR 'L-peptide linking' y THREONINE       ? 'C4 H9 N O3'     119.119 
TYR 'L-peptide linking' y TYROSINE        ? 'C9 H11 N O3'    181.189 
VAL 'L-peptide linking' y VALINE          ? 'C5 H11 N O2'    117.146 
# 
_exptl.entry_id          3SFT 
_exptl.method            'X-RAY DIFFRACTION' 
_exptl.crystals_number   1 
# 
_exptl_crystal.id                    1 
_exptl_crystal.density_meas          ? 
_exptl_crystal.density_Matthews      3.27 
_exptl_crystal.density_percent_sol   62.33 
_exptl_crystal.description           ? 
_exptl_crystal.F_000                 ? 
_exptl_crystal.preparation           ? 
# 
_exptl_crystal_grow.crystal_id      1 
_exptl_crystal_grow.method          'VAPOR DIFFUSION, HANGING DROP' 
_exptl_crystal_grow.temp            298 
_exptl_crystal_grow.temp_details    ? 
_exptl_crystal_grow.pH              6.5 
_exptl_crystal_grow.pdbx_details    
'0.2M ammonium sulfate, 0.1M cacodylate, 30%(w/v) PEG 8K, pH 6.5, VAPOR DIFFUSION, HANGING DROP, temperature 298K' 
_exptl_crystal_grow.pdbx_pH_range   . 
# 
_diffrn.id                     1 
_diffrn.ambient_temp           100 
_diffrn.ambient_temp_details   ? 
_diffrn.crystal_id             1 
# 
_diffrn_detector.diffrn_id              1 
_diffrn_detector.detector               CCD 
_diffrn_detector.type                   'ADSC QUANTUM 315' 
_diffrn_detector.pdbx_collection_date   2004-01-23 
_diffrn_detector.details                ? 
# 
_diffrn_radiation.diffrn_id                        1 
_diffrn_radiation.wavelength_id                    1 
_diffrn_radiation.pdbx_monochromatic_or_laue_m_l   M 
_diffrn_radiation.monochromator                    ? 
_diffrn_radiation.pdbx_diffrn_protocol             'SINGLE WAVELENGTH' 
_diffrn_radiation.pdbx_scattering_type             x-ray 
# 
_diffrn_radiation_wavelength.id           1 
_diffrn_radiation_wavelength.wavelength   . 
_diffrn_radiation_wavelength.wt           1.0 
# 
_diffrn_source.diffrn_id                   1 
_diffrn_source.source                      SYNCHROTRON 
_diffrn_source.type                        'NSLS BEAMLINE X25' 
_diffrn_source.pdbx_synchrotron_site       NSLS 
_diffrn_source.pdbx_synchrotron_beamline   X25 
_diffrn_source.pdbx_wavelength             ? 
_diffrn_source.pdbx_wavelength_list        ? 
# 
_reflns.entry_id                     3SFT 
_reflns.observed_criterion_sigma_I   ? 
_reflns.observed_criterion_sigma_F   ? 
_reflns.d_resolution_low             30 
_reflns.d_resolution_high            2.15 
_reflns.number_obs                   13555 
_reflns.number_all                   ? 
_reflns.percent_possible_obs         ? 
_reflns.pdbx_Rmerge_I_obs            ? 
_reflns.pdbx_Rsym_value              ? 
_reflns.pdbx_netI_over_sigmaI        ? 
_reflns.B_iso_Wilson_estimate        ? 
_reflns.pdbx_redundancy              ? 
_reflns.R_free_details               ? 
_reflns.limit_h_max                  ? 
_reflns.limit_h_min                  ? 
_reflns.limit_k_max                  ? 
_reflns.limit_k_min                  ? 
_reflns.limit_l_max                  ? 
_reflns.limit_l_min                  ? 
_reflns.observed_criterion_F_max     ? 
_reflns.observed_criterion_F_min     ? 
_reflns.pdbx_chi_squared             ? 
_reflns.pdbx_scaling_rejects         ? 
_reflns.pdbx_ordinal                 1 
_reflns.pdbx_diffrn_id               1 
# 
_refine.entry_id                                 3SFT 
_refine.ls_number_reflns_obs                     13555 
_refine.ls_number_reflns_all                     ? 
_refine.pdbx_ls_sigma_I                          ? 
_refine.pdbx_ls_sigma_F                          ? 
_refine.pdbx_data_cutoff_high_absF               ? 
_refine.pdbx_data_cutoff_low_absF                ? 
_refine.pdbx_data_cutoff_high_rms_absF           ? 
_refine.ls_d_res_low                             30 
_refine.ls_d_res_high                            2.15 
_refine.ls_percent_reflns_obs                    ? 
_refine.ls_R_factor_obs                          ? 
_refine.ls_R_factor_all                          ? 
_refine.ls_R_factor_R_work                       0.203 
_refine.ls_R_factor_R_free                       0.223 
_refine.ls_R_factor_R_free_error                 ? 
_refine.ls_R_factor_R_free_error_details         ? 
_refine.ls_percent_reflns_R_free                 10 
_refine.ls_number_reflns_R_free                  ? 
_refine.ls_number_parameters                     ? 
_refine.ls_number_restraints                     ? 
_refine.occupancy_min                            ? 
_refine.occupancy_max                            ? 
_refine.correlation_coeff_Fo_to_Fc               ? 
_refine.correlation_coeff_Fo_to_Fc_free          ? 
_refine.B_iso_mean                               ? 
_refine.aniso_B[1][1]                            ? 
_refine.aniso_B[2][2]                            ? 
_refine.aniso_B[3][3]                            ? 
_refine.aniso_B[1][2]                            ? 
_refine.aniso_B[1][3]                            ? 
_refine.aniso_B[2][3]                            ? 
_refine.solvent_model_details                    ? 
_refine.solvent_model_param_ksol                 ? 
_refine.solvent_model_param_bsol                 ? 
_refine.pdbx_solvent_vdw_probe_radii             ? 
_refine.pdbx_solvent_ion_probe_radii             ? 
_refine.pdbx_solvent_shrinkage_radii             ? 
_refine.pdbx_ls_cross_valid_method               ? 
_refine.details                                  ? 
_refine.pdbx_starting_model                      1CHD 
_refine.pdbx_method_to_determine_struct          'MOLECULAR REPLACEMENT' 
_refine.pdbx_isotropic_thermal_model             ? 
_refine.pdbx_stereochemistry_target_values       ? 
_refine.pdbx_stereochem_target_val_spec_case     ? 
_refine.pdbx_R_Free_selection_details            random 
_refine.pdbx_overall_ESU_R_Free                  ? 
_refine.overall_SU_ML                            ? 
_refine.pdbx_overall_phase_error                 ? 
_refine.overall_SU_B                             ? 
_refine.overall_SU_R_Cruickshank_DPI             ? 
_refine.ls_redundancy_reflns_obs                 ? 
_refine.B_iso_min                                ? 
_refine.B_iso_max                                ? 
_refine.overall_SU_R_free                        ? 
_refine.ls_wR_factor_R_free                      ? 
_refine.ls_wR_factor_R_work                      ? 
_refine.overall_FOM_free_R_set                   ? 
_refine.overall_FOM_work_R_set                   ? 
_refine.pdbx_diffrn_id                           1 
_refine.pdbx_refine_id                           'X-RAY DIFFRACTION' 
_refine.pdbx_overall_ESU_R                       ? 
_refine.pdbx_TLS_residual_ADP_flag               ? 
_refine.pdbx_overall_SU_R_free_Cruickshank_DPI   ? 
_refine.pdbx_overall_SU_R_Blow_DPI               ? 
_refine.pdbx_overall_SU_R_free_Blow_DPI          ? 
# 
_refine_hist.pdbx_refine_id                   'X-RAY DIFFRACTION' 
_refine_hist.cycle_id                         LAST 
_refine_hist.pdbx_number_atoms_protein        1441 
_refine_hist.pdbx_number_atoms_nucleic_acid   0 
_refine_hist.pdbx_number_atoms_ligand         0 
_refine_hist.number_atoms_solvent             106 
_refine_hist.number_atoms_total               1547 
_refine_hist.d_res_high                       2.15 
_refine_hist.d_res_low                        30 
# 
_struct.entry_id                  3SFT 
_struct.title                     'Crystal structure of Thermotoga maritima CheB methylesterase catalytic domain' 
_struct.pdbx_model_details        ? 
_struct.pdbx_CASP_flag            ? 
_struct.pdbx_model_type_details   ? 
# 
_struct_keywords.entry_id        3SFT 
_struct_keywords.pdbx_keywords   HYDROLASE 
_struct_keywords.text            'modified doubly-wound/fold, Methylesterase, chemoreceptor, HYDROLASE' 
# 
loop_
_struct_asym.id 
_struct_asym.pdbx_blank_PDB_chainid_flag 
_struct_asym.pdbx_modified 
_struct_asym.entity_id 
_struct_asym.details 
A N N 1 ? 
B N N 2 ? 
# 
_struct_biol.id        1 
_struct_biol.details   ? 
# 
loop_
_struct_conf.conf_type_id 
_struct_conf.id 
_struct_conf.pdbx_PDB_helix_id 
_struct_conf.beg_label_comp_id 
_struct_conf.beg_label_asym_id 
_struct_conf.beg_label_seq_id 
_struct_conf.pdbx_beg_PDB_ins_code 
_struct_conf.end_label_comp_id 
_struct_conf.end_label_asym_id 
_struct_conf.end_label_seq_id 
_struct_conf.pdbx_end_PDB_ins_code 
_struct_conf.beg_auth_comp_id 
_struct_conf.beg_auth_asym_id 
_struct_conf.beg_auth_seq_id 
_struct_conf.end_auth_comp_id 
_struct_conf.end_auth_asym_id 
_struct_conf.end_auth_seq_id 
_struct_conf.pdbx_PDB_helix_class 
_struct_conf.details 
_struct_conf.pdbx_PDB_helix_length 
HELX_P HELX_P1 1 GLY A 17  ? ASP A 23  ? GLY A 168 ASP A 174 1 ? 7  
HELX_P HELX_P2 2 MET A 24  ? LEU A 29  ? MET A 175 LEU A 180 5 ? 6  
HELX_P HELX_P3 3 PHE A 47  ? SER A 59  ? PHE A 198 SER A 210 1 ? 13 
HELX_P HELX_P4 4 ALA A 111 ? LYS A 124 ? ALA A 262 LYS A 275 1 ? 14 
HELX_P HELX_P5 5 GLY A 139 ? TYR A 149 ? GLY A 290 TYR A 300 1 ? 11 
HELX_P HELX_P6 6 LYS A 158 ? CYS A 161 ? LYS A 309 CYS A 312 5 ? 4  
HELX_P HELX_P7 7 GLY A 165 ? GLU A 173 ? GLY A 316 GLU A 324 1 ? 9  
HELX_P HELX_P8 8 PRO A 181 ? TYR A 183 ? PRO A 332 TYR A 334 5 ? 3  
HELX_P HELX_P9 9 LYS A 184 ? VAL A 193 ? LYS A 335 VAL A 344 1 ? 10 
# 
_struct_conf_type.id          HELX_P 
_struct_conf_type.criteria    ? 
_struct_conf_type.reference   ? 
# 
_struct_mon_prot_cis.pdbx_id                1 
_struct_mon_prot_cis.label_comp_id          ARG 
_struct_mon_prot_cis.label_seq_id           109 
_struct_mon_prot_cis.label_asym_id          A 
_struct_mon_prot_cis.label_alt_id           . 
_struct_mon_prot_cis.pdbx_PDB_ins_code      ? 
_struct_mon_prot_cis.auth_comp_id           ARG 
_struct_mon_prot_cis.auth_seq_id            260 
_struct_mon_prot_cis.auth_asym_id           A 
_struct_mon_prot_cis.pdbx_label_comp_id_2   PRO 
_struct_mon_prot_cis.pdbx_label_seq_id_2    110 
_struct_mon_prot_cis.pdbx_label_asym_id_2   A 
_struct_mon_prot_cis.pdbx_PDB_ins_code_2    ? 
_struct_mon_prot_cis.pdbx_auth_comp_id_2    PRO 
_struct_mon_prot_cis.pdbx_auth_seq_id_2     261 
_struct_mon_prot_cis.pdbx_auth_asym_id_2    A 
_struct_mon_prot_cis.pdbx_PDB_model_num     1 
_struct_mon_prot_cis.pdbx_omega_angle       0.15 
# 
loop_
_struct_sheet.id 
_struct_sheet.type 
_struct_sheet.number_strands 
_struct_sheet.details 
A ? 7 ? 
B ? 2 ? 
# 
loop_
_struct_sheet_order.sheet_id 
_struct_sheet_order.range_id_1 
_struct_sheet_order.range_id_2 
_struct_sheet_order.offset 
_struct_sheet_order.sense 
A 1 2 ? parallel      
A 2 3 ? parallel      
A 3 4 ? parallel      
A 4 5 ? parallel      
A 5 6 ? parallel      
A 6 7 ? parallel      
B 1 2 ? anti-parallel 
# 
loop_
_struct_sheet_range.sheet_id 
_struct_sheet_range.id 
_struct_sheet_range.beg_label_comp_id 
_struct_sheet_range.beg_label_asym_id 
_struct_sheet_range.beg_label_seq_id 
_struct_sheet_range.pdbx_beg_PDB_ins_code 
_struct_sheet_range.end_label_comp_id 
_struct_sheet_range.end_label_asym_id 
_struct_sheet_range.end_label_seq_id 
_struct_sheet_range.pdbx_end_PDB_ins_code 
_struct_sheet_range.beg_auth_comp_id 
_struct_sheet_range.beg_auth_asym_id 
_struct_sheet_range.beg_auth_seq_id 
_struct_sheet_range.end_auth_comp_id 
_struct_sheet_range.end_auth_asym_id 
_struct_sheet_range.end_auth_seq_id 
A 1 THR A 62  ? GLU A 65  ? THR A 213 GLU A 216 
A 2 PHE A 76  ? ILE A 79  ? PHE A 227 ILE A 230 
A 3 ILE A 37  ? GLN A 41  ? ILE A 188 GLN A 192 
A 4 ILE A 9   ? SER A 14  ? ILE A 160 SER A 165 
A 5 THR A 127 ? ILE A 131 ? THR A 278 ILE A 282 
A 6 THR A 152 ? GLU A 156 ? THR A 303 GLU A 307 
A 7 TYR A 178 ? LEU A 180 ? TYR A 329 LEU A 331 
B 1 HIS A 85  ? GLN A 91  ? HIS A 236 GLN A 242 
B 2 LYS A 94  ? ASP A 100 ? LYS A 245 ASP A 251 
# 
loop_
_pdbx_struct_sheet_hbond.sheet_id 
_pdbx_struct_sheet_hbond.range_id_1 
_pdbx_struct_sheet_hbond.range_id_2 
_pdbx_struct_sheet_hbond.range_1_label_atom_id 
_pdbx_struct_sheet_hbond.range_1_label_comp_id 
_pdbx_struct_sheet_hbond.range_1_label_asym_id 
_pdbx_struct_sheet_hbond.range_1_label_seq_id 
_pdbx_struct_sheet_hbond.range_1_PDB_ins_code 
_pdbx_struct_sheet_hbond.range_1_auth_atom_id 
_pdbx_struct_sheet_hbond.range_1_auth_comp_id 
_pdbx_struct_sheet_hbond.range_1_auth_asym_id 
_pdbx_struct_sheet_hbond.range_1_auth_seq_id 
_pdbx_struct_sheet_hbond.range_2_label_atom_id 
_pdbx_struct_sheet_hbond.range_2_label_comp_id 
_pdbx_struct_sheet_hbond.range_2_label_asym_id 
_pdbx_struct_sheet_hbond.range_2_label_seq_id 
_pdbx_struct_sheet_hbond.range_2_PDB_ins_code 
_pdbx_struct_sheet_hbond.range_2_auth_atom_id 
_pdbx_struct_sheet_hbond.range_2_auth_comp_id 
_pdbx_struct_sheet_hbond.range_2_auth_asym_id 
_pdbx_struct_sheet_hbond.range_2_auth_seq_id 
A 1 2 N LYS A 64  ? N LYS A 215 O ILE A 79  ? O ILE A 230 
A 2 3 O TYR A 78  ? O TYR A 229 N VAL A 39  ? N VAL A 190 
A 3 4 O VAL A 38  ? O VAL A 189 N ILE A 12  ? N ILE A 163 
A 4 5 N GLY A 13  ? N GLY A 164 O VAL A 130 ? O VAL A 281 
A 5 6 N ALA A 129 ? N ALA A 280 O ILE A 154 ? O ILE A 305 
A 6 7 N ALA A 155 ? N ALA A 306 O TYR A 178 ? O TYR A 329 
B 1 2 N HIS A 85  ? N HIS A 236 O ASP A 100 ? O ASP A 251 
# 
_atom_sites.entry_id                    3SFT 
_atom_sites.fract_transf_matrix[1][1]   0.01076857 
_atom_sites.fract_transf_matrix[1][2]   0.01486712 
_atom_sites.fract_transf_matrix[1][3]   0.00512741 
_atom_sites.fract_transf_matrix[2][1]   -0.00837408 
_atom_sites.fract_transf_matrix[2][2]   0.00918277 
_atom_sites.fract_transf_matrix[2][3]   -0.00903860 
_atom_sites.fract_transf_matrix[3][1]   -0.00790726 
_atom_sites.fract_transf_matrix[3][2]   0.00237030 
_atom_sites.fract_transf_matrix[3][3]   0.00973402 
_atom_sites.fract_transf_vector[1]      0.774862 
_atom_sites.fract_transf_vector[2]      0.895712 
_atom_sites.fract_transf_vector[3]      0.074866 
# 
loop_
_atom_type.symbol 
C 
N 
O 
S 
# 
loop_
_atom_site.group_PDB 
_atom_site.id 
_atom_site.type_symbol 
_atom_site.label_atom_id 
_atom_site.label_alt_id 
_atom_site.label_comp_id 
_atom_site.label_asym_id 
_atom_site.label_entity_id 
_atom_site.label_seq_id 
_atom_site.pdbx_PDB_ins_code 
_atom_site.Cartn_x 
_atom_site.Cartn_y 
_atom_site.Cartn_z 
_atom_site.occupancy 
_atom_site.B_iso_or_equiv 
_atom_site.pdbx_formal_charge 
_atom_site.auth_seq_id 
_atom_site.auth_comp_id 
_atom_site.auth_asym_id 
_atom_site.auth_atom_id 
_atom_site.pdbx_PDB_model_num 
ATOM   1    N N   . VAL A 1 5   ? -19.923 -0.548  -1.684  1.00 44.32 ? 156  VAL A N   1 
ATOM   2    C CA  . VAL A 1 5   ? -18.619 0.028   -2.141  1.00 42.92 ? 156  VAL A CA  1 
ATOM   3    C C   . VAL A 1 5   ? -18.308 -0.446  -3.556  1.00 42.11 ? 156  VAL A C   1 
ATOM   4    O O   . VAL A 1 5   ? -18.485 -1.622  -3.877  1.00 43.02 ? 156  VAL A O   1 
ATOM   5    C CB  . VAL A 1 5   ? -17.458 -0.390  -1.206  1.00 43.70 ? 156  VAL A CB  1 
ATOM   6    C CG1 . VAL A 1 5   ? -16.146 0.233   -1.676  1.00 43.95 ? 156  VAL A CG1 1 
ATOM   7    C CG2 . VAL A 1 5   ? -17.764 0.018   0.228   1.00 43.39 ? 156  VAL A CG2 1 
ATOM   8    N N   . SER A 1 6   ? -17.850 0.479   -4.398  1.00 40.23 ? 157  SER A N   1 
ATOM   9    C CA  . SER A 1 6   ? -17.512 0.161   -5.782  1.00 39.33 ? 157  SER A CA  1 
ATOM   10   C C   . SER A 1 6   ? -16.020 0.335   -6.073  1.00 36.81 ? 157  SER A C   1 
ATOM   11   O O   . SER A 1 6   ? -15.291 0.976   -5.310  1.00 36.59 ? 157  SER A O   1 
ATOM   12   C CB  . SER A 1 6   ? -18.324 1.040   -6.741  1.00 41.84 ? 157  SER A CB  1 
ATOM   13   O OG  . SER A 1 6   ? -17.982 2.412   -6.603  1.00 45.21 ? 157  SER A OG  1 
ATOM   14   N N   . GLY A 1 7   ? -15.583 -0.236  -7.192  1.00 34.01 ? 158  GLY A N   1 
ATOM   15   C CA  . GLY A 1 7   ? -14.195 -0.133  -7.599  1.00 31.18 ? 158  GLY A CA  1 
ATOM   16   C C   . GLY A 1 7   ? -13.191 -0.939  -6.795  1.00 28.69 ? 158  GLY A C   1 
ATOM   17   O O   . GLY A 1 7   ? -13.533 -1.652  -5.847  1.00 27.21 ? 158  GLY A O   1 
ATOM   18   N N   . LYS A 1 8   ? -11.931 -0.799  -7.181  1.00 27.73 ? 159  LYS A N   1 
ATOM   19   C CA  . LYS A 1 8   ? -10.838 -1.498  -6.532  1.00 26.65 ? 159  LYS A CA  1 
ATOM   20   C C   . LYS A 1 8   ? -10.036 -0.569  -5.630  1.00 25.51 ? 159  LYS A C   1 
ATOM   21   O O   . LYS A 1 8   ? -10.346 0.618   -5.508  1.00 24.47 ? 159  LYS A O   1 
ATOM   22   C CB  . LYS A 1 8   ? -9.923  -2.104  -7.598  1.00 28.43 ? 159  LYS A CB  1 
ATOM   23   C CG  . LYS A 1 8   ? -10.665 -2.978  -8.592  1.00 30.06 ? 159  LYS A CG  1 
ATOM   24   C CD  . LYS A 1 8   ? -9.727  -3.745  -9.495  1.00 32.09 ? 159  LYS A CD  1 
ATOM   25   C CE  . LYS A 1 8   ? -10.516 -4.644  -10.436 1.00 32.25 ? 159  LYS A CE  1 
ATOM   26   N NZ  . LYS A 1 8   ? -9.637  -5.554  -11.222 1.00 33.38 ? 159  LYS A NZ  1 
ATOM   27   N N   . ILE A 1 9   ? -9.029  -1.132  -4.972  1.00 23.78 ? 160  ILE A N   1 
ATOM   28   C CA  . ILE A 1 9   ? -8.143  -0.373  -4.101  1.00 20.97 ? 160  ILE A CA  1 
ATOM   29   C C   . ILE A 1 9   ? -6.742  -0.971  -4.178  1.00 19.95 ? 160  ILE A C   1 
ATOM   30   O O   . ILE A 1 9   ? -6.572  -2.176  -4.374  1.00 19.45 ? 160  ILE A O   1 
ATOM   31   C CB  . ILE A 1 9   ? -8.625  -0.374  -2.626  1.00 20.78 ? 160  ILE A CB  1 
ATOM   32   C CG1 . ILE A 1 9   ? -7.861  0.691   -1.830  1.00 18.68 ? 160  ILE A CG1 1 
ATOM   33   C CG2 . ILE A 1 9   ? -8.451  -1.761  -1.998  1.00 18.20 ? 160  ILE A CG2 1 
ATOM   34   C CD1 . ILE A 1 9   ? -8.280  0.789   -0.382  1.00 18.80 ? 160  ILE A CD1 1 
ATOM   35   N N   . VAL A 1 10  ? -5.741  -0.108  -4.084  1.00 18.17 ? 161  VAL A N   1 
ATOM   36   C CA  . VAL A 1 10  ? -4.360  -0.545  -4.117  1.00 18.28 ? 161  VAL A CA  1 
ATOM   37   C C   . VAL A 1 10  ? -3.724  -0.184  -2.778  1.00 17.17 ? 161  VAL A C   1 
ATOM   38   O O   . VAL A 1 10  ? -3.765  0.964   -2.350  1.00 19.34 ? 161  VAL A O   1 
ATOM   39   C CB  . VAL A 1 10  ? -3.578  0.129   -5.266  1.00 17.69 ? 161  VAL A CB  1 
ATOM   40   C CG1 . VAL A 1 10  ? -2.135  -0.373  -5.285  1.00 16.96 ? 161  VAL A CG1 1 
ATOM   41   C CG2 . VAL A 1 10  ? -4.256  -0.154  -6.602  1.00 17.62 ? 161  VAL A CG2 1 
ATOM   42   N N   . VAL A 1 11  ? -3.209  -1.190  -2.088  1.00 15.99 ? 162  VAL A N   1 
ATOM   43   C CA  . VAL A 1 11  ? -2.557  -0.981  -0.809  1.00 15.60 ? 162  VAL A CA  1 
ATOM   44   C C   . VAL A 1 11  ? -1.105  -1.401  -1.002  1.00 16.33 ? 162  VAL A C   1 
ATOM   45   O O   . VAL A 1 11  ? -0.823  -2.539  -1.381  1.00 15.72 ? 162  VAL A O   1 
ATOM   46   C CB  . VAL A 1 11  ? -3.216  -1.817  0.307   1.00 15.10 ? 162  VAL A CB  1 
ATOM   47   C CG1 . VAL A 1 11  ? -2.484  -1.607  1.625   1.00 15.16 ? 162  VAL A CG1 1 
ATOM   48   C CG2 . VAL A 1 11  ? -4.688  -1.439  0.451   1.00 15.44 ? 162  VAL A CG2 1 
ATOM   49   N N   . ILE A 1 12  ? -0.202  -0.450  -0.786  1.00 16.32 ? 163  ILE A N   1 
ATOM   50   C CA  . ILE A 1 12  ? 1.228   -0.667  -0.950  1.00 16.00 ? 163  ILE A CA  1 
ATOM   51   C C   . ILE A 1 12  ? 1.944   -0.653  0.387   1.00 17.94 ? 163  ILE A C   1 
ATOM   52   O O   . ILE A 1 12  ? 1.708   0.229   1.216   1.00 18.33 ? 163  ILE A O   1 
ATOM   53   C CB  . ILE A 1 12  ? 1.863   0.446   -1.817  1.00 16.39 ? 163  ILE A CB  1 
ATOM   54   C CG1 . ILE A 1 12  ? 1.096   0.600   -3.135  1.00 15.79 ? 163  ILE A CG1 1 
ATOM   55   C CG2 . ILE A 1 12  ? 3.336   0.140   -2.061  1.00 17.27 ? 163  ILE A CG2 1 
ATOM   56   C CD1 . ILE A 1 12  ? 1.730   1.577   -4.122  1.00 14.19 ? 163  ILE A CD1 1 
ATOM   57   N N   . GLY A 1 13  ? 2.824   -1.631  0.577   1.00 16.72 ? 164  GLY A N   1 
ATOM   58   C CA  . GLY A 1 13  ? 3.603   -1.733  1.797   1.00 16.75 ? 164  GLY A CA  1 
ATOM   59   C C   . GLY A 1 13  ? 5.072   -1.641  1.433   1.00 17.70 ? 164  GLY A C   1 
ATOM   60   O O   . GLY A 1 13  ? 5.529   -2.311  0.509   1.00 17.66 ? 164  GLY A O   1 
ATOM   61   N N   . SER A 1 14  ? 5.816   -0.819  2.163   1.00 16.84 ? 165  SER A N   1 
ATOM   62   C CA  . SER A 1 14  ? 7.232   -0.628  1.883   1.00 16.70 ? 165  SER A CA  1 
ATOM   63   C C   . SER A 1 14  ? 8.029   -0.232  3.119   1.00 18.17 ? 165  SER A C   1 
ATOM   64   O O   . SER A 1 14  ? 7.479   0.283   4.093   1.00 18.42 ? 165  SER A O   1 
ATOM   65   C CB  . SER A 1 14  ? 7.398   0.449   0.811   1.00 15.07 ? 165  SER A CB  1 
ATOM   66   O OG  . SER A 1 14  ? 6.687   1.628   1.169   1.00 10.63 ? 165  SER A OG  1 
ATOM   67   N N   . SER A 1 15  ? 9.338   -0.459  3.059   1.00 17.91 ? 166  SER A N   1 
ATOM   68   C CA  . SER A 1 15  ? 10.221  -0.107  4.151   1.00 17.67 ? 166  SER A CA  1 
ATOM   69   C C   . SER A 1 15  ? 11.553  0.431   3.614   1.00 18.06 ? 166  SER A C   1 
ATOM   70   O O   . SER A 1 15  ? 11.584  1.501   3.017   1.00 19.17 ? 166  SER A O   1 
ATOM   71   C CB  . SER A 1 15  ? 10.436  -1.303  5.079   1.00 18.43 ? 166  SER A CB  1 
ATOM   72   O OG  . SER A 1 15  ? 11.001  -0.879  6.306   1.00 20.33 ? 166  SER A OG  1 
ATOM   73   N N   . THR A 1 16  ? 12.644  -0.306  3.823   1.00 16.96 ? 167  THR A N   1 
ATOM   74   C CA  . THR A 1 16  ? 13.970  0.111   3.369   1.00 16.87 ? 167  THR A CA  1 
ATOM   75   C C   . THR A 1 16  ? 13.993  0.330   1.855   1.00 17.65 ? 167  THR A C   1 
ATOM   76   O O   . THR A 1 16  ? 13.647  -0.562  1.082   1.00 18.82 ? 167  THR A O   1 
ATOM   77   C CB  . THR A 1 16  ? 15.036  -0.930  3.760   1.00 17.73 ? 167  THR A CB  1 
ATOM   78   O OG1 . THR A 1 16  ? 14.905  -1.245  5.151   1.00 23.07 ? 167  THR A OG1 1 
ATOM   79   C CG2 . THR A 1 16  ? 16.428  -0.385  3.510   1.00 16.16 ? 167  THR A CG2 1 
ATOM   80   N N   . GLY A 1 17  ? 14.389  1.529   1.441   1.00 17.85 ? 168  GLY A N   1 
ATOM   81   C CA  . GLY A 1 17  ? 14.422  1.849   0.021   1.00 18.76 ? 168  GLY A CA  1 
ATOM   82   C C   . GLY A 1 17  ? 13.034  2.094   -0.557  1.00 19.35 ? 168  GLY A C   1 
ATOM   83   O O   . GLY A 1 17  ? 12.881  2.274   -1.773  1.00 19.14 ? 168  GLY A O   1 
ATOM   84   N N   . GLY A 1 18  ? 12.026  2.130   0.318   1.00 17.77 ? 169  GLY A N   1 
ATOM   85   C CA  . GLY A 1 18  ? 10.653  2.353   -0.111  1.00 17.80 ? 169  GLY A CA  1 
ATOM   86   C C   . GLY A 1 18  ? 10.468  3.553   -1.023  1.00 18.04 ? 169  GLY A C   1 
ATOM   87   O O   . GLY A 1 18  ? 9.946   3.406   -2.130  1.00 19.06 ? 169  GLY A O   1 
ATOM   88   N N   . PRO A 1 19  ? 10.875  4.759   -0.585  1.00 18.69 ? 170  PRO A N   1 
ATOM   89   C CA  . PRO A 1 19  ? 10.749  5.988   -1.380  1.00 18.84 ? 170  PRO A CA  1 
ATOM   90   C C   . PRO A 1 19  ? 11.378  5.897   -2.774  1.00 19.23 ? 170  PRO A C   1 
ATOM   91   O O   . PRO A 1 19  ? 10.823  6.416   -3.742  1.00 19.36 ? 170  PRO A O   1 
ATOM   92   C CB  . PRO A 1 19  ? 11.448  7.020   -0.503  1.00 19.32 ? 170  PRO A CB  1 
ATOM   93   C CG  . PRO A 1 19  ? 11.078  6.553   0.880   1.00 20.48 ? 170  PRO A CG  1 
ATOM   94   C CD  . PRO A 1 19  ? 11.319  5.070   0.787   1.00 18.38 ? 170  PRO A CD  1 
ATOM   95   N N   . ARG A 1 20  ? 12.529  5.234   -2.870  1.00 19.54 ? 171  ARG A N   1 
ATOM   96   C CA  . ARG A 1 20  ? 13.216  5.070   -4.144  1.00 19.92 ? 171  ARG A CA  1 
ATOM   97   C C   . ARG A 1 20  ? 12.369  4.258   -5.138  1.00 19.87 ? 171  ARG A C   1 
ATOM   98   O O   . ARG A 1 20  ? 12.306  4.588   -6.322  1.00 19.08 ? 171  ARG A O   1 
ATOM   99   C CB  . ARG A 1 20  ? 14.578  4.393   -3.936  1.00 23.29 ? 171  ARG A CB  1 
ATOM   100  C CG  . ARG A 1 20  ? 15.470  4.435   -5.172  1.00 26.93 ? 171  ARG A CG  1 
ATOM   101  C CD  . ARG A 1 20  ? 16.780  3.685   -4.980  1.00 29.95 ? 171  ARG A CD  1 
ATOM   102  N NE  . ARG A 1 20  ? 16.586  2.239   -5.010  1.00 36.35 ? 171  ARG A NE  1 
ATOM   103  C CZ  . ARG A 1 20  ? 17.287  1.391   -5.759  1.00 35.28 ? 171  ARG A CZ  1 
ATOM   104  N NH1 . ARG A 1 20  ? 18.248  1.827   -6.561  1.00 35.78 ? 171  ARG A NH1 1 
ATOM   105  N NH2 . ARG A 1 20  ? 17.029  0.094   -5.696  1.00 37.19 ? 171  ARG A NH2 1 
ATOM   106  N N   . SER A 1 21  ? 11.729  3.191   -4.665  1.00 18.75 ? 172  SER A N   1 
ATOM   107  C CA  . SER A 1 21  ? 10.899  2.371   -5.547  1.00 19.17 ? 172  SER A CA  1 
ATOM   108  C C   . SER A 1 21  ? 9.570   3.040   -5.863  1.00 17.17 ? 172  SER A C   1 
ATOM   109  O O   . SER A 1 21  ? 9.056   2.913   -6.975  1.00 17.04 ? 172  SER A O   1 
ATOM   110  C CB  . SER A 1 21  ? 10.673  0.986   -4.959  1.00 16.71 ? 172  SER A CB  1 
ATOM   111  O OG  . SER A 1 21  ? 11.872  0.242   -5.027  1.00 18.93 ? 172  SER A OG  1 
ATOM   112  N N   . LEU A 1 22  ? 9.034   3.772   -4.892  1.00 16.83 ? 173  LEU A N   1 
ATOM   113  C CA  . LEU A 1 22  ? 7.776   4.490   -5.077  1.00 17.74 ? 173  LEU A CA  1 
ATOM   114  C C   . LEU A 1 22  ? 7.937   5.575   -6.145  1.00 18.60 ? 173  LEU A C   1 
ATOM   115  O O   . LEU A 1 22  ? 6.982   5.900   -6.850  1.00 17.08 ? 173  LEU A O   1 
ATOM   116  C CB  . LEU A 1 22  ? 7.304   5.096   -3.754  1.00 16.87 ? 173  LEU A CB  1 
ATOM   117  C CG  . LEU A 1 22  ? 6.717   4.098   -2.750  1.00 17.94 ? 173  LEU A CG  1 
ATOM   118  C CD1 . LEU A 1 22  ? 6.647   4.716   -1.363  1.00 18.58 ? 173  LEU A CD1 1 
ATOM   119  C CD2 . LEU A 1 22  ? 5.340   3.663   -3.213  1.00 15.85 ? 173  LEU A CD2 1 
ATOM   120  N N   . ASP A 1 23  ? 9.157   6.099   -6.279  1.00 20.60 ? 174  ASP A N   1 
ATOM   121  C CA  . ASP A 1 23  ? 9.465   7.125   -7.281  1.00 22.83 ? 174  ASP A CA  1 
ATOM   122  C C   . ASP A 1 23  ? 9.301   6.570   -8.686  1.00 23.12 ? 174  ASP A C   1 
ATOM   123  O O   . ASP A 1 23  ? 9.086   7.328   -9.627  1.00 23.52 ? 174  ASP A O   1 
ATOM   124  C CB  . ASP A 1 23  ? 10.907  7.630   -7.139  1.00 25.27 ? 174  ASP A CB  1 
ATOM   125  C CG  . ASP A 1 23  ? 11.094  8.575   -5.971  1.00 26.49 ? 174  ASP A CG  1 
ATOM   126  O OD1 . ASP A 1 23  ? 10.094  9.078   -5.416  1.00 26.84 ? 174  ASP A OD1 1 
ATOM   127  O OD2 . ASP A 1 23  ? 12.264  8.815   -5.610  1.00 27.93 ? 174  ASP A OD2 1 
ATOM   128  N N   . MET A 1 24  ? 9.469   5.256   -8.827  1.00 22.96 ? 175  MET A N   1 
ATOM   129  C CA  . MET A 1 24  ? 9.328   4.582   -10.116 1.00 23.99 ? 175  MET A CA  1 
ATOM   130  C C   . MET A 1 24  ? 7.881   4.146   -10.352 1.00 22.81 ? 175  MET A C   1 
ATOM   131  O O   . MET A 1 24  ? 7.534   3.704   -11.448 1.00 24.70 ? 175  MET A O   1 
ATOM   132  C CB  . MET A 1 24  ? 10.218  3.336   -10.168 1.00 24.41 ? 175  MET A CB  1 
ATOM   133  C CG  . MET A 1 24  ? 11.713  3.579   -10.069 1.00 27.78 ? 175  MET A CG  1 
ATOM   134  S SD  . MET A 1 24  ? 12.658  2.027   -10.269 1.00 33.05 ? 175  MET A SD  1 
ATOM   135  C CE  . MET A 1 24  ? 13.306  1.814   -8.613  1.00 30.70 ? 175  MET A CE  1 
ATOM   136  N N   . ILE A 1 25  ? 7.037   4.283   -9.331  1.00 22.31 ? 176  ILE A N   1 
ATOM   137  C CA  . ILE A 1 25  ? 5.640   3.856   -9.424  1.00 20.47 ? 176  ILE A CA  1 
ATOM   138  C C   . ILE A 1 25  ? 4.603   4.977   -9.460  1.00 20.49 ? 176  ILE A C   1 
ATOM   139  O O   . ILE A 1 25  ? 3.939   5.187   -10.474 1.00 22.36 ? 176  ILE A O   1 
ATOM   140  C CB  . ILE A 1 25  ? 5.274   2.902   -8.256  1.00 17.11 ? 176  ILE A CB  1 
ATOM   141  C CG1 . ILE A 1 25  ? 6.258   1.733   -8.194  1.00 15.07 ? 176  ILE A CG1 1 
ATOM   142  C CG2 . ILE A 1 25  ? 3.851   2.375   -8.423  1.00 15.98 ? 176  ILE A CG2 1 
ATOM   143  C CD1 . ILE A 1 25  ? 6.033   0.819   -7.008  1.00 14.09 ? 176  ILE A CD1 1 
ATOM   144  N N   . ILE A 1 26  ? 4.451   5.665   -8.333  1.00 21.32 ? 177  ILE A N   1 
ATOM   145  C CA  . ILE A 1 26  ? 3.476   6.742   -8.188  1.00 21.57 ? 177  ILE A CA  1 
ATOM   146  C C   . ILE A 1 26  ? 3.505   7.837   -9.264  1.00 23.01 ? 177  ILE A C   1 
ATOM   147  O O   . ILE A 1 26  ? 2.457   8.200   -9.799  1.00 22.70 ? 177  ILE A O   1 
ATOM   148  C CB  . ILE A 1 26  ? 3.556   7.363   -6.771  1.00 19.91 ? 177  ILE A CB  1 
ATOM   149  C CG1 . ILE A 1 26  ? 3.404   6.257   -5.721  1.00 18.87 ? 177  ILE A CG1 1 
ATOM   150  C CG2 . ILE A 1 26  ? 2.477   8.438   -6.579  1.00 19.80 ? 177  ILE A CG2 1 
ATOM   151  C CD1 . ILE A 1 26  ? 2.135   5.422   -5.864  1.00 16.42 ? 177  ILE A CD1 1 
ATOM   152  N N   . PRO A 1 27  ? 4.696   8.375   -9.593  1.00 23.96 ? 178  PRO A N   1 
ATOM   153  C CA  . PRO A 1 27  ? 4.788   9.424   -10.616 1.00 26.34 ? 178  PRO A CA  1 
ATOM   154  C C   . PRO A 1 27  ? 4.361   8.969   -12.011 1.00 28.11 ? 178  PRO A C   1 
ATOM   155  O O   . PRO A 1 27  ? 4.064   9.798   -12.866 1.00 30.28 ? 178  PRO A O   1 
ATOM   156  C CB  . PRO A 1 27  ? 6.276   9.792   -10.595 1.00 25.99 ? 178  PRO A CB  1 
ATOM   157  C CG  . PRO A 1 27  ? 6.681   9.497   -9.179  1.00 25.82 ? 178  PRO A CG  1 
ATOM   158  C CD  . PRO A 1 27  ? 6.007   8.170   -8.950  1.00 24.58 ? 178  PRO A CD  1 
ATOM   159  N N   . ASN A 1 28  ? 4.318   7.654   -12.232 1.00 29.40 ? 179  ASN A N   1 
ATOM   160  C CA  . ASN A 1 28  ? 3.951   7.100   -13.532 1.00 29.06 ? 179  ASN A CA  1 
ATOM   161  C C   . ASN A 1 28  ? 2.505   6.612   -13.652 1.00 29.51 ? 179  ASN A C   1 
ATOM   162  O O   . ASN A 1 28  ? 2.194   5.748   -14.476 1.00 29.58 ? 179  ASN A O   1 
ATOM   163  C CB  . ASN A 1 28  ? 4.933   5.992   -13.921 1.00 29.42 ? 179  ASN A CB  1 
ATOM   164  C CG  . ASN A 1 28  ? 6.384   6.471   -13.929 1.00 29.82 ? 179  ASN A CG  1 
ATOM   165  O OD1 . ASN A 1 28  ? 7.280   5.785   -13.433 1.00 29.78 ? 179  ASN A OD1 1 
ATOM   166  N ND2 . ASN A 1 28  ? 6.616   7.660   -14.478 1.00 28.45 ? 179  ASN A ND2 1 
ATOM   167  N N   . LEU A 1 29  ? 1.629   7.151   -12.811 1.00 29.22 ? 180  LEU A N   1 
ATOM   168  C CA  . LEU A 1 29  ? 0.213   6.799   -12.843 1.00 28.59 ? 180  LEU A CA  1 
ATOM   169  C C   . LEU A 1 29  ? -0.571  8.038   -13.271 1.00 29.18 ? 180  LEU A C   1 
ATOM   170  O O   . LEU A 1 29  ? -0.251  9.156   -12.864 1.00 29.66 ? 180  LEU A O   1 
ATOM   171  C CB  . LEU A 1 29  ? -0.259  6.292   -11.479 1.00 24.84 ? 180  LEU A CB  1 
ATOM   172  C CG  . LEU A 1 29  ? 0.299   4.926   -11.060 1.00 23.82 ? 180  LEU A CG  1 
ATOM   173  C CD1 . LEU A 1 29  ? -0.156  4.584   -9.653  1.00 21.52 ? 180  LEU A CD1 1 
ATOM   174  C CD2 . LEU A 1 29  ? -0.156  3.853   -12.037 1.00 22.73 ? 180  LEU A CD2 1 
ATOM   175  N N   . PRO A 1 30  ? -1.608  7.854   -14.101 1.00 29.40 ? 181  PRO A N   1 
ATOM   176  C CA  . PRO A 1 30  ? -2.428  8.969   -14.584 1.00 30.19 ? 181  PRO A CA  1 
ATOM   177  C C   . PRO A 1 30  ? -3.256  9.639   -13.495 1.00 31.14 ? 181  PRO A C   1 
ATOM   178  O O   . PRO A 1 30  ? -3.624  9.008   -12.506 1.00 31.16 ? 181  PRO A O   1 
ATOM   179  C CB  . PRO A 1 30  ? -3.317  8.298   -15.632 1.00 31.83 ? 181  PRO A CB  1 
ATOM   180  C CG  . PRO A 1 30  ? -3.524  6.923   -15.049 1.00 29.81 ? 181  PRO A CG  1 
ATOM   181  C CD  . PRO A 1 30  ? -2.131  6.563   -14.587 1.00 30.31 ? 181  PRO A CD  1 
ATOM   182  N N   . LYS A 1 31  ? -3.546  10.922  -13.697 1.00 31.75 ? 182  LYS A N   1 
ATOM   183  C CA  . LYS A 1 31  ? -4.341  11.703  -12.760 1.00 33.72 ? 182  LYS A CA  1 
ATOM   184  C C   . LYS A 1 31  ? -5.722  11.075  -12.550 1.00 33.27 ? 182  LYS A C   1 
ATOM   185  O O   . LYS A 1 31  ? -6.275  11.134  -11.452 1.00 34.74 ? 182  LYS A O   1 
ATOM   186  C CB  . LYS A 1 31  ? -4.489  13.138  -13.277 1.00 36.89 ? 182  LYS A CB  1 
ATOM   187  C CG  . LYS A 1 31  ? -5.279  14.064  -12.370 1.00 40.64 ? 182  LYS A CG  1 
ATOM   188  C CD  . LYS A 1 31  ? -5.396  15.456  -12.968 1.00 44.34 ? 182  LYS A CD  1 
ATOM   189  C CE  . LYS A 1 31  ? -6.196  16.376  -12.054 1.00 47.60 ? 182  LYS A CE  1 
ATOM   190  N NZ  . LYS A 1 31  ? -6.372  17.736  -12.643 1.00 49.36 ? 182  LYS A NZ  1 
ATOM   191  N N   . ASN A 1 32  ? -6.253  10.447  -13.595 1.00 32.48 ? 183  ASN A N   1 
ATOM   192  C CA  . ASN A 1 32  ? -7.568  9.811   -13.528 1.00 32.51 ? 183  ASN A CA  1 
ATOM   193  C C   . ASN A 1 32  ? -7.567  8.328   -13.116 1.00 31.37 ? 183  ASN A C   1 
ATOM   194  O O   . ASN A 1 32  ? -8.518  7.604   -13.423 1.00 30.52 ? 183  ASN A O   1 
ATOM   195  C CB  . ASN A 1 32  ? -8.309  9.985   -14.864 1.00 34.40 ? 183  ASN A CB  1 
ATOM   196  C CG  . ASN A 1 32  ? -7.665  9.202   -16.004 1.00 37.64 ? 183  ASN A CG  1 
ATOM   197  O OD1 . ASN A 1 32  ? -6.618  8.568   -15.835 1.00 38.04 ? 183  ASN A OD1 1 
ATOM   198  N ND2 . ASN A 1 32  ? -8.298  9.241   -17.173 1.00 39.36 ? 183  ASN A ND2 1 
ATOM   199  N N   . PHE A 1 33  ? -6.496  7.870   -12.462 1.00 30.30 ? 184  PHE A N   1 
ATOM   200  C CA  . PHE A 1 33  ? -6.407  6.482   -12.002 1.00 28.83 ? 184  PHE A CA  1 
ATOM   201  C C   . PHE A 1 33  ? -7.661  6.253   -11.151 1.00 28.49 ? 184  PHE A C   1 
ATOM   202  O O   . PHE A 1 33  ? -7.847  6.903   -10.125 1.00 29.79 ? 184  PHE A O   1 
ATOM   203  C CB  . PHE A 1 33  ? -5.137  6.278   -11.170 1.00 27.14 ? 184  PHE A CB  1 
ATOM   204  C CG  . PHE A 1 33  ? -4.824  4.838   -10.883 1.00 26.59 ? 184  PHE A CG  1 
ATOM   205  C CD1 . PHE A 1 33  ? -4.388  3.994   -11.895 1.00 26.14 ? 184  PHE A CD1 1 
ATOM   206  C CD2 . PHE A 1 33  ? -4.968  4.327   -9.599  1.00 26.77 ? 184  PHE A CD2 1 
ATOM   207  C CE1 . PHE A 1 33  ? -4.098  2.660   -11.636 1.00 26.00 ? 184  PHE A CE1 1 
ATOM   208  C CE2 . PHE A 1 33  ? -4.679  2.995   -9.329  1.00 26.79 ? 184  PHE A CE2 1 
ATOM   209  C CZ  . PHE A 1 33  ? -4.244  2.159   -10.351 1.00 26.24 ? 184  PHE A CZ  1 
ATOM   210  N N   . PRO A 1 34  ? -8.540  5.333   -11.583 1.00 28.91 ? 185  PRO A N   1 
ATOM   211  C CA  . PRO A 1 34  ? -9.816  4.954   -10.960 1.00 28.97 ? 185  PRO A CA  1 
ATOM   212  C C   . PRO A 1 34  ? -9.851  4.300   -9.576  1.00 28.27 ? 185  PRO A C   1 
ATOM   213  O O   . PRO A 1 34  ? -10.934 4.107   -9.017  1.00 28.52 ? 185  PRO A O   1 
ATOM   214  C CB  . PRO A 1 34  ? -10.441 4.048   -12.014 1.00 29.40 ? 185  PRO A CB  1 
ATOM   215  C CG  . PRO A 1 34  ? -9.254  3.337   -12.562 1.00 31.36 ? 185  PRO A CG  1 
ATOM   216  C CD  . PRO A 1 34  ? -8.257  4.465   -12.743 1.00 31.13 ? 185  PRO A CD  1 
ATOM   217  N N   . ALA A 1 35  ? -8.696  3.948   -9.023  1.00 26.28 ? 186  ALA A N   1 
ATOM   218  C CA  . ALA A 1 35  ? -8.680  3.318   -7.708  1.00 24.53 ? 186  ALA A CA  1 
ATOM   219  C C   . ALA A 1 35  ? -7.849  4.102   -6.718  1.00 22.91 ? 186  ALA A C   1 
ATOM   220  O O   . ALA A 1 35  ? -6.769  4.580   -7.051  1.00 23.77 ? 186  ALA A O   1 
ATOM   221  C CB  . ALA A 1 35  ? -8.149  1.891   -7.811  1.00 24.17 ? 186  ALA A CB  1 
ATOM   222  N N   . PRO A 1 36  ? -8.361  4.290   -5.493  1.00 21.78 ? 187  PRO A N   1 
ATOM   223  C CA  . PRO A 1 36  ? -7.580  5.033   -4.500  1.00 21.30 ? 187  PRO A CA  1 
ATOM   224  C C   . PRO A 1 36  ? -6.345  4.205   -4.139  1.00 20.42 ? 187  PRO A C   1 
ATOM   225  O O   . PRO A 1 36  ? -6.378  2.975   -4.216  1.00 19.56 ? 187  PRO A O   1 
ATOM   226  C CB  . PRO A 1 36  ? -8.547  5.150   -3.323  1.00 20.60 ? 187  PRO A CB  1 
ATOM   227  C CG  . PRO A 1 36  ? -9.443  3.957   -3.483  1.00 22.71 ? 187  PRO A CG  1 
ATOM   228  C CD  . PRO A 1 36  ? -9.680  3.911   -4.959  1.00 21.97 ? 187  PRO A CD  1 
ATOM   229  N N   . ILE A 1 37  ? -5.244  4.874   -3.822  1.00 19.56 ? 188  ILE A N   1 
ATOM   230  C CA  . ILE A 1 37  ? -4.016  4.172   -3.456  1.00 19.75 ? 188  ILE A CA  1 
ATOM   231  C C   . ILE A 1 37  ? -3.628  4.513   -2.022  1.00 19.27 ? 188  ILE A C   1 
ATOM   232  O O   . ILE A 1 37  ? -3.674  5.676   -1.619  1.00 19.70 ? 188  ILE A O   1 
ATOM   233  C CB  . ILE A 1 37  ? -2.849  4.534   -4.403  1.00 18.09 ? 188  ILE A CB  1 
ATOM   234  C CG1 . ILE A 1 37  ? -3.214  4.175   -5.845  1.00 18.79 ? 188  ILE A CG1 1 
ATOM   235  C CG2 . ILE A 1 37  ? -1.574  3.810   -3.981  1.00 18.32 ? 188  ILE A CG2 1 
ATOM   236  C CD1 . ILE A 1 37  ? -2.172  4.562   -6.857  1.00 14.51 ? 188  ILE A CD1 1 
ATOM   237  N N   . VAL A 1 38  ? -3.297  3.486   -1.247  1.00 18.06 ? 189  VAL A N   1 
ATOM   238  C CA  . VAL A 1 38  ? -2.890  3.660   0.144   1.00 16.66 ? 189  VAL A CA  1 
ATOM   239  C C   . VAL A 1 38  ? -1.461  3.147   0.298   1.00 16.62 ? 189  VAL A C   1 
ATOM   240  O O   . VAL A 1 38  ? -1.143  2.029   -0.117  1.00 17.33 ? 189  VAL A O   1 
ATOM   241  C CB  . VAL A 1 38  ? -3.820  2.882   1.107   1.00 17.88 ? 189  VAL A CB  1 
ATOM   242  C CG1 . VAL A 1 38  ? -3.381  3.088   2.545   1.00 18.39 ? 189  VAL A CG1 1 
ATOM   243  C CG2 . VAL A 1 38  ? -5.268  3.330   0.921   1.00 19.28 ? 189  VAL A CG2 1 
ATOM   244  N N   . VAL A 1 39  ? -0.594  3.972   0.867   1.00 15.21 ? 190  VAL A N   1 
ATOM   245  C CA  . VAL A 1 39  ? 0.794   3.582   1.055   1.00 16.12 ? 190  VAL A CA  1 
ATOM   246  C C   . VAL A 1 39  ? 1.179   3.554   2.527   1.00 15.58 ? 190  VAL A C   1 
ATOM   247  O O   . VAL A 1 39  ? 1.011   4.543   3.233   1.00 17.18 ? 190  VAL A O   1 
ATOM   248  C CB  . VAL A 1 39  ? 1.759   4.550   0.316   1.00 17.24 ? 190  VAL A CB  1 
ATOM   249  C CG1 . VAL A 1 39  ? 3.210   4.172   0.596   1.00 16.33 ? 190  VAL A CG1 1 
ATOM   250  C CG2 . VAL A 1 39  ? 1.486   4.531   -1.182  1.00 14.96 ? 190  VAL A CG2 1 
ATOM   251  N N   . VAL A 1 40  ? 1.666   2.404   2.985   1.00 14.59 ? 191  VAL A N   1 
ATOM   252  C CA  . VAL A 1 40  ? 2.126   2.241   4.356   1.00 13.92 ? 191  VAL A CA  1 
ATOM   253  C C   . VAL A 1 40  ? 3.639   2.037   4.276   1.00 15.58 ? 191  VAL A C   1 
ATOM   254  O O   . VAL A 1 40  ? 4.121   0.956   3.938   1.00 15.21 ? 191  VAL A O   1 
ATOM   255  C CB  . VAL A 1 40  ? 1.479   1.022   5.060   1.00 14.39 ? 191  VAL A CB  1 
ATOM   256  C CG1 . VAL A 1 40  ? 2.003   0.904   6.477   1.00 13.78 ? 191  VAL A CG1 1 
ATOM   257  C CG2 . VAL A 1 40  ? -0.046  1.155   5.081   1.00 14.24 ? 191  VAL A CG2 1 
ATOM   258  N N   . GLN A 1 41  ? 4.374   3.105   4.548   1.00 16.30 ? 192  GLN A N   1 
ATOM   259  C CA  . GLN A 1 41  ? 5.830   3.099   4.519   1.00 17.19 ? 192  GLN A CA  1 
ATOM   260  C C   . GLN A 1 41  ? 6.358   3.158   5.947   1.00 18.37 ? 192  GLN A C   1 
ATOM   261  O O   . GLN A 1 41  ? 6.002   4.067   6.699   1.00 19.34 ? 192  GLN A O   1 
ATOM   262  C CB  . GLN A 1 41  ? 6.319   4.321   3.718   1.00 16.52 ? 192  GLN A CB  1 
ATOM   263  C CG  . GLN A 1 41  ? 7.799   4.702   3.886   1.00 16.26 ? 192  GLN A CG  1 
ATOM   264  C CD  . GLN A 1 41  ? 8.757   3.715   3.254   1.00 16.71 ? 192  GLN A CD  1 
ATOM   265  O OE1 . GLN A 1 41  ? 8.562   3.280   2.126   1.00 20.43 ? 192  GLN A OE1 1 
ATOM   266  N NE2 . GLN A 1 41  ? 9.822   3.388   3.968   1.00 15.17 ? 192  GLN A NE2 1 
ATOM   267  N N   . HIS A 1 42  ? 7.188   2.183   6.318   1.00 19.96 ? 193  HIS A N   1 
ATOM   268  C CA  . HIS A 1 42  ? 7.793   2.136   7.655   1.00 22.88 ? 193  HIS A CA  1 
ATOM   269  C C   . HIS A 1 42  ? 8.732   3.327   7.781   1.00 24.68 ? 193  HIS A C   1 
ATOM   270  O O   . HIS A 1 42  ? 9.597   3.537   6.931   1.00 24.31 ? 193  HIS A O   1 
ATOM   271  C CB  . HIS A 1 42  ? 8.618   0.861   7.861   1.00 21.39 ? 193  HIS A CB  1 
ATOM   272  C CG  . HIS A 1 42  ? 7.827   -0.406  7.774   1.00 20.84 ? 193  HIS A CG  1 
ATOM   273  N ND1 . HIS A 1 42  ? 8.394   -1.646  7.969   1.00 22.94 ? 193  HIS A ND1 1 
ATOM   274  C CD2 . HIS A 1 42  ? 6.521   -0.627  7.505   1.00 20.78 ? 193  HIS A CD2 1 
ATOM   275  C CE1 . HIS A 1 42  ? 7.471   -2.577  7.822   1.00 22.29 ? 193  HIS A CE1 1 
ATOM   276  N NE2 . HIS A 1 42  ? 6.326   -1.988  7.540   1.00 22.60 ? 193  HIS A NE2 1 
ATOM   277  N N   . MET A 1 43  ? 8.565   4.100   8.842   1.00 28.31 ? 194  MET A N   1 
ATOM   278  C CA  . MET A 1 43  ? 9.401   5.272   9.047   1.00 31.92 ? 194  MET A CA  1 
ATOM   279  C C   . MET A 1 43  ? 9.150   5.834   10.438  1.00 32.99 ? 194  MET A C   1 
ATOM   280  O O   . MET A 1 43  ? 8.035   5.739   10.958  1.00 34.94 ? 194  MET A O   1 
ATOM   281  C CB  . MET A 1 43  ? 9.069   6.327   7.986   1.00 34.30 ? 194  MET A CB  1 
ATOM   282  C CG  . MET A 1 43  ? 10.290  7.024   7.406   1.00 40.65 ? 194  MET A CG  1 
ATOM   283  S SD  . MET A 1 43  ? 10.123  7.378   5.648   1.00 47.61 ? 194  MET A SD  1 
ATOM   284  C CE  . MET A 1 43  ? 8.485   8.180   5.625   1.00 43.47 ? 194  MET A CE  1 
ATOM   285  N N   . PRO A 1 44  ? 10.195  6.393   11.079  1.00 33.14 ? 195  PRO A N   1 
ATOM   286  C CA  . PRO A 1 44  ? 10.046  6.966   12.420  1.00 32.61 ? 195  PRO A CA  1 
ATOM   287  C C   . PRO A 1 44  ? 8.951   8.031   12.401  1.00 32.30 ? 195  PRO A C   1 
ATOM   288  O O   . PRO A 1 44  ? 8.663   8.618   11.352  1.00 29.30 ? 195  PRO A O   1 
ATOM   289  C CB  . PRO A 1 44  ? 11.417  7.594   12.669  1.00 32.51 ? 195  PRO A CB  1 
ATOM   290  C CG  . PRO A 1 44  ? 12.334  6.685   11.925  1.00 33.35 ? 195  PRO A CG  1 
ATOM   291  C CD  . PRO A 1 44  ? 11.594  6.489   10.627  1.00 32.12 ? 195  PRO A CD  1 
ATOM   292  N N   . PRO A 1 45  ? 8.313   8.281   13.556  1.00 33.99 ? 196  PRO A N   1 
ATOM   293  C CA  . PRO A 1 45  ? 7.250   9.290   13.615  1.00 34.11 ? 196  PRO A CA  1 
ATOM   294  C C   . PRO A 1 45  ? 7.725   10.675  13.171  1.00 33.88 ? 196  PRO A C   1 
ATOM   295  O O   . PRO A 1 45  ? 8.822   11.111  13.525  1.00 35.23 ? 196  PRO A O   1 
ATOM   296  C CB  . PRO A 1 45  ? 6.841   9.271   15.092  1.00 35.08 ? 196  PRO A CB  1 
ATOM   297  C CG  . PRO A 1 45  ? 8.086   8.802   15.800  1.00 35.90 ? 196  PRO A CG  1 
ATOM   298  C CD  . PRO A 1 45  ? 8.564   7.700   14.887  1.00 35.02 ? 196  PRO A CD  1 
ATOM   299  N N   . GLY A 1 46  ? 6.915   11.332  12.349  1.00 33.68 ? 197  GLY A N   1 
ATOM   300  C CA  . GLY A 1 46  ? 7.256   12.660  11.871  1.00 33.08 ? 197  GLY A CA  1 
ATOM   301  C C   . GLY A 1 46  ? 7.892   12.735  10.494  1.00 34.36 ? 197  GLY A C   1 
ATOM   302  O O   . GLY A 1 46  ? 8.138   13.833  9.996   1.00 34.98 ? 197  GLY A O   1 
ATOM   303  N N   . PHE A 1 47  ? 8.138   11.592  9.861   1.00 34.51 ? 198  PHE A N   1 
ATOM   304  C CA  . PHE A 1 47  ? 8.765   11.582  8.541   1.00 35.83 ? 198  PHE A CA  1 
ATOM   305  C C   . PHE A 1 47  ? 7.858   11.208  7.378   1.00 37.73 ? 198  PHE A C   1 
ATOM   306  O O   . PHE A 1 47  ? 8.197   11.477  6.225   1.00 38.92 ? 198  PHE A O   1 
ATOM   307  C CB  . PHE A 1 47  ? 9.995   10.675  8.541   1.00 34.23 ? 198  PHE A CB  1 
ATOM   308  C CG  . PHE A 1 47  ? 11.121  11.190  9.379   1.00 32.83 ? 198  PHE A CG  1 
ATOM   309  C CD1 . PHE A 1 47  ? 12.096  12.011  8.823   1.00 33.43 ? 198  PHE A CD1 1 
ATOM   310  C CD2 . PHE A 1 47  ? 11.203  10.864  10.725  1.00 31.98 ? 198  PHE A CD2 1 
ATOM   311  C CE1 . PHE A 1 47  ? 13.140  12.502  9.601   1.00 33.51 ? 198  PHE A CE1 1 
ATOM   312  C CE2 . PHE A 1 47  ? 12.241  11.347  11.514  1.00 33.80 ? 198  PHE A CE2 1 
ATOM   313  C CZ  . PHE A 1 47  ? 13.213  12.169  10.951  1.00 34.43 ? 198  PHE A CZ  1 
ATOM   314  N N   . THR A 1 48  ? 6.719   10.583  7.669   1.00 38.96 ? 199  THR A N   1 
ATOM   315  C CA  . THR A 1 48  ? 5.783   10.178  6.618   1.00 38.67 ? 199  THR A CA  1 
ATOM   316  C C   . THR A 1 48  ? 5.255   11.357  5.786   1.00 39.00 ? 199  THR A C   1 
ATOM   317  O O   . THR A 1 48  ? 4.937   11.195  4.607   1.00 39.22 ? 199  THR A O   1 
ATOM   318  C CB  . THR A 1 48  ? 4.598   9.350   7.186   1.00 38.79 ? 199  THR A CB  1 
ATOM   319  O OG1 . THR A 1 48  ? 3.945   10.085  8.230   1.00 36.73 ? 199  THR A OG1 1 
ATOM   320  C CG2 . THR A 1 48  ? 5.094   8.008   7.733   1.00 36.87 ? 199  THR A CG2 1 
ATOM   321  N N   . LYS A 1 49  ? 5.194   12.536  6.399   1.00 38.63 ? 200  LYS A N   1 
ATOM   322  C CA  . LYS A 1 49  ? 4.726   13.745  5.723   1.00 39.09 ? 200  LYS A CA  1 
ATOM   323  C C   . LYS A 1 49  ? 5.704   14.198  4.630   1.00 38.12 ? 200  LYS A C   1 
ATOM   324  O O   . LYS A 1 49  ? 5.290   14.772  3.616   1.00 37.54 ? 200  LYS A O   1 
ATOM   325  C CB  . LYS A 1 49  ? 4.530   14.868  6.744   1.00 42.52 ? 200  LYS A CB  1 
ATOM   326  C CG  . LYS A 1 49  ? 4.142   16.213  6.147   1.00 46.71 ? 200  LYS A CG  1 
ATOM   327  C CD  . LYS A 1 49  ? 2.648   16.479  6.242   1.00 50.82 ? 200  LYS A CD  1 
ATOM   328  C CE  . LYS A 1 49  ? 2.281   17.774  5.530   1.00 52.93 ? 200  LYS A CE  1 
ATOM   329  N NZ  . LYS A 1 49  ? 3.319   18.832  5.733   1.00 53.89 ? 200  LYS A NZ  1 
ATOM   330  N N   . SER A 1 50  ? 6.997   13.940  4.836   1.00 35.80 ? 201  SER A N   1 
ATOM   331  C CA  . SER A 1 50  ? 8.018   14.322  3.857   1.00 33.71 ? 201  SER A CA  1 
ATOM   332  C C   . SER A 1 50  ? 7.814   13.506  2.588   1.00 30.14 ? 201  SER A C   1 
ATOM   333  O O   . SER A 1 50  ? 7.914   14.027  1.476   1.00 29.53 ? 201  SER A O   1 
ATOM   334  C CB  . SER A 1 50  ? 9.432   14.094  4.412   1.00 34.78 ? 201  SER A CB  1 
ATOM   335  O OG  . SER A 1 50  ? 9.726   12.713  4.564   1.00 35.78 ? 201  SER A OG  1 
ATOM   336  N N   . LEU A 1 51  ? 7.497   12.229  2.778   1.00 26.99 ? 202  LEU A N   1 
ATOM   337  C CA  . LEU A 1 51  ? 7.247   11.312  1.679   1.00 23.79 ? 202  LEU A CA  1 
ATOM   338  C C   . LEU A 1 51  ? 6.071   11.792  0.828   1.00 24.09 ? 202  LEU A C   1 
ATOM   339  O O   . LEU A 1 51  ? 6.147   11.776  -0.401  1.00 23.04 ? 202  LEU A O   1 
ATOM   340  C CB  . LEU A 1 51  ? 6.969   9.909   2.216   1.00 22.75 ? 202  LEU A CB  1 
ATOM   341  C CG  . LEU A 1 51  ? 6.711   8.837   1.159   1.00 22.17 ? 202  LEU A CG  1 
ATOM   342  C CD1 . LEU A 1 51  ? 7.867   8.783   0.166   1.00 18.38 ? 202  LEU A CD1 1 
ATOM   343  C CD2 . LEU A 1 51  ? 6.508   7.495   1.839   1.00 23.28 ? 202  LEU A CD2 1 
ATOM   344  N N   . ALA A 1 52  ? 5.002   12.239  1.486   1.00 24.42 ? 203  ALA A N   1 
ATOM   345  C CA  . ALA A 1 52  ? 3.818   12.737  0.784   1.00 24.39 ? 203  ALA A CA  1 
ATOM   346  C C   . ALA A 1 52  ? 4.192   13.895  -0.133  1.00 23.71 ? 203  ALA A C   1 
ATOM   347  O O   . ALA A 1 52  ? 3.846   13.894  -1.313  1.00 24.69 ? 203  ALA A O   1 
ATOM   348  C CB  . ALA A 1 52  ? 2.743   13.173  1.783   1.00 23.19 ? 203  ALA A CB  1 
ATOM   349  N N   . MET A 1 53  ? 4.938   14.856  0.404   1.00 25.41 ? 204  MET A N   1 
ATOM   350  C CA  . MET A 1 53  ? 5.371   16.023  -0.369  1.00 27.49 ? 204  MET A CA  1 
ATOM   351  C C   . MET A 1 53  ? 6.274   15.639  -1.533  1.00 26.12 ? 204  MET A C   1 
ATOM   352  O O   . MET A 1 53  ? 6.121   16.151  -2.643  1.00 27.59 ? 204  MET A O   1 
ATOM   353  C CB  . MET A 1 53  ? 6.093   17.027  0.531   1.00 31.94 ? 204  MET A CB  1 
ATOM   354  C CG  . MET A 1 53  ? 5.184   17.773  1.494   1.00 36.71 ? 204  MET A CG  1 
ATOM   355  S SD  . MET A 1 53  ? 6.097   19.007  2.451   1.00 44.74 ? 204  MET A SD  1 
ATOM   356  C CE  . MET A 1 53  ? 6.574   18.040  3.868   1.00 39.11 ? 204  MET A CE  1 
ATOM   357  N N   . ARG A 1 54  ? 7.216   14.739  -1.265  1.00 25.22 ? 205  ARG A N   1 
ATOM   358  C CA  . ARG A 1 54  ? 8.158   14.247  -2.268  1.00 23.35 ? 205  ARG A CA  1 
ATOM   359  C C   . ARG A 1 54  ? 7.424   13.683  -3.486  1.00 23.44 ? 205  ARG A C   1 
ATOM   360  O O   . ARG A 1 54  ? 7.718   14.057  -4.624  1.00 22.76 ? 205  ARG A O   1 
ATOM   361  C CB  . ARG A 1 54  ? 9.034   13.159  -1.644  1.00 23.69 ? 205  ARG A CB  1 
ATOM   362  C CG  . ARG A 1 54  ? 9.927   12.376  -2.605  1.00 23.52 ? 205  ARG A CG  1 
ATOM   363  C CD  . ARG A 1 54  ? 10.203  10.998  -2.013  1.00 24.02 ? 205  ARG A CD  1 
ATOM   364  N NE  . ARG A 1 54  ? 11.196  10.225  -2.753  1.00 22.69 ? 205  ARG A NE  1 
ATOM   365  C CZ  . ARG A 1 54  ? 12.379  9.875   -2.257  1.00 22.91 ? 205  ARG A CZ  1 
ATOM   366  N NH1 . ARG A 1 54  ? 12.720  10.244  -1.027  1.00 21.24 ? 205  ARG A NH1 1 
ATOM   367  N NH2 . ARG A 1 54  ? 13.186  9.088   -2.954  1.00 21.66 ? 205  ARG A NH2 1 
ATOM   368  N N   . LEU A 1 55  ? 6.465   12.790  -3.238  1.00 22.90 ? 206  LEU A N   1 
ATOM   369  C CA  . LEU A 1 55  ? 5.687   12.164  -4.307  1.00 22.44 ? 206  LEU A CA  1 
ATOM   370  C C   . LEU A 1 55  ? 4.652   13.098  -4.954  1.00 24.10 ? 206  LEU A C   1 
ATOM   371  O O   . LEU A 1 55  ? 4.388   13.005  -6.151  1.00 25.25 ? 206  LEU A O   1 
ATOM   372  C CB  . LEU A 1 55  ? 5.001   10.894  -3.792  1.00 20.85 ? 206  LEU A CB  1 
ATOM   373  C CG  . LEU A 1 55  ? 5.910   9.744   -3.344  1.00 18.17 ? 206  LEU A CG  1 
ATOM   374  C CD1 . LEU A 1 55  ? 5.060   8.631   -2.777  1.00 17.70 ? 206  LEU A CD1 1 
ATOM   375  C CD2 . LEU A 1 55  ? 6.754   9.241   -4.521  1.00 16.34 ? 206  LEU A CD2 1 
ATOM   376  N N   . ASP A 1 56  ? 4.070   13.998  -4.168  1.00 25.39 ? 207  ASP A N   1 
ATOM   377  C CA  . ASP A 1 56  ? 3.083   14.932  -4.698  1.00 27.55 ? 207  ASP A CA  1 
ATOM   378  C C   . ASP A 1 56  ? 3.721   15.859  -5.732  1.00 27.74 ? 207  ASP A C   1 
ATOM   379  O O   . ASP A 1 56  ? 3.101   16.189  -6.741  1.00 27.90 ? 207  ASP A O   1 
ATOM   380  C CB  . ASP A 1 56  ? 2.464   15.760  -3.568  1.00 28.75 ? 207  ASP A CB  1 
ATOM   381  C CG  . ASP A 1 56  ? 1.250   16.554  -4.024  1.00 31.45 ? 207  ASP A CG  1 
ATOM   382  O OD1 . ASP A 1 56  ? 0.245   15.933  -4.425  1.00 32.22 ? 207  ASP A OD1 1 
ATOM   383  O OD2 . ASP A 1 56  ? 1.303   17.803  -3.990  1.00 34.49 ? 207  ASP A OD2 1 
ATOM   384  N N   . SER A 1 57  ? 4.980   16.225  -5.497  1.00 28.66 ? 208  SER A N   1 
ATOM   385  C CA  . SER A 1 57  ? 5.714   17.121  -6.389  1.00 31.56 ? 208  SER A CA  1 
ATOM   386  C C   . SER A 1 57  ? 6.019   16.553  -7.766  1.00 30.09 ? 208  SER A C   1 
ATOM   387  O O   . SER A 1 57  ? 6.142   17.299  -8.733  1.00 31.63 ? 208  SER A O   1 
ATOM   388  C CB  . SER A 1 57  ? 7.027   17.573  -5.736  1.00 32.91 ? 208  SER A CB  1 
ATOM   389  O OG  . SER A 1 57  ? 6.775   18.384  -4.603  1.00 36.98 ? 208  SER A OG  1 
ATOM   390  N N   . THR A 1 58  ? 6.129   15.235  -7.856  1.00 30.19 ? 209  THR A N   1 
ATOM   391  C CA  . THR A 1 58  ? 6.453   14.582  -9.118  1.00 28.47 ? 209  THR A CA  1 
ATOM   392  C C   . THR A 1 58  ? 5.312   13.780  -9.736  1.00 27.70 ? 209  THR A C   1 
ATOM   393  O O   . THR A 1 58  ? 5.491   13.174  -10.794 1.00 26.95 ? 209  THR A O   1 
ATOM   394  C CB  . THR A 1 58  ? 7.653   13.634  -8.933  1.00 29.94 ? 209  THR A CB  1 
ATOM   395  O OG1 . THR A 1 58  ? 7.347   12.689  -7.899  1.00 29.88 ? 209  THR A OG1 1 
ATOM   396  C CG2 . THR A 1 58  ? 8.902   14.414  -8.537  1.00 29.30 ? 209  THR A CG2 1 
ATOM   397  N N   . SER A 1 59  ? 4.138   13.793  -9.105  1.00 26.81 ? 210  SER A N   1 
ATOM   398  C CA  . SER A 1 59  ? 3.000   13.011  -9.607  1.00 27.92 ? 210  SER A CA  1 
ATOM   399  C C   . SER A 1 59  ? 1.782   13.821  -10.053 1.00 29.09 ? 210  SER A C   1 
ATOM   400  O O   . SER A 1 59  ? 1.579   14.958  -9.625  1.00 29.97 ? 210  SER A O   1 
ATOM   401  C CB  . SER A 1 59  ? 2.541   12.010  -8.535  1.00 26.22 ? 210  SER A CB  1 
ATOM   402  O OG  . SER A 1 59  ? 3.628   11.271  -8.007  1.00 25.28 ? 210  SER A OG  1 
ATOM   403  N N   . GLU A 1 60  ? 0.972   13.215  -10.917 1.00 29.94 ? 211  GLU A N   1 
ATOM   404  C CA  . GLU A 1 60  ? -0.254  13.844  -11.391 1.00 31.55 ? 211  GLU A CA  1 
ATOM   405  C C   . GLU A 1 60  ? -1.349  13.603  -10.357 1.00 30.10 ? 211  GLU A C   1 
ATOM   406  O O   . GLU A 1 60  ? -2.253  14.421  -10.195 1.00 30.94 ? 211  GLU A O   1 
ATOM   407  C CB  . GLU A 1 60  ? -0.667  13.293  -12.758 1.00 34.82 ? 211  GLU A CB  1 
ATOM   408  C CG  . GLU A 1 60  ? 0.138   13.871  -13.912 1.00 41.60 ? 211  GLU A CG  1 
ATOM   409  C CD  . GLU A 1 60  ? 0.078   15.395  -13.957 1.00 45.70 ? 211  GLU A CD  1 
ATOM   410  O OE1 . GLU A 1 60  ? -1.007  15.948  -14.250 1.00 47.48 ? 211  GLU A OE1 1 
ATOM   411  O OE2 . GLU A 1 60  ? 1.117   16.043  -13.689 1.00 48.27 ? 211  GLU A OE2 1 
ATOM   412  N N   . LEU A 1 61  ? -1.250  12.474  -9.655  1.00 28.40 ? 212  LEU A N   1 
ATOM   413  C CA  . LEU A 1 61  ? -2.200  12.123  -8.602  1.00 26.06 ? 212  LEU A CA  1 
ATOM   414  C C   . LEU A 1 61  ? -1.917  13.021  -7.402  1.00 25.24 ? 212  LEU A C   1 
ATOM   415  O O   . LEU A 1 61  ? -0.796  13.493  -7.225  1.00 24.73 ? 212  LEU A O   1 
ATOM   416  C CB  . LEU A 1 61  ? -2.025  10.656  -8.180  1.00 25.12 ? 212  LEU A CB  1 
ATOM   417  C CG  . LEU A 1 61  ? -2.424  9.544   -9.156  1.00 24.49 ? 212  LEU A CG  1 
ATOM   418  C CD1 . LEU A 1 61  ? -1.875  8.211   -8.679  1.00 22.04 ? 212  LEU A CD1 1 
ATOM   419  C CD2 . LEU A 1 61  ? -3.944  9.482   -9.293  1.00 21.86 ? 212  LEU A CD2 1 
ATOM   420  N N   . THR A 1 62  ? -2.930  13.261  -6.581  1.00 24.68 ? 213  THR A N   1 
ATOM   421  C CA  . THR A 1 62  ? -2.747  14.090  -5.397  1.00 25.68 ? 213  THR A CA  1 
ATOM   422  C C   . THR A 1 62  ? -2.276  13.209  -4.246  1.00 25.62 ? 213  THR A C   1 
ATOM   423  O O   . THR A 1 62  ? -2.999  12.316  -3.799  1.00 26.33 ? 213  THR A O   1 
ATOM   424  C CB  . THR A 1 62  ? -4.051  14.813  -5.005  1.00 26.16 ? 213  THR A CB  1 
ATOM   425  O OG1 . THR A 1 62  ? -4.484  15.633  -6.098  1.00 25.50 ? 213  THR A OG1 1 
ATOM   426  C CG2 . THR A 1 62  ? -3.827  15.693  -3.775  1.00 25.63 ? 213  THR A CG2 1 
ATOM   427  N N   . VAL A 1 63  ? -1.050  13.450  -3.788  1.00 24.52 ? 214  VAL A N   1 
ATOM   428  C CA  . VAL A 1 63  ? -0.470  12.673  -2.701  1.00 22.68 ? 214  VAL A CA  1 
ATOM   429  C C   . VAL A 1 63  ? -0.513  13.450  -1.396  1.00 23.54 ? 214  VAL A C   1 
ATOM   430  O O   . VAL A 1 63  ? -0.003  14.567  -1.305  1.00 24.31 ? 214  VAL A O   1 
ATOM   431  C CB  . VAL A 1 63  ? 0.989   12.267  -3.003  1.00 22.93 ? 214  VAL A CB  1 
ATOM   432  C CG1 . VAL A 1 63  ? 1.510   11.338  -1.918  1.00 20.78 ? 214  VAL A CG1 1 
ATOM   433  C CG2 . VAL A 1 63  ? 1.084   11.601  -4.376  1.00 20.24 ? 214  VAL A CG2 1 
ATOM   434  N N   . LYS A 1 64  ? -1.098  12.833  -0.377  1.00 22.27 ? 215  LYS A N   1 
ATOM   435  C CA  . LYS A 1 64  ? -1.217  13.468  0.925   1.00 23.45 ? 215  LYS A CA  1 
ATOM   436  C C   . LYS A 1 64  ? -1.196  12.416  2.012   1.00 24.02 ? 215  LYS A C   1 
ATOM   437  O O   . LYS A 1 64  ? -1.266  11.219  1.739   1.00 25.19 ? 215  LYS A O   1 
ATOM   438  C CB  . LYS A 1 64  ? -2.533  14.255  1.014   1.00 24.22 ? 215  LYS A CB  1 
ATOM   439  C CG  . LYS A 1 64  ? -3.794  13.381  0.945   1.00 24.58 ? 215  LYS A CG  1 
ATOM   440  C CD  . LYS A 1 64  ? -5.077  14.211  0.913   1.00 25.16 ? 215  LYS A CD  1 
ATOM   441  C CE  . LYS A 1 64  ? -5.306  14.949  2.214   1.00 26.14 ? 215  LYS A CE  1 
ATOM   442  N NZ  . LYS A 1 64  ? -5.494  14.004  3.344   1.00 27.12 ? 215  LYS A NZ  1 
ATOM   443  N N   . GLU A 1 65  ? -1.120  12.881  3.250   1.00 23.93 ? 216  GLU A N   1 
ATOM   444  C CA  . GLU A 1 65  ? -1.116  12.013  4.408   1.00 25.00 ? 216  GLU A CA  1 
ATOM   445  C C   . GLU A 1 65  ? -2.575  11.634  4.686   1.00 26.00 ? 216  GLU A C   1 
ATOM   446  O O   . GLU A 1 65  ? -3.473  12.463  4.526   1.00 23.90 ? 216  GLU A O   1 
ATOM   447  C CB  . GLU A 1 65  ? -0.523  12.778  5.591   1.00 28.53 ? 216  GLU A CB  1 
ATOM   448  C CG  . GLU A 1 65  ? 0.099   11.909  6.667   1.00 35.26 ? 216  GLU A CG  1 
ATOM   449  C CD  . GLU A 1 65  ? 1.096   12.668  7.536   1.00 37.09 ? 216  GLU A CD  1 
ATOM   450  O OE1 . GLU A 1 65  ? 2.193   12.123  7.787   1.00 36.24 ? 216  GLU A OE1 1 
ATOM   451  O OE2 . GLU A 1 65  ? 0.787   13.804  7.965   1.00 40.27 ? 216  GLU A OE2 1 
ATOM   452  N N   . ALA A 1 66  ? -2.822  10.371  5.036   1.00 24.69 ? 217  ALA A N   1 
ATOM   453  C CA  . ALA A 1 66  ? -4.181  9.928   5.340   1.00 24.95 ? 217  ALA A CA  1 
ATOM   454  C C   . ALA A 1 66  ? -4.618  10.566  6.649   1.00 24.77 ? 217  ALA A C   1 
ATOM   455  O O   . ALA A 1 66  ? -3.825  10.667  7.583   1.00 23.83 ? 217  ALA A O   1 
ATOM   456  C CB  . ALA A 1 66  ? -4.238  8.410   5.456   1.00 23.50 ? 217  ALA A CB  1 
ATOM   457  N N   . GLU A 1 67  ? -5.874  11.007  6.706   1.00 25.11 ? 218  GLU A N   1 
ATOM   458  C CA  . GLU A 1 67  ? -6.418  11.636  7.910   1.00 25.44 ? 218  GLU A CA  1 
ATOM   459  C C   . GLU A 1 67  ? -7.565  10.828  8.502   1.00 25.84 ? 218  GLU A C   1 
ATOM   460  O O   . GLU A 1 67  ? -8.325  10.176  7.779   1.00 24.69 ? 218  GLU A O   1 
ATOM   461  C CB  . GLU A 1 67  ? -6.897  13.058  7.612   1.00 27.41 ? 218  GLU A CB  1 
ATOM   462  C CG  . GLU A 1 67  ? -5.801  13.996  7.157   1.00 29.75 ? 218  GLU A CG  1 
ATOM   463  C CD  . GLU A 1 67  ? -6.311  15.398  6.902   1.00 32.81 ? 218  GLU A CD  1 
ATOM   464  O OE1 . GLU A 1 67  ? -6.638  16.098  7.888   1.00 34.50 ? 218  GLU A OE1 1 
ATOM   465  O OE2 . GLU A 1 67  ? -6.385  15.800  5.718   1.00 33.49 ? 218  GLU A OE2 1 
ATOM   466  N N   . ASP A 1 68  ? -7.685  10.887  9.825   1.00 24.96 ? 219  ASP A N   1 
ATOM   467  C CA  . ASP A 1 68  ? -8.723  10.172  10.548  1.00 25.52 ? 219  ASP A CA  1 
ATOM   468  C C   . ASP A 1 68  ? -10.119 10.631  10.106  1.00 25.85 ? 219  ASP A C   1 
ATOM   469  O O   . ASP A 1 68  ? -10.400 11.830  10.050  1.00 24.92 ? 219  ASP A O   1 
ATOM   470  C CB  . ASP A 1 68  ? -8.527  10.383  12.049  1.00 28.59 ? 219  ASP A CB  1 
ATOM   471  C CG  . ASP A 1 68  ? -9.501  9.581   12.885  1.00 32.01 ? 219  ASP A CG  1 
ATOM   472  O OD1 . ASP A 1 68  ? -9.533  8.342   12.758  1.00 32.44 ? 219  ASP A OD1 1 
ATOM   473  O OD2 . ASP A 1 68  ? -10.234 10.200  13.681  1.00 37.53 ? 219  ASP A OD2 1 
ATOM   474  N N   . GLY A 1 69  ? -10.964 9.668   9.742   1.00 24.57 ? 220  GLY A N   1 
ATOM   475  C CA  . GLY A 1 69  ? -12.312 9.976   9.297   1.00 24.13 ? 220  GLY A CA  1 
ATOM   476  C C   . GLY A 1 69  ? -12.418 10.441  7.852   1.00 24.64 ? 220  GLY A C   1 
ATOM   477  O O   . GLY A 1 69  ? -13.518 10.685  7.359   1.00 24.54 ? 220  GLY A O   1 
ATOM   478  N N   . GLU A 1 70  ? -11.283 10.575  7.172   1.00 24.02 ? 221  GLU A N   1 
ATOM   479  C CA  . GLU A 1 70  ? -11.268 11.015  5.778   1.00 24.12 ? 221  GLU A CA  1 
ATOM   480  C C   . GLU A 1 70  ? -11.804 9.939   4.833   1.00 24.09 ? 221  GLU A C   1 
ATOM   481  O O   . GLU A 1 70  ? -11.567 8.746   5.037   1.00 23.51 ? 221  GLU A O   1 
ATOM   482  C CB  . GLU A 1 70  ? -9.844  11.411  5.366   1.00 23.26 ? 221  GLU A CB  1 
ATOM   483  C CG  . GLU A 1 70  ? -9.691  11.858  3.907   1.00 25.54 ? 221  GLU A CG  1 
ATOM   484  C CD  . GLU A 1 70  ? -8.257  12.244  3.538   1.00 25.83 ? 221  GLU A CD  1 
ATOM   485  O OE1 . GLU A 1 70  ? -7.315  11.874  4.268   1.00 25.73 ? 221  GLU A OE1 1 
ATOM   486  O OE2 . GLU A 1 70  ? -8.071  12.920  2.507   1.00 26.89 ? 221  GLU A OE2 1 
ATOM   487  N N   . GLU A 1 71  ? -12.540 10.369  3.810   1.00 23.87 ? 222  GLU A N   1 
ATOM   488  C CA  . GLU A 1 71  ? -13.097 9.456   2.820   1.00 26.06 ? 222  GLU A CA  1 
ATOM   489  C C   . GLU A 1 71  ? -12.020 9.044   1.815   1.00 25.70 ? 222  GLU A C   1 
ATOM   490  O O   . GLU A 1 71  ? -11.317 9.895   1.267   1.00 27.34 ? 222  GLU A O   1 
ATOM   491  C CB  . GLU A 1 71  ? -14.268 10.111  2.077   1.00 27.69 ? 222  GLU A CB  1 
ATOM   492  C CG  . GLU A 1 71  ? -15.054 9.129   1.208   1.00 30.80 ? 222  GLU A CG  1 
ATOM   493  C CD  . GLU A 1 71  ? -16.132 9.784   0.359   1.00 32.93 ? 222  GLU A CD  1 
ATOM   494  O OE1 . GLU A 1 71  ? -16.640 10.868  0.734   1.00 36.00 ? 222  GLU A OE1 1 
ATOM   495  O OE2 . GLU A 1 71  ? -16.472 9.203   -0.693  1.00 32.57 ? 222  GLU A OE2 1 
ATOM   496  N N   . VAL A 1 72  ? -11.895 7.739   1.586   1.00 25.66 ? 223  VAL A N   1 
ATOM   497  C CA  . VAL A 1 72  ? -10.913 7.190   0.652   1.00 26.17 ? 223  VAL A CA  1 
ATOM   498  C C   . VAL A 1 72  ? -11.437 7.361   -0.777  1.00 26.75 ? 223  VAL A C   1 
ATOM   499  O O   . VAL A 1 72  ? -12.376 6.682   -1.181  1.00 28.26 ? 223  VAL A O   1 
ATOM   500  C CB  . VAL A 1 72  ? -10.676 5.699   0.949   1.00 26.59 ? 223  VAL A CB  1 
ATOM   501  C CG1 . VAL A 1 72  ? -9.556  5.160   0.094   1.00 26.65 ? 223  VAL A CG1 1 
ATOM   502  C CG2 . VAL A 1 72  ? -10.355 5.507   2.428   1.00 24.72 ? 223  VAL A CG2 1 
ATOM   503  N N   . LYS A 1 73  ? -10.807 8.245   -1.547  1.00 26.83 ? 224  LYS A N   1 
ATOM   504  C CA  . LYS A 1 73  ? -11.254 8.525   -2.912  1.00 27.60 ? 224  LYS A CA  1 
ATOM   505  C C   . LYS A 1 73  ? -10.224 8.262   -4.003  1.00 25.19 ? 224  LYS A C   1 
ATOM   506  O O   . LYS A 1 73  ? -9.023  8.309   -3.757  1.00 25.43 ? 224  LYS A O   1 
ATOM   507  C CB  . LYS A 1 73  ? -11.694 9.992   -3.017  1.00 29.52 ? 224  LYS A CB  1 
ATOM   508  C CG  . LYS A 1 73  ? -12.714 10.433  -1.968  1.00 35.11 ? 224  LYS A CG  1 
ATOM   509  C CD  . LYS A 1 73  ? -13.196 11.858  -2.223  1.00 40.21 ? 224  LYS A CD  1 
ATOM   510  C CE  . LYS A 1 73  ? -12.056 12.873  -2.129  1.00 42.94 ? 224  LYS A CE  1 
ATOM   511  N NZ  . LYS A 1 73  ? -12.479 14.250  -2.544  1.00 46.33 ? 224  LYS A NZ  1 
ATOM   512  N N   . PRO A 1 74  ? -10.692 7.952   -5.228  1.00 24.28 ? 225  PRO A N   1 
ATOM   513  C CA  . PRO A 1 74  ? -9.798  7.693   -6.361  1.00 22.82 ? 225  PRO A CA  1 
ATOM   514  C C   . PRO A 1 74  ? -9.127  9.011   -6.768  1.00 22.81 ? 225  PRO A C   1 
ATOM   515  O O   . PRO A 1 74  ? -9.653  10.093  -6.503  1.00 20.57 ? 225  PRO A O   1 
ATOM   516  C CB  . PRO A 1 74  ? -10.752 7.176   -7.445  1.00 24.21 ? 225  PRO A CB  1 
ATOM   517  C CG  . PRO A 1 74  ? -12.061 7.826   -7.101  1.00 25.88 ? 225  PRO A CG  1 
ATOM   518  C CD  . PRO A 1 74  ? -12.098 7.691   -5.598  1.00 23.83 ? 225  PRO A CD  1 
ATOM   519  N N   . GLY A 1 75  ? -7.958  8.912   -7.392  1.00 22.50 ? 226  GLY A N   1 
ATOM   520  C CA  . GLY A 1 75  ? -7.227  10.102  -7.789  1.00 22.40 ? 226  GLY A CA  1 
ATOM   521  C C   . GLY A 1 75  ? -6.298  10.592  -6.688  1.00 21.63 ? 226  GLY A C   1 
ATOM   522  O O   . GLY A 1 75  ? -5.604  11.587  -6.857  1.00 20.97 ? 226  GLY A O   1 
ATOM   523  N N   . PHE A 1 76  ? -6.298  9.896   -5.553  1.00 22.45 ? 227  PHE A N   1 
ATOM   524  C CA  . PHE A 1 76  ? -5.452  10.249  -4.416  1.00 22.09 ? 227  PHE A CA  1 
ATOM   525  C C   . PHE A 1 76  ? -4.545  9.092   -3.999  1.00 22.40 ? 227  PHE A C   1 
ATOM   526  O O   . PHE A 1 76  ? -4.865  7.920   -4.214  1.00 20.58 ? 227  PHE A O   1 
ATOM   527  C CB  . PHE A 1 76  ? -6.303  10.624  -3.200  1.00 25.54 ? 227  PHE A CB  1 
ATOM   528  C CG  . PHE A 1 76  ? -7.041  11.924  -3.338  1.00 28.67 ? 227  PHE A CG  1 
ATOM   529  C CD1 . PHE A 1 76  ? -6.506  13.097  -2.811  1.00 28.99 ? 227  PHE A CD1 1 
ATOM   530  C CD2 . PHE A 1 76  ? -8.287  11.976  -3.963  1.00 28.98 ? 227  PHE A CD2 1 
ATOM   531  C CE1 . PHE A 1 76  ? -7.199  14.307  -2.900  1.00 30.42 ? 227  PHE A CE1 1 
ATOM   532  C CE2 . PHE A 1 76  ? -8.992  13.181  -4.061  1.00 30.32 ? 227  PHE A CE2 1 
ATOM   533  C CZ  . PHE A 1 76  ? -8.446  14.348  -3.527  1.00 30.23 ? 227  PHE A CZ  1 
ATOM   534  N N   . VAL A 1 77  ? -3.414  9.444   -3.393  1.00 21.03 ? 228  VAL A N   1 
ATOM   535  C CA  . VAL A 1 77  ? -2.449  8.489   -2.878  1.00 19.51 ? 228  VAL A CA  1 
ATOM   536  C C   . VAL A 1 77  ? -2.272  8.924   -1.424  1.00 21.75 ? 228  VAL A C   1 
ATOM   537  O O   . VAL A 1 77  ? -1.848  10.050  -1.148  1.00 22.51 ? 228  VAL A O   1 
ATOM   538  C CB  . VAL A 1 77  ? -1.108  8.556   -3.649  1.00 19.70 ? 228  VAL A CB  1 
ATOM   539  C CG1 . VAL A 1 77  ? -0.099  7.565   -3.061  1.00 18.62 ? 228  VAL A CG1 1 
ATOM   540  C CG2 . VAL A 1 77  ? -1.341  8.238   -5.120  1.00 14.15 ? 228  VAL A CG2 1 
ATOM   541  N N   . TYR A 1 78  ? -2.691  8.064   -0.501  1.00 20.39 ? 229  TYR A N   1 
ATOM   542  C CA  . TYR A 1 78  ? -2.618  8.372   0.922   1.00 19.38 ? 229  TYR A CA  1 
ATOM   543  C C   . TYR A 1 78  ? -1.451  7.694   1.640   1.00 18.96 ? 229  TYR A C   1 
ATOM   544  O O   . TYR A 1 78  ? -1.311  6.476   1.590   1.00 19.60 ? 229  TYR A O   1 
ATOM   545  C CB  . TYR A 1 78  ? -3.926  7.976   1.605   1.00 18.05 ? 229  TYR A CB  1 
ATOM   546  C CG  . TYR A 1 78  ? -5.175  8.539   0.958   1.00 21.22 ? 229  TYR A CG  1 
ATOM   547  C CD1 . TYR A 1 78  ? -5.664  9.797   1.316   1.00 20.31 ? 229  TYR A CD1 1 
ATOM   548  C CD2 . TYR A 1 78  ? -5.880  7.804   0.004   1.00 21.04 ? 229  TYR A CD2 1 
ATOM   549  C CE1 . TYR A 1 78  ? -6.823  10.308  0.738   1.00 23.19 ? 229  TYR A CE1 1 
ATOM   550  C CE2 . TYR A 1 78  ? -7.040  8.305   -0.579  1.00 22.22 ? 229  TYR A CE2 1 
ATOM   551  C CZ  . TYR A 1 78  ? -7.506  9.557   -0.207  1.00 22.58 ? 229  TYR A CZ  1 
ATOM   552  O OH  . TYR A 1 78  ? -8.648  10.058  -0.775  1.00 22.62 ? 229  TYR A OH  1 
ATOM   553  N N   . ILE A 1 79  ? -0.625  8.495   2.309   1.00 16.95 ? 230  ILE A N   1 
ATOM   554  C CA  . ILE A 1 79  ? 0.521   7.985   3.055   1.00 18.58 ? 230  ILE A CA  1 
ATOM   555  C C   . ILE A 1 79  ? 0.088   7.828   4.514   1.00 19.37 ? 230  ILE A C   1 
ATOM   556  O O   . ILE A 1 79  ? -0.427  8.776   5.115   1.00 19.28 ? 230  ILE A O   1 
ATOM   557  C CB  . ILE A 1 79  ? 1.723   8.972   3.006   1.00 19.16 ? 230  ILE A CB  1 
ATOM   558  C CG1 . ILE A 1 79  ? 2.094   9.323   1.559   1.00 19.03 ? 230  ILE A CG1 1 
ATOM   559  C CG2 . ILE A 1 79  ? 2.904   8.398   3.752   1.00 18.60 ? 230  ILE A CG2 1 
ATOM   560  C CD1 . ILE A 1 79  ? 2.327   8.129   0.642   1.00 20.64 ? 230  ILE A CD1 1 
ATOM   561  N N   . ALA A 1 80  ? 0.276   6.639   5.080   1.00 17.95 ? 231  ALA A N   1 
ATOM   562  C CA  . ALA A 1 80  ? -0.107  6.405   6.471   1.00 18.50 ? 231  ALA A CA  1 
ATOM   563  C C   . ALA A 1 80  ? 0.753   7.242   7.428   1.00 19.23 ? 231  ALA A C   1 
ATOM   564  O O   . ALA A 1 80  ? 1.974   7.254   7.318   1.00 17.94 ? 231  ALA A O   1 
ATOM   565  C CB  . ALA A 1 80  ? 0.010   4.919   6.807   1.00 16.81 ? 231  ALA A CB  1 
ATOM   566  N N   . PRO A 1 81  ? 0.118   7.998   8.342   1.00 20.66 ? 232  PRO A N   1 
ATOM   567  C CA  . PRO A 1 81  ? 0.850   8.829   9.302   1.00 21.68 ? 232  PRO A CA  1 
ATOM   568  C C   . PRO A 1 81  ? 1.452   7.970   10.418  1.00 24.01 ? 232  PRO A C   1 
ATOM   569  O O   . PRO A 1 81  ? 1.001   6.842   10.649  1.00 25.01 ? 232  PRO A O   1 
ATOM   570  C CB  . PRO A 1 81  ? -0.237  9.761   9.833   1.00 21.49 ? 232  PRO A CB  1 
ATOM   571  C CG  . PRO A 1 81  ? -1.440  8.885   9.837   1.00 22.23 ? 232  PRO A CG  1 
ATOM   572  C CD  . PRO A 1 81  ? -1.337  8.190   8.491   1.00 21.37 ? 232  PRO A CD  1 
ATOM   573  N N   . GLY A 1 82  ? 2.453   8.507   11.112  1.00 24.24 ? 233  GLY A N   1 
ATOM   574  C CA  . GLY A 1 82  ? 3.100   7.768   12.184  1.00 25.35 ? 233  GLY A CA  1 
ATOM   575  C C   . GLY A 1 82  ? 2.295   7.629   13.466  1.00 26.52 ? 233  GLY A C   1 
ATOM   576  O O   . GLY A 1 82  ? 1.264   8.276   13.635  1.00 25.15 ? 233  GLY A O   1 
ATOM   577  N N   . ASP A 1 83  ? 2.758   6.740   14.343  1.00 29.11 ? 234  ASP A N   1 
ATOM   578  C CA  . ASP A 1 83  ? 2.140   6.472   15.645  1.00 31.49 ? 234  ASP A CA  1 
ATOM   579  C C   . ASP A 1 83  ? 0.825   5.689   15.647  1.00 31.12 ? 234  ASP A C   1 
ATOM   580  O O   . ASP A 1 83  ? 0.375   5.244   16.705  1.00 29.31 ? 234  ASP A O   1 
ATOM   581  C CB  . ASP A 1 83  ? 1.955   7.778   16.431  1.00 35.89 ? 234  ASP A CB  1 
ATOM   582  C CG  . ASP A 1 83  ? 3.271   8.471   16.741  1.00 40.32 ? 234  ASP A CG  1 
ATOM   583  O OD1 . ASP A 1 83  ? 4.193   7.791   17.248  1.00 42.30 ? 234  ASP A OD1 1 
ATOM   584  O OD2 . ASP A 1 83  ? 3.375   9.693   16.483  1.00 40.49 ? 234  ASP A OD2 1 
ATOM   585  N N   . PHE A 1 84  ? 0.211   5.518   14.479  1.00 30.10 ? 235  PHE A N   1 
ATOM   586  C CA  . PHE A 1 84  ? -1.063  4.798   14.386  1.00 29.19 ? 235  PHE A CA  1 
ATOM   587  C C   . PHE A 1 84  ? -1.089  3.775   13.255  1.00 27.89 ? 235  PHE A C   1 
ATOM   588  O O   . PHE A 1 84  ? -0.354  3.896   12.275  1.00 26.12 ? 235  PHE A O   1 
ATOM   589  C CB  . PHE A 1 84  ? -2.224  5.768   14.104  1.00 31.35 ? 235  PHE A CB  1 
ATOM   590  C CG  . PHE A 1 84  ? -2.409  6.851   15.132  1.00 34.41 ? 235  PHE A CG  1 
ATOM   591  C CD1 . PHE A 1 84  ? -3.200  6.636   16.255  1.00 36.29 ? 235  PHE A CD1 1 
ATOM   592  C CD2 . PHE A 1 84  ? -1.860  8.116   14.934  1.00 35.05 ? 235  PHE A CD2 1 
ATOM   593  C CE1 . PHE A 1 84  ? -3.448  7.672   17.165  1.00 38.25 ? 235  PHE A CE1 1 
ATOM   594  C CE2 . PHE A 1 84  ? -2.098  9.154   15.836  1.00 35.82 ? 235  PHE A CE2 1 
ATOM   595  C CZ  . PHE A 1 84  ? -2.893  8.934   16.952  1.00 36.34 ? 235  PHE A CZ  1 
ATOM   596  N N   . HIS A 1 85  ? -1.932  2.760   13.413  1.00 26.72 ? 236  HIS A N   1 
ATOM   597  C CA  . HIS A 1 85  ? -2.144  1.758   12.372  1.00 25.80 ? 236  HIS A CA  1 
ATOM   598  C C   . HIS A 1 85  ? -3.266  2.408   11.570  1.00 25.55 ? 236  HIS A C   1 
ATOM   599  O O   . HIS A 1 85  ? -4.180  3.002   12.153  1.00 26.65 ? 236  HIS A O   1 
ATOM   600  C CB  . HIS A 1 85  ? -2.648  0.437   12.954  1.00 23.50 ? 236  HIS A CB  1 
ATOM   601  C CG  . HIS A 1 85  ? -1.573  -0.411  13.556  1.00 23.25 ? 236  HIS A CG  1 
ATOM   602  N ND1 . HIS A 1 85  ? -0.419  -0.738  12.882  1.00 23.21 ? 236  HIS A ND1 1 
ATOM   603  C CD2 . HIS A 1 85  ? -1.485  -1.010  14.767  1.00 23.14 ? 236  HIS A CD2 1 
ATOM   604  C CE1 . HIS A 1 85  ? 0.337   -1.502  13.650  1.00 23.58 ? 236  HIS A CE1 1 
ATOM   605  N NE2 . HIS A 1 85  ? -0.286  -1.681  14.799  1.00 24.89 ? 236  HIS A NE2 1 
ATOM   606  N N   . LEU A 1 86  ? -3.164  2.369   10.248  1.00 23.66 ? 237  LEU A N   1 
ATOM   607  C CA  . LEU A 1 86  ? -4.180  2.972   9.396   1.00 22.67 ? 237  LEU A CA  1 
ATOM   608  C C   . LEU A 1 86  ? -5.276  1.977   9.020   1.00 23.27 ? 237  LEU A C   1 
ATOM   609  O O   . LEU A 1 86  ? -5.049  1.047   8.243   1.00 23.46 ? 237  LEU A O   1 
ATOM   610  C CB  . LEU A 1 86  ? -3.534  3.545   8.137   1.00 21.76 ? 237  LEU A CB  1 
ATOM   611  C CG  . LEU A 1 86  ? -4.469  4.265   7.166   1.00 22.18 ? 237  LEU A CG  1 
ATOM   612  C CD1 . LEU A 1 86  ? -5.086  5.480   7.847   1.00 21.28 ? 237  LEU A CD1 1 
ATOM   613  C CD2 . LEU A 1 86  ? -3.689  4.685   5.926   1.00 20.58 ? 237  LEU A CD2 1 
ATOM   614  N N   . GLY A 1 87  ? -6.466  2.179   9.576   1.00 22.59 ? 238  GLY A N   1 
ATOM   615  C CA  . GLY A 1 87  ? -7.572  1.296   9.271   1.00 22.12 ? 238  GLY A CA  1 
ATOM   616  C C   . GLY A 1 87  ? -8.483  1.864   8.206   1.00 22.51 ? 238  GLY A C   1 
ATOM   617  O O   . GLY A 1 87  ? -8.336  3.016   7.798   1.00 23.91 ? 238  GLY A O   1 
ATOM   618  N N   . LEU A 1 88  ? -9.373  1.016   7.701   1.00 22.63 ? 239  LEU A N   1 
ATOM   619  C CA  . LEU A 1 88  ? -10.367 1.394   6.704   1.00 23.82 ? 239  LEU A CA  1 
ATOM   620  C C   . LEU A 1 88  ? -11.694 0.818   7.172   1.00 24.32 ? 239  LEU A C   1 
ATOM   621  O O   . LEU A 1 88  ? -11.737 -0.281  7.726   1.00 25.03 ? 239  LEU A O   1 
ATOM   622  C CB  . LEU A 1 88  ? -10.031 0.840   5.315   1.00 22.09 ? 239  LEU A CB  1 
ATOM   623  C CG  . LEU A 1 88  ? -8.951  1.567   4.513   1.00 24.11 ? 239  LEU A CG  1 
ATOM   624  C CD1 . LEU A 1 88  ? -7.583  0.987   4.827   1.00 21.26 ? 239  LEU A CD1 1 
ATOM   625  C CD2 . LEU A 1 88  ? -9.244  1.427   3.032   1.00 25.90 ? 239  LEU A CD2 1 
ATOM   626  N N   . LYS A 1 89  ? -12.767 1.583   7.000   1.00 25.56 ? 240  LYS A N   1 
ATOM   627  C CA  . LYS A 1 89  ? -14.094 1.136   7.409   1.00 28.34 ? 240  LYS A CA  1 
ATOM   628  C C   . LYS A 1 89  ? -15.124 1.536   6.370   1.00 27.46 ? 240  LYS A C   1 
ATOM   629  O O   . LYS A 1 89  ? -15.038 2.616   5.777   1.00 28.00 ? 240  LYS A O   1 
ATOM   630  C CB  . LYS A 1 89  ? -14.470 1.715   8.780   1.00 30.58 ? 240  LYS A CB  1 
ATOM   631  C CG  . LYS A 1 89  ? -14.498 3.237   8.832   1.00 35.98 ? 240  LYS A CG  1 
ATOM   632  C CD  . LYS A 1 89  ? -14.660 3.754   10.255  1.00 38.54 ? 240  LYS A CD  1 
ATOM   633  C CE  . LYS A 1 89  ? -14.485 5.263   10.307  1.00 39.92 ? 240  LYS A CE  1 
ATOM   634  N NZ  . LYS A 1 89  ? -14.456 5.771   11.704  1.00 40.55 ? 240  LYS A NZ  1 
ATOM   635  N N   . ALA A 1 90  ? -16.066 0.635   6.116   1.00 26.44 ? 241  ALA A N   1 
ATOM   636  C CA  . ALA A 1 90  ? -17.125 0.885   5.148   1.00 27.90 ? 241  ALA A CA  1 
ATOM   637  C C   . ALA A 1 90  ? -18.358 1.404   5.881   1.00 28.07 ? 241  ALA A C   1 
ATOM   638  O O   . ALA A 1 90  ? -18.806 0.809   6.863   1.00 28.66 ? 241  ALA A O   1 
ATOM   639  C CB  . ALA A 1 90  ? -17.457 -0.393  4.383   1.00 26.48 ? 241  ALA A CB  1 
ATOM   640  N N   . GLN A 1 91  ? -18.880 2.534   5.418   1.00 28.77 ? 242  GLN A N   1 
ATOM   641  C CA  . GLN A 1 91  ? -20.060 3.140   6.031   1.00 29.11 ? 242  GLN A CA  1 
ATOM   642  C C   . GLN A 1 91  ? -20.950 3.732   4.956   1.00 29.70 ? 242  GLN A C   1 
ATOM   643  O O   . GLN A 1 91  ? -20.507 4.577   4.178   1.00 29.55 ? 242  GLN A O   1 
ATOM   644  C CB  . GLN A 1 91  ? -19.654 4.247   7.020   1.00 29.28 ? 242  GLN A CB  1 
ATOM   645  C CG  . GLN A 1 91  ? -18.993 3.752   8.309   1.00 31.78 ? 242  GLN A CG  1 
ATOM   646  C CD  . GLN A 1 91  ? -18.445 4.884   9.167   1.00 34.11 ? 242  GLN A CD  1 
ATOM   647  O OE1 . GLN A 1 91  ? -17.778 5.790   8.667   1.00 36.55 ? 242  GLN A OE1 1 
ATOM   648  N NE2 . GLN A 1 91  ? -18.714 4.829   10.466  1.00 34.32 ? 242  GLN A NE2 1 
ATOM   649  N N   . ASN A 1 92  ? -22.180 3.230   4.869   1.00 32.39 ? 243  ASN A N   1 
ATOM   650  C CA  . ASN A 1 92  ? -23.163 3.728   3.906   1.00 33.59 ? 243  ASN A CA  1 
ATOM   651  C C   . ASN A 1 92  ? -22.636 3.765   2.466   1.00 33.58 ? 243  ASN A C   1 
ATOM   652  O O   . ASN A 1 92  ? -22.742 4.784   1.782   1.00 34.03 ? 243  ASN A O   1 
ATOM   653  C CB  . ASN A 1 92  ? -23.624 5.129   4.345   1.00 36.53 ? 243  ASN A CB  1 
ATOM   654  C CG  . ASN A 1 92  ? -24.849 5.615   3.588   1.00 39.08 ? 243  ASN A CG  1 
ATOM   655  O OD1 . ASN A 1 92  ? -25.865 4.924   3.527   1.00 42.21 ? 243  ASN A OD1 1 
ATOM   656  N ND2 . ASN A 1 92  ? -24.756 6.814   3.010   1.00 38.54 ? 243  ASN A ND2 1 
ATOM   657  N N   . GLY A 1 93  ? -22.026 2.663   2.032   1.00 33.81 ? 244  GLY A N   1 
ATOM   658  C CA  . GLY A 1 93  ? -21.495 2.585   0.679   1.00 32.76 ? 244  GLY A CA  1 
ATOM   659  C C   . GLY A 1 93  ? -20.205 3.342   0.393   1.00 31.55 ? 244  GLY A C   1 
ATOM   660  O O   . GLY A 1 93  ? -19.753 3.378   -0.750  1.00 31.92 ? 244  GLY A O   1 
ATOM   661  N N   . LYS A 1 94  ? -19.623 3.969   1.412   1.00 30.39 ? 245  LYS A N   1 
ATOM   662  C CA  . LYS A 1 94  ? -18.374 4.712   1.247   1.00 28.14 ? 245  LYS A CA  1 
ATOM   663  C C   . LYS A 1 94  ? -17.309 4.128   2.170   1.00 27.02 ? 245  LYS A C   1 
ATOM   664  O O   . LYS A 1 94  ? -17.628 3.396   3.110   1.00 27.62 ? 245  LYS A O   1 
ATOM   665  C CB  . LYS A 1 94  ? -18.572 6.191   1.590   1.00 28.95 ? 245  LYS A CB  1 
ATOM   666  C CG  . LYS A 1 94  ? -19.512 6.950   0.675   1.00 29.55 ? 245  LYS A CG  1 
ATOM   667  C CD  . LYS A 1 94  ? -19.843 8.301   1.281   1.00 34.60 ? 245  LYS A CD  1 
ATOM   668  C CE  . LYS A 1 94  ? -20.888 9.049   0.471   1.00 36.96 ? 245  LYS A CE  1 
ATOM   669  N NZ  . LYS A 1 94  ? -20.339 9.548   -0.812  1.00 40.22 ? 245  LYS A NZ  1 
ATOM   670  N N   . VAL A 1 95  ? -16.048 4.465   1.910   1.00 25.38 ? 246  VAL A N   1 
ATOM   671  C CA  . VAL A 1 95  ? -14.942 3.972   2.727   1.00 23.47 ? 246  VAL A CA  1 
ATOM   672  C C   . VAL A 1 95  ? -14.185 5.125   3.383   1.00 22.84 ? 246  VAL A C   1 
ATOM   673  O O   . VAL A 1 95  ? -13.865 6.123   2.734   1.00 22.44 ? 246  VAL A O   1 
ATOM   674  C CB  . VAL A 1 95  ? -13.972 3.093   1.905   1.00 22.97 ? 246  VAL A CB  1 
ATOM   675  C CG1 . VAL A 1 95  ? -12.843 2.577   2.795   1.00 20.60 ? 246  VAL A CG1 1 
ATOM   676  C CG2 . VAL A 1 95  ? -14.729 1.915   1.303   1.00 21.88 ? 246  VAL A CG2 1 
ATOM   677  N N   . PHE A 1 96  ? -13.913 4.974   4.676   1.00 20.85 ? 247  PHE A N   1 
ATOM   678  C CA  . PHE A 1 96  ? -13.223 5.999   5.452   1.00 22.20 ? 247  PHE A CA  1 
ATOM   679  C C   . PHE A 1 96  ? -12.031 5.438   6.221   1.00 22.63 ? 247  PHE A C   1 
ATOM   680  O O   . PHE A 1 96  ? -12.012 4.263   6.589   1.00 23.80 ? 247  PHE A O   1 
ATOM   681  C CB  . PHE A 1 96  ? -14.199 6.639   6.457   1.00 20.69 ? 247  PHE A CB  1 
ATOM   682  C CG  . PHE A 1 96  ? -15.397 7.287   5.816   1.00 21.38 ? 247  PHE A CG  1 
ATOM   683  C CD1 . PHE A 1 96  ? -15.375 8.634   5.468   1.00 20.92 ? 247  PHE A CD1 1 
ATOM   684  C CD2 . PHE A 1 96  ? -16.546 6.547   5.549   1.00 21.91 ? 247  PHE A CD2 1 
ATOM   685  C CE1 . PHE A 1 96  ? -16.481 9.240   4.859   1.00 21.55 ? 247  PHE A CE1 1 
ATOM   686  C CE2 . PHE A 1 96  ? -17.658 7.145   4.939   1.00 23.59 ? 247  PHE A CE2 1 
ATOM   687  C CZ  . PHE A 1 96  ? -17.619 8.498   4.593   1.00 21.16 ? 247  PHE A CZ  1 
ATOM   688  N N   . PHE A 1 97  ? -11.043 6.292   6.468   1.00 22.22 ? 248  PHE A N   1 
ATOM   689  C CA  . PHE A 1 97  ? -9.858  5.906   7.227   1.00 23.43 ? 248  PHE A CA  1 
ATOM   690  C C   . PHE A 1 97  ? -10.126 6.086   8.715   1.00 24.29 ? 248  PHE A C   1 
ATOM   691  O O   . PHE A 1 97  ? -10.993 6.861   9.116   1.00 25.23 ? 248  PHE A O   1 
ATOM   692  C CB  . PHE A 1 97  ? -8.673  6.827   6.904   1.00 22.76 ? 248  PHE A CB  1 
ATOM   693  C CG  . PHE A 1 97  ? -8.092  6.639   5.537   1.00 23.12 ? 248  PHE A CG  1 
ATOM   694  C CD1 . PHE A 1 97  ? -7.517  5.426   5.170   1.00 20.53 ? 248  PHE A CD1 1 
ATOM   695  C CD2 . PHE A 1 97  ? -8.073  7.692   4.631   1.00 21.03 ? 248  PHE A CD2 1 
ATOM   696  C CE1 . PHE A 1 97  ? -6.929  5.265   3.919   1.00 20.48 ? 248  PHE A CE1 1 
ATOM   697  C CE2 . PHE A 1 97  ? -7.489  7.542   3.380   1.00 23.12 ? 248  PHE A CE2 1 
ATOM   698  C CZ  . PHE A 1 97  ? -6.913  6.321   3.024   1.00 22.10 ? 248  PHE A CZ  1 
ATOM   699  N N   . PHE A 1 98  ? -9.371  5.367   9.528   1.00 24.90 ? 249  PHE A N   1 
ATOM   700  C CA  . PHE A 1 98  ? -9.450  5.523   10.971  1.00 26.69 ? 249  PHE A CA  1 
ATOM   701  C C   . PHE A 1 98  ? -8.082  5.198   11.542  1.00 27.68 ? 249  PHE A C   1 
ATOM   702  O O   . PHE A 1 98  ? -7.378  4.323   11.031  1.00 27.48 ? 249  PHE A O   1 
ATOM   703  C CB  . PHE A 1 98  ? -10.589 4.717   11.626  1.00 26.74 ? 249  PHE A CB  1 
ATOM   704  C CG  . PHE A 1 98  ? -10.380 3.226   11.656  1.00 26.97 ? 249  PHE A CG  1 
ATOM   705  C CD1 . PHE A 1 98  ? -9.608  2.636   12.651  1.00 27.25 ? 249  PHE A CD1 1 
ATOM   706  C CD2 . PHE A 1 98  ? -11.034 2.404   10.742  1.00 26.92 ? 249  PHE A CD2 1 
ATOM   707  C CE1 . PHE A 1 98  ? -9.494  1.248   12.740  1.00 27.62 ? 249  PHE A CE1 1 
ATOM   708  C CE2 . PHE A 1 98  ? -10.928 1.017   10.822  1.00 26.98 ? 249  PHE A CE2 1 
ATOM   709  C CZ  . PHE A 1 98  ? -10.157 0.439   11.825  1.00 27.32 ? 249  PHE A CZ  1 
ATOM   710  N N   . LEU A 1 99  ? -7.658  6.004   12.508  1.00 28.66 ? 250  LEU A N   1 
ATOM   711  C CA  . LEU A 1 99  ? -6.364  5.820   13.138  1.00 30.55 ? 250  LEU A CA  1 
ATOM   712  C C   . LEU A 1 99  ? -6.508  4.954   14.377  1.00 32.73 ? 250  LEU A C   1 
ATOM   713  O O   . LEU A 1 99  ? -7.143  5.333   15.360  1.00 34.05 ? 250  LEU A O   1 
ATOM   714  C CB  . LEU A 1 99  ? -5.732  7.176   13.460  1.00 29.80 ? 250  LEU A CB  1 
ATOM   715  C CG  . LEU A 1 99  ? -5.453  8.044   12.226  1.00 28.97 ? 250  LEU A CG  1 
ATOM   716  C CD1 . LEU A 1 99  ? -4.831  9.367   12.634  1.00 29.25 ? 250  LEU A CD1 1 
ATOM   717  C CD2 . LEU A 1 99  ? -4.537  7.300   11.264  1.00 27.52 ? 250  LEU A CD2 1 
ATOM   718  N N   . ASP A 1 100 ? -5.940  3.761   14.290  1.00 34.69 ? 251  ASP A N   1 
ATOM   719  C CA  . ASP A 1 100 ? -5.999  2.784   15.361  1.00 37.93 ? 251  ASP A CA  1 
ATOM   720  C C   . ASP A 1 100 ? -4.689  2.778   16.145  1.00 39.93 ? 251  ASP A C   1 
ATOM   721  O O   . ASP A 1 100 ? -3.607  2.851   15.560  1.00 39.42 ? 251  ASP A O   1 
ATOM   722  C CB  . ASP A 1 100 ? -6.282  1.411   14.742  1.00 38.03 ? 251  ASP A CB  1 
ATOM   723  C CG  . ASP A 1 100 ? -6.410  0.316   15.769  1.00 38.31 ? 251  ASP A CG  1 
ATOM   724  O OD1 . ASP A 1 100 ? -7.532  0.086   16.266  1.00 40.39 ? 251  ASP A OD1 1 
ATOM   725  O OD2 . ASP A 1 100 ? -5.384  -0.324  16.058  1.00 38.25 ? 251  ASP A OD2 1 
ATOM   726  N N   . LYS A 1 101 ? -4.781  2.702   17.469  1.00 41.94 ? 252  LYS A N   1 
ATOM   727  C CA  . LYS A 1 101 ? -3.574  2.698   18.289  1.00 43.94 ? 252  LYS A CA  1 
ATOM   728  C C   . LYS A 1 101 ? -3.324  1.397   19.037  1.00 43.38 ? 252  LYS A C   1 
ATOM   729  O O   . LYS A 1 101 ? -2.831  1.409   20.167  1.00 43.04 ? 252  LYS A O   1 
ATOM   730  C CB  . LYS A 1 101 ? -3.557  3.887   19.255  1.00 46.39 ? 252  LYS A CB  1 
ATOM   731  C CG  . LYS A 1 101 ? -2.312  4.752   19.085  1.00 50.09 ? 252  LYS A CG  1 
ATOM   732  C CD  . LYS A 1 101 ? -2.207  5.835   20.146  1.00 52.96 ? 252  LYS A CD  1 
ATOM   733  C CE  . LYS A 1 101 ? -1.314  6.982   19.685  1.00 54.03 ? 252  LYS A CE  1 
ATOM   734  N NZ  . LYS A 1 101 ? -0.047  6.494   19.084  1.00 54.04 ? 252  LYS A NZ  1 
ATOM   735  N N   . SER A 1 102 ? -3.647  0.274   18.401  1.00 42.95 ? 253  SER A N   1 
ATOM   736  C CA  . SER A 1 102 ? -3.413  -1.024  19.020  1.00 44.12 ? 253  SER A CA  1 
ATOM   737  C C   . SER A 1 102 ? -1.914  -1.331  18.972  1.00 44.36 ? 253  SER A C   1 
ATOM   738  O O   . SER A 1 102 ? -1.143  -0.583  18.370  1.00 43.71 ? 253  SER A O   1 
ATOM   739  C CB  . SER A 1 102 ? -4.226  -2.127  18.330  1.00 44.09 ? 253  SER A CB  1 
ATOM   740  O OG  . SER A 1 102 ? -3.852  -2.290  16.974  1.00 45.27 ? 253  SER A OG  1 
ATOM   741  N N   . ASP A 1 103 ? -1.515  -2.432  19.601  1.00 46.10 ? 254  ASP A N   1 
ATOM   742  C CA  . ASP A 1 103 ? -0.111  -2.840  19.670  1.00 47.74 ? 254  ASP A CA  1 
ATOM   743  C C   . ASP A 1 103 ? 0.633   -2.886  18.341  1.00 48.17 ? 254  ASP A C   1 
ATOM   744  O O   . ASP A 1 103 ? 0.035   -3.085  17.288  1.00 48.29 ? 254  ASP A O   1 
ATOM   745  C CB  . ASP A 1 103 ? 0.010   -4.206  20.351  1.00 49.02 ? 254  ASP A CB  1 
ATOM   746  C CG  . ASP A 1 103 ? -0.314  -4.161  21.833  1.00 49.86 ? 254  ASP A CG  1 
ATOM   747  O OD1 . ASP A 1 103 ? -0.461  -3.051  22.391  1.00 51.04 ? 254  ASP A OD1 1 
ATOM   748  O OD2 . ASP A 1 103 ? -0.410  -5.245  22.446  1.00 50.81 ? 254  ASP A OD2 1 
ATOM   749  N N   . LYS A 1 104 ? 1.948   -2.719  18.417  1.00 48.94 ? 255  LYS A N   1 
ATOM   750  C CA  . LYS A 1 104 ? 2.800   -2.761  17.245  1.00 50.64 ? 255  LYS A CA  1 
ATOM   751  C C   . LYS A 1 104 ? 2.798   -4.184  16.675  1.00 52.44 ? 255  LYS A C   1 
ATOM   752  O O   . LYS A 1 104 ? 2.767   -5.160  17.428  1.00 52.93 ? 255  LYS A O   1 
ATOM   753  C CB  . LYS A 1 104 ? 4.225   -2.325  17.616  1.00 49.67 ? 255  LYS A CB  1 
ATOM   754  C CG  . LYS A 1 104 ? 4.346   -0.845  17.972  1.00 49.85 ? 255  LYS A CG  1 
ATOM   755  C CD  . LYS A 1 104 ? 5.772   -0.470  18.353  1.00 49.12 ? 255  LYS A CD  1 
ATOM   756  C CE  . LYS A 1 104 ? 5.846   1.003   18.711  1.00 50.11 ? 255  LYS A CE  1 
ATOM   757  N NZ  . LYS A 1 104 ? 7.196   1.402   19.193  1.00 52.18 ? 255  LYS A NZ  1 
ATOM   758  N N   . ILE A 1 105 ? 2.735   -4.296  15.352  1.00 54.02 ? 256  ILE A N   1 
ATOM   759  C CA  . ILE A 1 105 ? 2.755   -5.579  14.679  1.00 55.82 ? 256  ILE A CA  1 
ATOM   760  C C   . ILE A 1 105 ? 4.178   -5.581  14.139  1.00 57.63 ? 256  ILE A C   1 
ATOM   761  O O   . ILE A 1 105 ? 4.428   -5.023  13.065  1.00 58.70 ? 256  ILE A O   1 
ATOM   762  C CB  . ILE A 1 105 ? 1.699   -5.601  13.557  1.00 55.28 ? 256  ILE A CB  1 
ATOM   763  C CG1 . ILE A 1 105 ? 0.299   -5.470  14.160  1.00 55.29 ? 256  ILE A CG1 1 
ATOM   764  C CG2 . ILE A 1 105 ? 1.826   -6.861  12.721  1.00 55.92 ? 256  ILE A CG2 1 
ATOM   765  C CD1 . ILE A 1 105 ? -0.814  -5.261  13.122  1.00 54.93 ? 256  ILE A CD1 1 
ATOM   766  N N   . ASN A 1 106 ? 5.053   -6.290  14.866  1.00 58.71 ? 257  ASN A N   1 
ATOM   767  C CA  . ASN A 1 106 ? 6.508   -6.401  14.664  1.00 58.54 ? 257  ASN A CA  1 
ATOM   768  C C   . ASN A 1 106 ? 6.844   -5.335  15.693  1.00 56.98 ? 257  ASN A C   1 
ATOM   769  O O   . ASN A 1 106 ? 6.247   -5.324  16.770  1.00 58.99 ? 257  ASN A O   1 
ATOM   770  C CB  . ASN A 1 106 ? 6.996   -5.909  13.279  1.00 61.31 ? 257  ASN A CB  1 
ATOM   771  C CG  . ASN A 1 106 ? 6.381   -6.662  12.124  1.00 64.44 ? 257  ASN A CG  1 
ATOM   772  O OD1 . ASN A 1 106 ? 5.874   -7.776  12.288  1.00 66.59 ? 257  ASN A OD1 1 
ATOM   773  N ND2 . ASN A 1 106 ? 6.371   -6.032  10.958  1.00 65.64 ? 257  ASN A ND2 1 
ATOM   774  N N   . ASN A 1 107 ? 7.829   -4.486  15.426  1.00 54.06 ? 258  ASN A N   1 
ATOM   775  C CA  . ASN A 1 107 ? 8.104   -3.375  16.335  1.00 50.44 ? 258  ASN A CA  1 
ATOM   776  C C   . ASN A 1 107 ? 7.787   -2.214  15.401  1.00 45.29 ? 258  ASN A C   1 
ATOM   777  O O   . ASN A 1 107 ? 8.500   -1.209  15.341  1.00 44.99 ? 258  ASN A O   1 
ATOM   778  C CB  . ASN A 1 107 ? 9.568   -3.344  16.789  1.00 54.22 ? 258  ASN A CB  1 
ATOM   779  C CG  . ASN A 1 107 ? 9.812   -2.270  17.844  1.00 57.17 ? 258  ASN A CG  1 
ATOM   780  O OD1 . ASN A 1 107 ? 9.116   -2.212  18.862  1.00 59.15 ? 258  ASN A OD1 1 
ATOM   781  N ND2 . ASN A 1 107 ? 10.786  -1.394  17.590  1.00 58.63 ? 258  ASN A ND2 1 
ATOM   782  N N   . VAL A 1 108 ? 6.707   -2.402  14.646  1.00 39.86 ? 259  VAL A N   1 
ATOM   783  C CA  . VAL A 1 108 ? 6.254   -1.453  13.641  1.00 34.59 ? 259  VAL A CA  1 
ATOM   784  C C   . VAL A 1 108 ? 4.790   -1.048  13.757  1.00 31.39 ? 259  VAL A C   1 
ATOM   785  O O   . VAL A 1 108 ? 3.917   -1.878  14.012  1.00 30.10 ? 259  VAL A O   1 
ATOM   786  C CB  . VAL A 1 108 ? 6.504   -2.042  12.225  1.00 34.70 ? 259  VAL A CB  1 
ATOM   787  C CG1 . VAL A 1 108 ? 5.779   -1.249  11.163  1.00 33.44 ? 259  VAL A CG1 1 
ATOM   788  C CG2 . VAL A 1 108 ? 8.000   -2.079  11.922  1.00 35.15 ? 259  VAL A CG2 1 
ATOM   789  N N   . ARG A 1 109 ? 4.547   0.240   13.531  1.00 28.39 ? 260  ARG A N   1 
ATOM   790  C CA  . ARG A 1 109 ? 3.216   0.840   13.554  1.00 26.51 ? 260  ARG A CA  1 
ATOM   791  C C   . ARG A 1 109 ? 3.343   2.220   12.910  1.00 24.24 ? 260  ARG A C   1 
ATOM   792  O O   . ARG A 1 109 ? 4.069   3.075   13.411  1.00 21.61 ? 260  ARG A O   1 
ATOM   793  C CB  . ARG A 1 109 ? 2.687   0.968   14.989  1.00 28.88 ? 260  ARG A CB  1 
ATOM   794  C CG  . ARG A 1 109 ? 1.292   1.579   15.084  1.00 32.35 ? 260  ARG A CG  1 
ATOM   795  C CD  . ARG A 1 109 ? 0.795   1.644   16.517  1.00 33.67 ? 260  ARG A CD  1 
ATOM   796  N NE  . ARG A 1 109 ? 1.611   2.531   17.344  1.00 37.14 ? 260  ARG A NE  1 
ATOM   797  C CZ  . ARG A 1 109 ? 1.623   2.511   18.674  1.00 39.46 ? 260  ARG A CZ  1 
ATOM   798  N NH1 . ARG A 1 109 ? 0.860   1.649   19.333  1.00 40.04 ? 260  ARG A NH1 1 
ATOM   799  N NH2 . ARG A 1 109 ? 2.413   3.340   19.346  1.00 40.15 ? 260  ARG A NH2 1 
ATOM   800  N N   . PRO A 1 110 ? 2.635   2.457   11.792  1.00 22.83 ? 261  PRO A N   1 
ATOM   801  C CA  . PRO A 1 110 ? 1.732   1.529   11.102  1.00 21.54 ? 261  PRO A CA  1 
ATOM   802  C C   . PRO A 1 110 ? 2.401   0.320   10.445  1.00 21.67 ? 261  PRO A C   1 
ATOM   803  O O   . PRO A 1 110 ? 3.547   0.389   10.005  1.00 20.29 ? 261  PRO A O   1 
ATOM   804  C CB  . PRO A 1 110 ? 1.082   2.419   10.042  1.00 20.84 ? 261  PRO A CB  1 
ATOM   805  C CG  . PRO A 1 110 ? 2.196   3.369   9.695   1.00 21.03 ? 261  PRO A CG  1 
ATOM   806  C CD  . PRO A 1 110 ? 2.713   3.740   11.069  1.00 21.73 ? 261  PRO A CD  1 
ATOM   807  N N   . ALA A 1 111 ? 1.670   -0.788  10.419  1.00 21.80 ? 262  ALA A N   1 
ATOM   808  C CA  . ALA A 1 111 ? 2.118   -2.030  9.789   1.00 21.25 ? 262  ALA A CA  1 
ATOM   809  C C   . ALA A 1 111 ? 1.178   -2.217  8.609   1.00 20.75 ? 262  ALA A C   1 
ATOM   810  O O   . ALA A 1 111 ? -0.035  -2.065  8.763   1.00 20.20 ? 262  ALA A O   1 
ATOM   811  C CB  . ALA A 1 111 ? 1.965   -3.199  10.746  1.00 20.15 ? 262  ALA A CB  1 
ATOM   812  N N   . VAL A 1 112 ? 1.715   -2.534  7.435   1.00 20.26 ? 263  VAL A N   1 
ATOM   813  C CA  . VAL A 1 112 ? 0.854   -2.725  6.271   1.00 18.80 ? 263  VAL A CA  1 
ATOM   814  C C   . VAL A 1 112 ? -0.115  -3.905  6.463   1.00 17.74 ? 263  VAL A C   1 
ATOM   815  O O   . VAL A 1 112 ? -1.189  -3.918  5.870   1.00 16.92 ? 263  VAL A O   1 
ATOM   816  C CB  . VAL A 1 112 ? 1.659   -2.843  4.941   1.00 18.52 ? 263  VAL A CB  1 
ATOM   817  C CG1 . VAL A 1 112 ? 2.242   -4.234  4.771   1.00 16.45 ? 263  VAL A CG1 1 
ATOM   818  C CG2 . VAL A 1 112 ? 0.767   -2.471  3.753   1.00 19.25 ? 263  VAL A CG2 1 
ATOM   819  N N   . ASP A 1 113 ? 0.236   -4.862  7.327   1.00 17.16 ? 264  ASP A N   1 
ATOM   820  C CA  . ASP A 1 113 ? -0.643  -6.011  7.604   1.00 18.15 ? 264  ASP A CA  1 
ATOM   821  C C   . ASP A 1 113 ? -2.010  -5.553  8.127   1.00 16.77 ? 264  ASP A C   1 
ATOM   822  O O   . ASP A 1 113 ? -3.044  -6.099  7.744   1.00 16.27 ? 264  ASP A O   1 
ATOM   823  C CB  . ASP A 1 113 ? -0.013  -6.969  8.628   1.00 18.80 ? 264  ASP A CB  1 
ATOM   824  C CG  . ASP A 1 113 ? 0.996   -7.926  8.008   1.00 21.15 ? 264  ASP A CG  1 
ATOM   825  O OD1 . ASP A 1 113 ? 1.035   -8.056  6.763   1.00 21.73 ? 264  ASP A OD1 1 
ATOM   826  O OD2 . ASP A 1 113 ? 1.749   -8.559  8.775   1.00 21.67 ? 264  ASP A OD2 1 
ATOM   827  N N   . PHE A 1 114 ? -2.006  -4.548  8.998   1.00 17.67 ? 265  PHE A N   1 
ATOM   828  C CA  . PHE A 1 114 ? -3.250  -4.018  9.560   1.00 17.95 ? 265  PHE A CA  1 
ATOM   829  C C   . PHE A 1 114 ? -4.127  -3.387  8.475   1.00 17.86 ? 265  PHE A C   1 
ATOM   830  O O   . PHE A 1 114 ? -5.333  -3.656  8.408   1.00 19.45 ? 265  PHE A O   1 
ATOM   831  C CB  . PHE A 1 114 ? -2.950  -2.987  10.655  1.00 20.36 ? 265  PHE A CB  1 
ATOM   832  C CG  . PHE A 1 114 ? -4.174  -2.527  11.409  1.00 23.25 ? 265  PHE A CG  1 
ATOM   833  C CD1 . PHE A 1 114 ? -4.497  -3.089  12.642  1.00 24.51 ? 265  PHE A CD1 1 
ATOM   834  C CD2 . PHE A 1 114 ? -5.001  -1.532  10.891  1.00 22.87 ? 265  PHE A CD2 1 
ATOM   835  C CE1 . PHE A 1 114 ? -5.625  -2.666  13.347  1.00 24.36 ? 265  PHE A CE1 1 
ATOM   836  C CE2 . PHE A 1 114 ? -6.128  -1.103  11.586  1.00 23.81 ? 265  PHE A CE2 1 
ATOM   837  C CZ  . PHE A 1 114 ? -6.441  -1.671  12.816  1.00 24.67 ? 265  PHE A CZ  1 
ATOM   838  N N   . THR A 1 115 ? -3.530  -2.541  7.636   1.00 16.13 ? 266  THR A N   1 
ATOM   839  C CA  . THR A 1 115 ? -4.273  -1.879  6.561   1.00 15.74 ? 266  THR A CA  1 
ATOM   840  C C   . THR A 1 115 ? -4.841  -2.882  5.549   1.00 17.28 ? 266  THR A C   1 
ATOM   841  O O   . THR A 1 115 ? -5.986  -2.746  5.101   1.00 17.43 ? 266  THR A O   1 
ATOM   842  C CB  . THR A 1 115 ? -3.397  -0.834  5.835   1.00 15.02 ? 266  THR A CB  1 
ATOM   843  O OG1 . THR A 1 115 ? -2.979  0.165   6.775   1.00 15.81 ? 266  THR A OG1 1 
ATOM   844  C CG2 . THR A 1 115 ? -4.173  -0.151  4.713   1.00 12.89 ? 266  THR A CG2 1 
ATOM   845  N N   . LEU A 1 116 ? -4.039  -3.883  5.192   1.00 17.12 ? 267  LEU A N   1 
ATOM   846  C CA  . LEU A 1 116 ? -4.460  -4.908  4.243   1.00 18.05 ? 267  LEU A CA  1 
ATOM   847  C C   . LEU A 1 116 ? -5.577  -5.772  4.808   1.00 20.56 ? 267  LEU A C   1 
ATOM   848  O O   . LEU A 1 116 ? -6.479  -6.178  4.082   1.00 20.51 ? 267  LEU A O   1 
ATOM   849  C CB  . LEU A 1 116 ? -3.271  -5.770  3.826   1.00 17.29 ? 267  LEU A CB  1 
ATOM   850  C CG  . LEU A 1 116 ? -2.321  -5.109  2.823   1.00 16.85 ? 267  LEU A CG  1 
ATOM   851  C CD1 . LEU A 1 116 ? -0.976  -5.810  2.799   1.00 16.72 ? 267  LEU A CD1 1 
ATOM   852  C CD2 . LEU A 1 116 ? -2.956  -5.141  1.456   1.00 15.96 ? 267  LEU A CD2 1 
ATOM   853  N N   . ASP A 1 117 ? -5.511  -6.052  6.107   1.00 23.17 ? 268  ASP A N   1 
ATOM   854  C CA  . ASP A 1 117 ? -6.537  -6.845  6.773   1.00 25.68 ? 268  ASP A CA  1 
ATOM   855  C C   . ASP A 1 117 ? -7.877  -6.134  6.597   1.00 25.69 ? 268  ASP A C   1 
ATOM   856  O O   . ASP A 1 117 ? -8.866  -6.739  6.178   1.00 24.91 ? 268  ASP A O   1 
ATOM   857  C CB  . ASP A 1 117 ? -6.208  -6.986  8.266   1.00 30.71 ? 268  ASP A CB  1 
ATOM   858  C CG  . ASP A 1 117 ? -7.309  -7.689  9.054   1.00 36.02 ? 268  ASP A CG  1 
ATOM   859  O OD1 . ASP A 1 117 ? -7.884  -8.677  8.545   1.00 40.70 ? 268  ASP A OD1 1 
ATOM   860  O OD2 . ASP A 1 117 ? -7.594  -7.257  10.194  1.00 40.11 ? 268  ASP A OD2 1 
ATOM   861  N N   . LYS A 1 118 ? -7.891  -4.837  6.897   1.00 23.49 ? 269  LYS A N   1 
ATOM   862  C CA  . LYS A 1 118 ? -9.099  -4.044  6.764   1.00 22.48 ? 269  LYS A CA  1 
ATOM   863  C C   . LYS A 1 118 ? -9.536  -3.891  5.312   1.00 22.54 ? 269  LYS A C   1 
ATOM   864  O O   . LYS A 1 118 ? -10.697 -4.140  4.997   1.00 22.06 ? 269  LYS A O   1 
ATOM   865  C CB  . LYS A 1 118 ? -8.923  -2.674  7.427   1.00 24.19 ? 269  LYS A CB  1 
ATOM   866  C CG  . LYS A 1 118 ? -8.729  -2.746  8.932   1.00 24.98 ? 269  LYS A CG  1 
ATOM   867  C CD  . LYS A 1 118 ? -9.831  -3.584  9.575   1.00 28.02 ? 269  LYS A CD  1 
ATOM   868  C CE  . LYS A 1 118 ? -9.637  -3.709  11.078  1.00 31.20 ? 269  LYS A CE  1 
ATOM   869  N NZ  . LYS A 1 118 ? -8.327  -4.320  11.417  1.00 33.76 ? 269  LYS A NZ  1 
ATOM   870  N N   . ALA A 1 119 ? -8.605  -3.532  4.423   1.00 21.61 ? 270  ALA A N   1 
ATOM   871  C CA  . ALA A 1 119 ? -8.929  -3.346  3.003   1.00 20.96 ? 270  ALA A CA  1 
ATOM   872  C C   . ALA A 1 119 ? -9.496  -4.600  2.346   1.00 21.69 ? 270  ALA A C   1 
ATOM   873  O O   . ALA A 1 119 ? -10.500 -4.536  1.645   1.00 21.04 ? 270  ALA A O   1 
ATOM   874  C CB  . ALA A 1 119 ? -7.712  -2.857  2.227   1.00 18.94 ? 270  ALA A CB  1 
ATOM   875  N N   . ALA A 1 120 ? -8.855  -5.739  2.591   1.00 23.17 ? 271  ALA A N   1 
ATOM   876  C CA  . ALA A 1 120 ? -9.281  -7.011  2.023   1.00 24.90 ? 271  ALA A CA  1 
ATOM   877  C C   . ALA A 1 120 ? -10.702 -7.391  2.425   1.00 27.73 ? 271  ALA A C   1 
ATOM   878  O O   . ALA A 1 120 ? -11.487 -7.854  1.600   1.00 28.75 ? 271  ALA A O   1 
ATOM   879  C CB  . ALA A 1 120 ? -8.316  -8.107  2.426   1.00 22.68 ? 271  ALA A CB  1 
ATOM   880  N N   . GLU A 1 121 ? -11.028 -7.190  3.696   1.00 30.15 ? 272  GLU A N   1 
ATOM   881  C CA  . GLU A 1 121 ? -12.350 -7.518  4.209   1.00 32.87 ? 272  GLU A CA  1 
ATOM   882  C C   . GLU A 1 121 ? -13.445 -6.674  3.546   1.00 32.01 ? 272  GLU A C   1 
ATOM   883  O O   . GLU A 1 121 ? -14.568 -7.144  3.352   1.00 31.94 ? 272  GLU A O   1 
ATOM   884  C CB  . GLU A 1 121 ? -12.364 -7.323  5.721   1.00 36.69 ? 272  GLU A CB  1 
ATOM   885  C CG  . GLU A 1 121 ? -13.314 -8.243  6.464   1.00 46.63 ? 272  GLU A CG  1 
ATOM   886  C CD  . GLU A 1 121 ? -13.019 -8.300  7.962   1.00 52.46 ? 272  GLU A CD  1 
ATOM   887  O OE1 . GLU A 1 121 ? -11.825 -8.276  8.344   1.00 54.40 ? 272  GLU A OE1 1 
ATOM   888  O OE2 . GLU A 1 121 ? -13.984 -8.374  8.757   1.00 55.93 ? 272  GLU A OE2 1 
ATOM   889  N N   . ILE A 1 122 ? -13.102 -5.440  3.179   1.00 29.62 ? 273  ILE A N   1 
ATOM   890  C CA  . ILE A 1 122 ? -14.043 -4.524  2.540   1.00 27.93 ? 273  ILE A CA  1 
ATOM   891  C C   . ILE A 1 122 ? -14.119 -4.708  1.028   1.00 26.90 ? 273  ILE A C   1 
ATOM   892  O O   . ILE A 1 122 ? -15.203 -4.887  0.474   1.00 27.06 ? 273  ILE A O   1 
ATOM   893  C CB  . ILE A 1 122 ? -13.672 -3.045  2.818   1.00 28.25 ? 273  ILE A CB  1 
ATOM   894  C CG1 . ILE A 1 122 ? -13.752 -2.744  4.316   1.00 29.78 ? 273  ILE A CG1 1 
ATOM   895  C CG2 . ILE A 1 122 ? -14.592 -2.113  2.042   1.00 26.06 ? 273  ILE A CG2 1 
ATOM   896  C CD1 . ILE A 1 122 ? -13.323 -1.333  4.671   1.00 29.80 ? 273  ILE A CD1 1 
ATOM   897  N N   . TYR A 1 123 ? -12.967 -4.636  0.367   1.00 24.62 ? 274  TYR A N   1 
ATOM   898  C CA  . TYR A 1 123 ? -12.898 -4.761  -1.084  1.00 23.44 ? 274  TYR A CA  1 
ATOM   899  C C   . TYR A 1 123 ? -12.850 -6.190  -1.628  1.00 23.16 ? 274  TYR A C   1 
ATOM   900  O O   . TYR A 1 123 ? -13.119 -6.415  -2.807  1.00 22.02 ? 274  TYR A O   1 
ATOM   901  C CB  . TYR A 1 123 ? -11.719 -3.947  -1.620  1.00 21.93 ? 274  TYR A CB  1 
ATOM   902  C CG  . TYR A 1 123 ? -11.886 -2.451  -1.451  1.00 21.33 ? 274  TYR A CG  1 
ATOM   903  C CD1 . TYR A 1 123 ? -12.354 -1.660  -2.500  1.00 22.03 ? 274  TYR A CD1 1 
ATOM   904  C CD2 . TYR A 1 123 ? -11.573 -1.827  -0.245  1.00 19.33 ? 274  TYR A CD2 1 
ATOM   905  C CE1 . TYR A 1 123 ? -12.507 -0.277  -2.350  1.00 23.38 ? 274  TYR A CE1 1 
ATOM   906  C CE2 . TYR A 1 123 ? -11.721 -0.452  -0.085  1.00 21.69 ? 274  TYR A CE2 1 
ATOM   907  C CZ  . TYR A 1 123 ? -12.187 0.314   -1.138  1.00 22.92 ? 274  TYR A CZ  1 
ATOM   908  O OH  . TYR A 1 123 ? -12.331 1.671   -0.975  1.00 25.93 ? 274  TYR A OH  1 
ATOM   909  N N   . LYS A 1 124 ? -12.497 -7.144  -0.775  1.00 23.51 ? 275  LYS A N   1 
ATOM   910  C CA  . LYS A 1 124 ? -12.412 -8.553  -1.165  1.00 26.50 ? 275  LYS A CA  1 
ATOM   911  C C   . LYS A 1 124 ? -11.649 -8.821  -2.470  1.00 24.89 ? 275  LYS A C   1 
ATOM   912  O O   . LYS A 1 124 ? -10.493 -8.421  -2.596  1.00 25.24 ? 275  LYS A O   1 
ATOM   913  C CB  . LYS A 1 124 ? -13.810 -9.187  -1.185  1.00 28.84 ? 275  LYS A CB  1 
ATOM   914  C CG  . LYS A 1 124 ? -14.452 -9.255  0.196   1.00 33.26 ? 275  LYS A CG  1 
ATOM   915  C CD  . LYS A 1 124 ? -15.759 -10.032 0.172   1.00 37.88 ? 275  LYS A CD  1 
ATOM   916  C CE  . LYS A 1 124 ? -16.355 -10.171 1.570   1.00 40.12 ? 275  LYS A CE  1 
ATOM   917  N NZ  . LYS A 1 124 ? -16.803 -8.858  2.114   1.00 41.84 ? 275  LYS A NZ  1 
ATOM   918  N N   . SER A 1 125 ? -12.295 -9.459  -3.447  1.00 23.81 ? 276  SER A N   1 
ATOM   919  C CA  . SER A 1 125 ? -11.630 -9.772  -4.716  1.00 23.76 ? 276  SER A CA  1 
ATOM   920  C C   . SER A 1 125 ? -11.136 -8.544  -5.483  1.00 22.78 ? 276  SER A C   1 
ATOM   921  O O   . SER A 1 125 ? -10.302 -8.665  -6.377  1.00 22.69 ? 276  SER A O   1 
ATOM   922  C CB  . SER A 1 125 ? -12.526 -10.633 -5.618  1.00 24.45 ? 276  SER A CB  1 
ATOM   923  O OG  . SER A 1 125 ? -13.585 -9.880  -6.183  1.00 27.89 ? 276  SER A OG  1 
ATOM   924  N N   . LYS A 1 126 ? -11.634 -7.364  -5.120  1.00 21.69 ? 277  LYS A N   1 
ATOM   925  C CA  . LYS A 1 126 ? -11.226 -6.125  -5.779  1.00 22.68 ? 277  LYS A CA  1 
ATOM   926  C C   . LYS A 1 126 ? -10.020 -5.465  -5.089  1.00 22.18 ? 277  LYS A C   1 
ATOM   927  O O   . LYS A 1 126 ? -9.668  -4.321  -5.390  1.00 20.59 ? 277  LYS A O   1 
ATOM   928  C CB  . LYS A 1 126 ? -12.408 -5.144  -5.847  1.00 24.86 ? 277  LYS A CB  1 
ATOM   929  C CG  . LYS A 1 126 ? -13.610 -5.659  -6.640  1.00 28.00 ? 277  LYS A CG  1 
ATOM   930  C CD  . LYS A 1 126 ? -13.200 -6.133  -8.032  1.00 29.84 ? 277  LYS A CD  1 
ATOM   931  C CE  . LYS A 1 126 ? -14.387 -6.696  -8.807  1.00 33.96 ? 277  LYS A CE  1 
ATOM   932  N NZ  . LYS A 1 126 ? -15.404 -5.646  -9.131  1.00 34.98 ? 277  LYS A NZ  1 
ATOM   933  N N   . THR A 1 127 ? -9.399  -6.189  -4.160  1.00 21.47 ? 278  THR A N   1 
ATOM   934  C CA  . THR A 1 127 ? -8.236  -5.685  -3.432  1.00 20.57 ? 278  THR A CA  1 
ATOM   935  C C   . THR A 1 127 ? -6.954  -6.026  -4.181  1.00 20.10 ? 278  THR A C   1 
ATOM   936  O O   . THR A 1 127 ? -6.780  -7.145  -4.660  1.00 19.83 ? 278  THR A O   1 
ATOM   937  C CB  . THR A 1 127 ? -8.129  -6.304  -2.015  1.00 20.82 ? 278  THR A CB  1 
ATOM   938  O OG1 . THR A 1 127 ? -9.384  -6.181  -1.341  1.00 20.75 ? 278  THR A OG1 1 
ATOM   939  C CG2 . THR A 1 127 ? -7.047  -5.594  -1.191  1.00 19.44 ? 278  THR A CG2 1 
ATOM   940  N N   . ILE A 1 128 ? -6.070  -5.044  -4.298  1.00 18.95 ? 279  ILE A N   1 
ATOM   941  C CA  . ILE A 1 128 ? -4.785  -5.235  -4.952  1.00 18.51 ? 279  ILE A CA  1 
ATOM   942  C C   . ILE A 1 128 ? -3.704  -4.850  -3.943  1.00 19.01 ? 279  ILE A C   1 
ATOM   943  O O   . ILE A 1 128 ? -3.709  -3.731  -3.431  1.00 19.34 ? 279  ILE A O   1 
ATOM   944  C CB  . ILE A 1 128 ? -4.637  -4.344  -6.210  1.00 17.04 ? 279  ILE A CB  1 
ATOM   945  C CG1 . ILE A 1 128 ? -5.653  -4.751  -7.282  1.00 16.92 ? 279  ILE A CG1 1 
ATOM   946  C CG2 . ILE A 1 128 ? -3.223  -4.463  -6.775  1.00 16.53 ? 279  ILE A CG2 1 
ATOM   947  C CD1 . ILE A 1 128 ? -5.607  -3.871  -8.546  1.00 16.05 ? 279  ILE A CD1 1 
ATOM   948  N N   . ALA A 1 129 ? -2.822  -5.794  -3.617  1.00 18.75 ? 280  ALA A N   1 
ATOM   949  C CA  . ALA A 1 129 ? -1.734  -5.543  -2.670  1.00 17.81 ? 280  ALA A CA  1 
ATOM   950  C C   . ALA A 1 129 ? -0.402  -5.473  -3.406  1.00 16.71 ? 280  ALA A C   1 
ATOM   951  O O   . ALA A 1 129 ? -0.152  -6.251  -4.326  1.00 16.42 ? 280  ALA A O   1 
ATOM   952  C CB  . ALA A 1 129 ? -1.680  -6.639  -1.605  1.00 17.21 ? 280  ALA A CB  1 
ATOM   953  N N   . VAL A 1 130 ? 0.440   -4.528  -3.002  1.00 16.04 ? 281  VAL A N   1 
ATOM   954  C CA  . VAL A 1 130 ? 1.756   -4.351  -3.603  1.00 15.11 ? 281  VAL A CA  1 
ATOM   955  C C   . VAL A 1 130 ? 2.781   -4.307  -2.475  1.00 15.62 ? 281  VAL A C   1 
ATOM   956  O O   . VAL A 1 130 ? 2.781   -3.386  -1.665  1.00 16.77 ? 281  VAL A O   1 
ATOM   957  C CB  . VAL A 1 130 ? 1.846   -3.031  -4.423  1.00 16.70 ? 281  VAL A CB  1 
ATOM   958  C CG1 . VAL A 1 130 ? 3.197   -2.943  -5.120  1.00 11.69 ? 281  VAL A CG1 1 
ATOM   959  C CG2 . VAL A 1 130 ? 0.730   -2.964  -5.452  1.00 15.49 ? 281  VAL A CG2 1 
ATOM   960  N N   . ILE A 1 131 ? 3.641   -5.315  -2.413  1.00 15.13 ? 282  ILE A N   1 
ATOM   961  C CA  . ILE A 1 131 ? 4.651   -5.374  -1.368  1.00 16.57 ? 282  ILE A CA  1 
ATOM   962  C C   . ILE A 1 131 ? 6.009   -5.057  -1.964  1.00 15.62 ? 282  ILE A C   1 
ATOM   963  O O   . ILE A 1 131 ? 6.559   -5.823  -2.756  1.00 15.63 ? 282  ILE A O   1 
ATOM   964  C CB  . ILE A 1 131 ? 4.656   -6.753  -0.678  1.00 16.39 ? 282  ILE A CB  1 
ATOM   965  C CG1 . ILE A 1 131 ? 3.247   -7.079  -0.176  1.00 16.61 ? 282  ILE A CG1 1 
ATOM   966  C CG2 . ILE A 1 131 ? 5.657   -6.777  0.469   1.00 16.08 ? 282  ILE A CG2 1 
ATOM   967  C CD1 . ILE A 1 131 ? 2.664   -6.030  0.753   1.00 19.51 ? 282  ILE A CD1 1 
ATOM   968  N N   . LEU A 1 132 ? 6.537   -3.907  -1.570  1.00 16.01 ? 283  LEU A N   1 
ATOM   969  C CA  . LEU A 1 132 ? 7.816   -3.420  -2.062  1.00 14.45 ? 283  LEU A CA  1 
ATOM   970  C C   . LEU A 1 132 ? 8.994   -3.741  -1.155  1.00 14.33 ? 283  LEU A C   1 
ATOM   971  O O   . LEU A 1 132 ? 8.838   -4.334  -0.084  1.00 12.87 ? 283  LEU A O   1 
ATOM   972  C CB  . LEU A 1 132 ? 7.739   -1.900  -2.256  1.00 11.71 ? 283  LEU A CB  1 
ATOM   973  C CG  . LEU A 1 132 ? 6.575   -1.387  -3.107  1.00 11.80 ? 283  LEU A CG  1 
ATOM   974  C CD1 . LEU A 1 132 ? 6.667   0.135   -3.241  1.00 10.73 ? 283  LEU A CD1 1 
ATOM   975  C CD2 . LEU A 1 132 ? 6.611   -2.050  -4.478  1.00 8.70  ? 283  LEU A CD2 1 
ATOM   976  N N   . THR A 1 133 ? 10.162  -3.307  -1.622  1.00 13.30 ? 284  THR A N   1 
ATOM   977  C CA  . THR A 1 133 ? 11.455  -3.432  -0.961  1.00 12.99 ? 284  THR A CA  1 
ATOM   978  C C   . THR A 1 133 ? 11.359  -3.133  0.529   1.00 15.17 ? 284  THR A C   1 
ATOM   979  O O   . THR A 1 133 ? 10.581  -2.269  0.943   1.00 14.67 ? 284  THR A O   1 
ATOM   980  C CB  . THR A 1 133 ? 12.453  -2.423  -1.598  1.00 14.81 ? 284  THR A CB  1 
ATOM   981  O OG1 . THR A 1 133 ? 13.685  -2.413  -0.870  1.00 16.76 ? 284  THR A OG1 1 
ATOM   982  C CG2 . THR A 1 133 ? 11.858  -1.014  -1.603  1.00 13.97 ? 284  THR A CG2 1 
ATOM   983  N N   . GLY A 1 134 ? 12.155  -3.845  1.326   1.00 15.24 ? 285  GLY A N   1 
ATOM   984  C CA  . GLY A 1 134 ? 12.152  -3.635  2.762   1.00 15.46 ? 285  GLY A CA  1 
ATOM   985  C C   . GLY A 1 134 ? 12.565  -4.847  3.575   1.00 17.89 ? 285  GLY A C   1 
ATOM   986  O O   . GLY A 1 134 ? 12.545  -5.977  3.086   1.00 18.18 ? 285  GLY A O   1 
ATOM   987  N N   . MET A 1 135 ? 12.959  -4.604  4.821   1.00 19.69 ? 286  MET A N   1 
ATOM   988  C CA  . MET A 1 135 ? 13.359  -5.673  5.728   1.00 21.94 ? 286  MET A CA  1 
ATOM   989  C C   . MET A 1 135 ? 12.140  -6.231  6.437   1.00 21.12 ? 286  MET A C   1 
ATOM   990  O O   . MET A 1 135 ? 11.132  -5.544  6.591   1.00 21.97 ? 286  MET A O   1 
ATOM   991  C CB  . MET A 1 135 ? 14.318  -5.160  6.802   1.00 23.68 ? 286  MET A CB  1 
ATOM   992  C CG  . MET A 1 135 ? 15.756  -5.018  6.390   1.00 30.36 ? 286  MET A CG  1 
ATOM   993  S SD  . MET A 1 135 ? 16.844  -4.558  7.769   1.00 33.88 ? 286  MET A SD  1 
ATOM   994  C CE  . MET A 1 135 ? 18.327  -4.791  6.926   1.00 32.30 ? 286  MET A CE  1 
ATOM   995  N N   . GLY A 1 136 ? 12.245  -7.476  6.883   1.00 21.54 ? 287  GLY A N   1 
ATOM   996  C CA  . GLY A 1 136 ? 11.151  -8.091  7.612   1.00 21.76 ? 287  GLY A CA  1 
ATOM   997  C C   . GLY A 1 136 ? 10.100  -8.805  6.791   1.00 21.82 ? 287  GLY A C   1 
ATOM   998  O O   . GLY A 1 136 ? 10.261  -9.033  5.589   1.00 22.51 ? 287  GLY A O   1 
ATOM   999  N N   . LYS A 1 137 ? 8.988   -9.105  7.452   1.00 21.75 ? 288  LYS A N   1 
ATOM   1000 C CA  . LYS A 1 137 ? 7.890   -9.835  6.846   1.00 22.60 ? 288  LYS A CA  1 
ATOM   1001 C C   . LYS A 1 137 ? 6.549   -9.103  6.805   1.00 20.60 ? 288  LYS A C   1 
ATOM   1002 O O   . LYS A 1 137 ? 5.525   -9.711  6.505   1.00 20.84 ? 288  LYS A O   1 
ATOM   1003 C CB  . LYS A 1 137 ? 7.744   -11.187 7.556   1.00 25.61 ? 288  LYS A CB  1 
ATOM   1004 C CG  . LYS A 1 137 ? 8.996   -12.060 7.423   1.00 31.85 ? 288  LYS A CG  1 
ATOM   1005 C CD  . LYS A 1 137 ? 8.966   -13.308 8.303   1.00 37.94 ? 288  LYS A CD  1 
ATOM   1006 C CE  . LYS A 1 137 ? 7.836   -14.267 7.937   1.00 41.36 ? 288  LYS A CE  1 
ATOM   1007 N NZ  . LYS A 1 137 ? 6.660   -14.124 8.852   1.00 45.94 ? 288  LYS A NZ  1 
ATOM   1008 N N   . ASP A 1 138 ? 6.546   -7.807  7.098   1.00 18.89 ? 289  ASP A N   1 
ATOM   1009 C CA  . ASP A 1 138 ? 5.302   -7.040  7.054   1.00 18.88 ? 289  ASP A CA  1 
ATOM   1010 C C   . ASP A 1 138 ? 4.785   -7.109  5.617   1.00 17.80 ? 289  ASP A C   1 
ATOM   1011 O O   . ASP A 1 138 ? 5.546   -6.926  4.669   1.00 16.70 ? 289  ASP A O   1 
ATOM   1012 C CB  . ASP A 1 138 ? 5.542   -5.584  7.480   1.00 17.78 ? 289  ASP A CB  1 
ATOM   1013 C CG  . ASP A 1 138 ? 4.244   -4.786  7.648   1.00 19.20 ? 289  ASP A CG  1 
ATOM   1014 O OD1 . ASP A 1 138 ? 3.177   -5.363  7.952   1.00 17.09 ? 289  ASP A OD1 1 
ATOM   1015 O OD2 . ASP A 1 138 ? 4.298   -3.554  7.490   1.00 20.43 ? 289  ASP A OD2 1 
ATOM   1016 N N   . GLY A 1 139 ? 3.509   -7.444  5.465   1.00 18.18 ? 290  GLY A N   1 
ATOM   1017 C CA  . GLY A 1 139 ? 2.926   -7.566  4.140   1.00 18.55 ? 290  GLY A CA  1 
ATOM   1018 C C   . GLY A 1 139 ? 2.598   -9.011  3.800   1.00 20.17 ? 290  GLY A C   1 
ATOM   1019 O O   . GLY A 1 139 ? 1.751   -9.278  2.939   1.00 21.75 ? 290  GLY A O   1 
ATOM   1020 N N   . THR A 1 140 ? 3.258   -9.947  4.479   1.00 18.52 ? 291  THR A N   1 
ATOM   1021 C CA  . THR A 1 140 ? 3.035   -11.371 4.244   1.00 18.86 ? 291  THR A CA  1 
ATOM   1022 C C   . THR A 1 140 ? 1.663   -11.832 4.739   1.00 19.13 ? 291  THR A C   1 
ATOM   1023 O O   . THR A 1 140 ? 0.880   -12.402 3.969   1.00 17.88 ? 291  THR A O   1 
ATOM   1024 C CB  . THR A 1 140 ? 4.148   -12.218 4.882   1.00 18.91 ? 291  THR A CB  1 
ATOM   1025 O OG1 . THR A 1 140 ? 5.389   -11.931 4.225   1.00 16.93 ? 291  THR A OG1 1 
ATOM   1026 C CG2 . THR A 1 140 ? 3.846   -13.695 4.741   1.00 17.94 ? 291  THR A CG2 1 
ATOM   1027 N N   . LYS A 1 141 ? 1.366   -11.586 6.013   1.00 19.22 ? 292  LYS A N   1 
ATOM   1028 C CA  . LYS A 1 141 ? 0.069   -11.971 6.560   1.00 20.93 ? 292  LYS A CA  1 
ATOM   1029 C C   . LYS A 1 141 ? -1.025  -11.180 5.851   1.00 19.82 ? 292  LYS A C   1 
ATOM   1030 O O   . LYS A 1 141 ? -2.098  -11.710 5.567   1.00 18.77 ? 292  LYS A O   1 
ATOM   1031 C CB  . LYS A 1 141 ? 0.020   -11.755 8.075   1.00 25.10 ? 292  LYS A CB  1 
ATOM   1032 C CG  . LYS A 1 141 ? 0.992   -12.660 8.828   1.00 32.78 ? 292  LYS A CG  1 
ATOM   1033 C CD  . LYS A 1 141 ? 0.983   -12.407 10.332  1.00 39.10 ? 292  LYS A CD  1 
ATOM   1034 C CE  . LYS A 1 141 ? -0.329  -12.841 10.973  1.00 43.46 ? 292  LYS A CE  1 
ATOM   1035 N NZ  . LYS A 1 141 ? -0.304  -12.667 12.455  1.00 46.44 ? 292  LYS A NZ  1 
ATOM   1036 N N   . GLY A 1 142 ? -0.732  -9.923  5.527   1.00 17.72 ? 293  GLY A N   1 
ATOM   1037 C CA  . GLY A 1 142 ? -1.694  -9.102  4.815   1.00 18.33 ? 293  GLY A CA  1 
ATOM   1038 C C   . GLY A 1 142 ? -1.952  -9.679  3.426   1.00 18.97 ? 293  GLY A C   1 
ATOM   1039 O O   . GLY A 1 142 ? -3.079  -9.642  2.935   1.00 19.36 ? 293  GLY A O   1 
ATOM   1040 N N   . ALA A 1 143 ? -0.911  -10.233 2.801   1.00 18.01 ? 294  ALA A N   1 
ATOM   1041 C CA  . ALA A 1 143 ? -1.040  -10.826 1.471   1.00 17.97 ? 294  ALA A CA  1 
ATOM   1042 C C   . ALA A 1 143 ? -1.904  -12.080 1.573   1.00 18.54 ? 294  ALA A C   1 
ATOM   1043 O O   . ALA A 1 143 ? -2.680  -12.390 0.667   1.00 18.13 ? 294  ALA A O   1 
ATOM   1044 C CB  . ALA A 1 143 ? 0.331   -11.160 0.889   1.00 14.38 ? 294  ALA A CB  1 
ATOM   1045 N N   . PHE A 1 144 ? -1.771  -12.787 2.691   1.00 20.92 ? 295  PHE A N   1 
ATOM   1046 C CA  . PHE A 1 144 ? -2.563  -13.986 2.942   1.00 20.16 ? 295  PHE A CA  1 
ATOM   1047 C C   . PHE A 1 144 ? -4.047  -13.618 2.905   1.00 19.76 ? 295  PHE A C   1 
ATOM   1048 O O   . PHE A 1 144 ? -4.838  -14.260 2.212   1.00 17.12 ? 295  PHE A O   1 
ATOM   1049 C CB  . PHE A 1 144 ? -2.207  -14.590 4.307   1.00 22.62 ? 295  PHE A CB  1 
ATOM   1050 C CG  . PHE A 1 144 ? -3.297  -15.450 4.884   1.00 26.07 ? 295  PHE A CG  1 
ATOM   1051 C CD1 . PHE A 1 144 ? -3.586  -16.693 4.335   1.00 26.45 ? 295  PHE A CD1 1 
ATOM   1052 C CD2 . PHE A 1 144 ? -4.085  -14.982 5.930   1.00 27.72 ? 295  PHE A CD2 1 
ATOM   1053 C CE1 . PHE A 1 144 ? -4.648  -17.458 4.817   1.00 28.40 ? 295  PHE A CE1 1 
ATOM   1054 C CE2 . PHE A 1 144 ? -5.151  -15.741 6.419   1.00 29.64 ? 295  PHE A CE2 1 
ATOM   1055 C CZ  . PHE A 1 144 ? -5.432  -16.979 5.857   1.00 27.99 ? 295  PHE A CZ  1 
ATOM   1056 N N   . LYS A 1 145 ? -4.412  -12.580 3.656   1.00 20.41 ? 296  LYS A N   1 
ATOM   1057 C CA  . LYS A 1 145 ? -5.795  -12.110 3.716   1.00 22.68 ? 296  LYS A CA  1 
ATOM   1058 C C   . LYS A 1 145 ? -6.326  -11.716 2.340   1.00 20.34 ? 296  LYS A C   1 
ATOM   1059 O O   . LYS A 1 145 ? -7.443  -12.075 1.974   1.00 20.36 ? 296  LYS A O   1 
ATOM   1060 C CB  . LYS A 1 145 ? -5.924  -10.922 4.677   1.00 26.02 ? 296  LYS A CB  1 
ATOM   1061 C CG  . LYS A 1 145 ? -6.480  -11.279 6.059   1.00 35.31 ? 296  LYS A CG  1 
ATOM   1062 C CD  . LYS A 1 145 ? -5.463  -12.011 6.938   1.00 40.94 ? 296  LYS A CD  1 
ATOM   1063 C CE  . LYS A 1 145 ? -4.307  -11.112 7.376   1.00 43.72 ? 296  LYS A CE  1 
ATOM   1064 N NZ  . LYS A 1 145 ? -4.630  -10.213 8.528   1.00 48.31 ? 296  LYS A NZ  1 
ATOM   1065 N N   . VAL A 1 146 ? -5.510  -10.983 1.586   1.00 19.09 ? 297  VAL A N   1 
ATOM   1066 C CA  . VAL A 1 146 ? -5.873  -10.538 0.247   1.00 16.56 ? 297  VAL A CA  1 
ATOM   1067 C C   . VAL A 1 146 ? -6.202  -11.737 -0.627  1.00 16.73 ? 297  VAL A C   1 
ATOM   1068 O O   . VAL A 1 146 ? -7.247  -11.763 -1.279  1.00 17.21 ? 297  VAL A O   1 
ATOM   1069 C CB  . VAL A 1 146 ? -4.744  -9.689  -0.398  1.00 16.52 ? 297  VAL A CB  1 
ATOM   1070 C CG1 . VAL A 1 146 ? -5.048  -9.411  -1.868  1.00 14.96 ? 297  VAL A CG1 1 
ATOM   1071 C CG2 . VAL A 1 146 ? -4.594  -8.370  0.350   1.00 15.43 ? 297  VAL A CG2 1 
ATOM   1072 N N   . LYS A 1 147 ? -5.329  -12.741 -0.621  1.00 15.80 ? 298  LYS A N   1 
ATOM   1073 C CA  . LYS A 1 147 ? -5.561  -13.934 -1.421  1.00 16.88 ? 298  LYS A CA  1 
ATOM   1074 C C   . LYS A 1 147 ? -6.772  -14.719 -0.920  1.00 17.12 ? 298  LYS A C   1 
ATOM   1075 O O   . LYS A 1 147 ? -7.541  -15.247 -1.719  1.00 15.89 ? 298  LYS A O   1 
ATOM   1076 C CB  . LYS A 1 147 ? -4.317  -14.831 -1.459  1.00 14.13 ? 298  LYS A CB  1 
ATOM   1077 C CG  . LYS A 1 147 ? -3.105  -14.215 -2.160  1.00 15.22 ? 298  LYS A CG  1 
ATOM   1078 C CD  . LYS A 1 147 ? -3.447  -13.634 -3.538  1.00 13.19 ? 298  LYS A CD  1 
ATOM   1079 C CE  . LYS A 1 147 ? -4.121  -14.661 -4.434  1.00 15.12 ? 298  LYS A CE  1 
ATOM   1080 N NZ  . LYS A 1 147 ? -4.417  -14.073 -5.768  1.00 13.90 ? 298  LYS A NZ  1 
ATOM   1081 N N   . PHE A 1 148 ? -6.940  -14.781 0.399   1.00 19.22 ? 299  PHE A N   1 
ATOM   1082 C CA  . PHE A 1 148 ? -8.072  -15.485 1.009   1.00 22.28 ? 299  PHE A CA  1 
ATOM   1083 C C   . PHE A 1 148 ? -9.400  -14.922 0.476   1.00 23.65 ? 299  PHE A C   1 
ATOM   1084 O O   . PHE A 1 148 ? -10.375 -15.660 0.321   1.00 23.64 ? 299  PHE A O   1 
ATOM   1085 C CB  . PHE A 1 148 ? -8.018  -15.360 2.540   1.00 22.86 ? 299  PHE A CB  1 
ATOM   1086 C CG  . PHE A 1 148 ? -9.121  -16.100 3.257   1.00 27.36 ? 299  PHE A CG  1 
ATOM   1087 C CD1 . PHE A 1 148 ? -9.007  -17.462 3.523   1.00 28.74 ? 299  PHE A CD1 1 
ATOM   1088 C CD2 . PHE A 1 148 ? -10.279 -15.432 3.665   1.00 27.89 ? 299  PHE A CD2 1 
ATOM   1089 C CE1 . PHE A 1 148 ? -10.031 -18.154 4.182   1.00 30.83 ? 299  PHE A CE1 1 
ATOM   1090 C CE2 . PHE A 1 148 ? -11.307 -16.110 4.323   1.00 27.88 ? 299  PHE A CE2 1 
ATOM   1091 C CZ  . PHE A 1 148 ? -11.184 -17.476 4.582   1.00 29.20 ? 299  PHE A CZ  1 
ATOM   1092 N N   . TYR A 1 149 ? -9.418  -13.626 0.168   1.00 23.20 ? 300  TYR A N   1 
ATOM   1093 C CA  . TYR A 1 149 ? -10.614 -12.969 -0.350  1.00 24.83 ? 300  TYR A CA  1 
ATOM   1094 C C   . TYR A 1 149 ? -10.647 -12.839 -1.877  1.00 24.58 ? 300  TYR A C   1 
ATOM   1095 O O   . TYR A 1 149 ? -11.465 -12.100 -2.426  1.00 25.07 ? 300  TYR A O   1 
ATOM   1096 C CB  . TYR A 1 149 ? -10.798 -11.600 0.305   1.00 26.85 ? 300  TYR A CB  1 
ATOM   1097 C CG  . TYR A 1 149 ? -11.325 -11.683 1.719   1.00 30.93 ? 300  TYR A CG  1 
ATOM   1098 C CD1 . TYR A 1 149 ? -12.599 -12.189 1.974   1.00 33.01 ? 300  TYR A CD1 1 
ATOM   1099 C CD2 . TYR A 1 149 ? -10.549 -11.274 2.801   1.00 31.52 ? 300  TYR A CD2 1 
ATOM   1100 C CE1 . TYR A 1 149 ? -13.090 -12.285 3.270   1.00 33.59 ? 300  TYR A CE1 1 
ATOM   1101 C CE2 . TYR A 1 149 ? -11.029 -11.367 4.105   1.00 33.66 ? 300  TYR A CE2 1 
ATOM   1102 C CZ  . TYR A 1 149 ? -12.303 -11.874 4.330   1.00 35.21 ? 300  TYR A CZ  1 
ATOM   1103 O OH  . TYR A 1 149 ? -12.789 -11.970 5.614   1.00 38.02 ? 300  TYR A OH  1 
ATOM   1104 N N   . GLY A 1 150 ? -9.754  -13.548 -2.562  1.00 20.63 ? 301  GLY A N   1 
ATOM   1105 C CA  . GLY A 1 150 ? -9.736  -13.499 -4.013  1.00 18.85 ? 301  GLY A CA  1 
ATOM   1106 C C   . GLY A 1 150 ? -9.079  -12.284 -4.637  1.00 17.55 ? 301  GLY A C   1 
ATOM   1107 O O   . GLY A 1 150 ? -9.216  -12.053 -5.838  1.00 16.28 ? 301  GLY A O   1 
ATOM   1108 N N   . GLY A 1 151 ? -8.370  -11.504 -3.826  1.00 16.80 ? 302  GLY A N   1 
ATOM   1109 C CA  . GLY A 1 151 ? -7.684  -10.330 -4.338  1.00 16.02 ? 302  GLY A CA  1 
ATOM   1110 C C   . GLY A 1 151 ? -6.434  -10.690 -5.129  1.00 17.01 ? 302  GLY A C   1 
ATOM   1111 O O   . GLY A 1 151 ? -6.136  -11.872 -5.337  1.00 15.44 ? 302  GLY A O   1 
ATOM   1112 N N   . THR A 1 152 ? -5.680  -9.670  -5.522  1.00 16.28 ? 303  THR A N   1 
ATOM   1113 C CA  . THR A 1 152 ? -4.469  -9.841  -6.315  1.00 16.77 ? 303  THR A CA  1 
ATOM   1114 C C   . THR A 1 152 ? -3.246  -9.274  -5.586  1.00 15.86 ? 303  THR A C   1 
ATOM   1115 O O   . THR A 1 152 ? -3.315  -8.209  -4.973  1.00 15.44 ? 303  THR A O   1 
ATOM   1116 C CB  . THR A 1 152 ? -4.634  -9.139  -7.688  1.00 18.61 ? 303  THR A CB  1 
ATOM   1117 O OG1 . THR A 1 152 ? -5.701  -9.765  -8.418  1.00 21.01 ? 303  THR A OG1 1 
ATOM   1118 C CG2 . THR A 1 152 ? -3.347  -9.218  -8.503  1.00 19.36 ? 303  THR A CG2 1 
ATOM   1119 N N   . VAL A 1 153 ? -2.119  -9.967  -5.698  1.00 15.68 ? 304  VAL A N   1 
ATOM   1120 C CA  . VAL A 1 153 ? -0.896  -9.541  -5.024  1.00 16.99 ? 304  VAL A CA  1 
ATOM   1121 C C   . VAL A 1 153 ? 0.307   -9.365  -5.952  1.00 16.71 ? 304  VAL A C   1 
ATOM   1122 O O   . VAL A 1 153 ? 0.590   -10.210 -6.803  1.00 18.18 ? 304  VAL A O   1 
ATOM   1123 C CB  . VAL A 1 153 ? -0.524  -10.530 -3.897  1.00 15.95 ? 304  VAL A CB  1 
ATOM   1124 C CG1 . VAL A 1 153 ? 0.806   -10.149 -3.261  1.00 15.76 ? 304  VAL A CG1 1 
ATOM   1125 C CG2 . VAL A 1 153 ? -1.630  -10.576 -2.856  1.00 15.44 ? 304  VAL A CG2 1 
ATOM   1126 N N   . ILE A 1 154 ? 1.008   -8.252  -5.773  1.00 16.74 ? 305  ILE A N   1 
ATOM   1127 C CA  . ILE A 1 154 ? 2.196   -7.946  -6.552  1.00 15.92 ? 305  ILE A CA  1 
ATOM   1128 C C   . ILE A 1 154 ? 3.382   -7.767  -5.608  1.00 16.85 ? 305  ILE A C   1 
ATOM   1129 O O   . ILE A 1 154 ? 3.305   -7.023  -4.631  1.00 18.00 ? 305  ILE A O   1 
ATOM   1130 C CB  . ILE A 1 154 ? 2.019   -6.648  -7.370  1.00 13.76 ? 305  ILE A CB  1 
ATOM   1131 C CG1 . ILE A 1 154 ? 0.892   -6.810  -8.389  1.00 13.05 ? 305  ILE A CG1 1 
ATOM   1132 C CG2 . ILE A 1 154 ? 3.311   -6.302  -8.085  1.00 14.14 ? 305  ILE A CG2 1 
ATOM   1133 C CD1 . ILE A 1 154 ? 0.480   -5.502  -9.060  1.00 13.24 ? 305  ILE A CD1 1 
ATOM   1134 N N   . ALA A 1 155 ? 4.464   -8.487  -5.879  1.00 16.96 ? 306  ALA A N   1 
ATOM   1135 C CA  . ALA A 1 155 ? 5.676   -8.387  -5.073  1.00 16.85 ? 306  ALA A CA  1 
ATOM   1136 C C   . ALA A 1 155 ? 6.762   -7.758  -5.930  1.00 16.60 ? 306  ALA A C   1 
ATOM   1137 O O   . ALA A 1 155 ? 6.866   -8.057  -7.121  1.00 15.88 ? 306  ALA A O   1 
ATOM   1138 C CB  . ALA A 1 155 ? 6.115   -9.756  -4.599  1.00 16.08 ? 306  ALA A CB  1 
ATOM   1139 N N   . GLU A 1 156 ? 7.548   -6.867  -5.334  1.00 16.29 ? 307  GLU A N   1 
ATOM   1140 C CA  . GLU A 1 156 ? 8.620   -6.209  -6.063  1.00 16.89 ? 307  GLU A CA  1 
ATOM   1141 C C   . GLU A 1 156 ? 9.785   -7.167  -6.309  1.00 17.52 ? 307  GLU A C   1 
ATOM   1142 O O   . GLU A 1 156 ? 10.232  -7.875  -5.401  1.00 15.72 ? 307  GLU A O   1 
ATOM   1143 C CB  . GLU A 1 156 ? 9.107   -4.957  -5.325  1.00 16.58 ? 307  GLU A CB  1 
ATOM   1144 C CG  . GLU A 1 156 ? 10.174  -4.163  -6.108  1.00 17.41 ? 307  GLU A CG  1 
ATOM   1145 C CD  . GLU A 1 156 ? 10.615  -2.873  -5.419  1.00 18.43 ? 307  GLU A CD  1 
ATOM   1146 O OE1 . GLU A 1 156 ? 10.157  -2.591  -4.298  1.00 17.45 ? 307  GLU A OE1 1 
ATOM   1147 O OE2 . GLU A 1 156 ? 11.433  -2.133  -6.003  1.00 19.97 ? 307  GLU A OE2 1 
ATOM   1148 N N   . ASP A 1 157 ? 10.232  -7.215  -7.560  1.00 17.55 ? 308  ASP A N   1 
ATOM   1149 C CA  . ASP A 1 157 ? 11.342  -8.059  -7.978  1.00 20.17 ? 308  ASP A CA  1 
ATOM   1150 C C   . ASP A 1 157 ? 12.639  -7.565  -7.331  1.00 20.54 ? 308  ASP A C   1 
ATOM   1151 O O   . ASP A 1 157 ? 12.826  -6.361  -7.125  1.00 19.08 ? 308  ASP A O   1 
ATOM   1152 C CB  . ASP A 1 157 ? 11.462  -8.021  -9.510  1.00 23.74 ? 308  ASP A CB  1 
ATOM   1153 C CG  . ASP A 1 157 ? 12.503  -8.984  -10.048 1.00 24.69 ? 308  ASP A CG  1 
ATOM   1154 O OD1 . ASP A 1 157 ? 12.122  -10.076 -10.519 1.00 28.13 ? 308  ASP A OD1 1 
ATOM   1155 O OD2 . ASP A 1 157 ? 13.702  -8.651  -10.007 1.00 26.85 ? 308  ASP A OD2 1 
ATOM   1156 N N   . LYS A 1 158 ? 13.534  -8.500  -7.033  1.00 21.75 ? 309  LYS A N   1 
ATOM   1157 C CA  . LYS A 1 158 ? 14.825  -8.204  -6.407  1.00 24.65 ? 309  LYS A CA  1 
ATOM   1158 C C   . LYS A 1 158 ? 15.638  -7.139  -7.150  1.00 24.22 ? 309  LYS A C   1 
ATOM   1159 O O   . LYS A 1 158 ? 16.420  -6.407  -6.543  1.00 25.11 ? 309  LYS A O   1 
ATOM   1160 C CB  . LYS A 1 158 ? 15.656  -9.490  -6.292  1.00 28.42 ? 309  LYS A CB  1 
ATOM   1161 C CG  . LYS A 1 158 ? 16.928  -9.335  -5.471  1.00 35.20 ? 309  LYS A CG  1 
ATOM   1162 C CD  . LYS A 1 158 ? 17.742  -10.621 -5.434  1.00 38.03 ? 309  LYS A CD  1 
ATOM   1163 C CE  . LYS A 1 158 ? 18.985  -10.464 -4.565  1.00 39.68 ? 309  LYS A CE  1 
ATOM   1164 N NZ  . LYS A 1 158 ? 18.650  -10.270 -3.126  1.00 42.85 ? 309  LYS A NZ  1 
ATOM   1165 N N   . GLU A 1 159 ? 15.447  -7.053  -8.462  1.00 23.42 ? 310  GLU A N   1 
ATOM   1166 C CA  . GLU A 1 159 ? 16.165  -6.088  -9.294  1.00 22.36 ? 310  GLU A CA  1 
ATOM   1167 C C   . GLU A 1 159 ? 16.140  -4.653  -8.767  1.00 21.67 ? 310  GLU A C   1 
ATOM   1168 O O   . GLU A 1 159 ? 17.187  -4.013  -8.627  1.00 21.64 ? 310  GLU A O   1 
ATOM   1169 C CB  . GLU A 1 159 ? 15.603  -6.106  -10.718 1.00 23.48 ? 310  GLU A CB  1 
ATOM   1170 C CG  . GLU A 1 159 ? 16.267  -5.113  -11.671 1.00 26.46 ? 310  GLU A CG  1 
ATOM   1171 C CD  . GLU A 1 159 ? 15.571  -5.027  -13.022 1.00 29.62 ? 310  GLU A CD  1 
ATOM   1172 O OE1 . GLU A 1 159 ? 14.973  -6.028  -13.471 1.00 30.62 ? 310  GLU A OE1 1 
ATOM   1173 O OE2 . GLU A 1 159 ? 15.629  -3.945  -13.638 1.00 31.86 ? 310  GLU A OE2 1 
ATOM   1174 N N   . THR A 1 160 ? 14.945  -4.156  -8.463  1.00 19.38 ? 311  THR A N   1 
ATOM   1175 C CA  . THR A 1 160 ? 14.791  -2.787  -7.995  1.00 18.30 ? 311  THR A CA  1 
ATOM   1176 C C   . THR A 1 160 ? 14.747  -2.581  -6.478  1.00 17.93 ? 311  THR A C   1 
ATOM   1177 O O   . THR A 1 160 ? 14.632  -1.450  -6.015  1.00 16.99 ? 311  THR A O   1 
ATOM   1178 C CB  . THR A 1 160 ? 13.562  -2.130  -8.652  1.00 17.70 ? 311  THR A CB  1 
ATOM   1179 O OG1 . THR A 1 160 ? 12.405  -2.946  -8.437  1.00 15.41 ? 311  THR A OG1 1 
ATOM   1180 C CG2 . THR A 1 160 ? 13.787  -1.978  -10.155 1.00 18.68 ? 311  THR A CG2 1 
ATOM   1181 N N   . CYS A 1 161 ? 14.865  -3.663  -5.713  1.00 16.90 ? 312  CYS A N   1 
ATOM   1182 C CA  . CYS A 1 161 ? 14.836  -3.571  -4.255  1.00 16.66 ? 312  CYS A CA  1 
ATOM   1183 C C   . CYS A 1 161 ? 16.176  -3.204  -3.641  1.00 17.54 ? 312  CYS A C   1 
ATOM   1184 O O   . CYS A 1 161 ? 17.232  -3.607  -4.131  1.00 20.13 ? 312  CYS A O   1 
ATOM   1185 C CB  . CYS A 1 161 ? 14.416  -4.908  -3.626  1.00 15.73 ? 312  CYS A CB  1 
ATOM   1186 S SG  . CYS A 1 161 ? 12.715  -5.431  -3.869  1.00 16.64 ? 312  CYS A SG  1 
ATOM   1187 N N   . VAL A 1 162 ? 16.124  -2.451  -2.550  1.00 17.81 ? 313  VAL A N   1 
ATOM   1188 C CA  . VAL A 1 162 ? 17.329  -2.119  -1.813  1.00 17.55 ? 313  VAL A CA  1 
ATOM   1189 C C   . VAL A 1 162 ? 17.512  -3.334  -0.893  1.00 16.73 ? 313  VAL A C   1 
ATOM   1190 O O   . VAL A 1 162 ? 18.613  -3.873  -0.767  1.00 14.88 ? 313  VAL A O   1 
ATOM   1191 C CB  . VAL A 1 162 ? 17.173  -0.816  -1.007  1.00 16.33 ? 313  VAL A CB  1 
ATOM   1192 C CG1 . VAL A 1 162 ? 18.403  -0.585  -0.144  1.00 16.44 ? 313  VAL A CG1 1 
ATOM   1193 C CG2 . VAL A 1 162 ? 16.998  0.357   -1.966  1.00 16.21 ? 313  VAL A CG2 1 
ATOM   1194 N N   . VAL A 1 163 ? 16.396  -3.801  -0.330  1.00 16.99 ? 314  VAL A N   1 
ATOM   1195 C CA  . VAL A 1 163 ? 16.369  -4.976  0.541   1.00 17.72 ? 314  VAL A CA  1 
ATOM   1196 C C   . VAL A 1 163 ? 15.236  -5.899  0.076   1.00 18.98 ? 314  VAL A C   1 
ATOM   1197 O O   . VAL A 1 163 ? 14.060  -5.542  0.132   1.00 19.63 ? 314  VAL A O   1 
ATOM   1198 C CB  . VAL A 1 163 ? 16.159  -4.611  2.034   1.00 16.61 ? 314  VAL A CB  1 
ATOM   1199 C CG1 . VAL A 1 163 ? 16.032  -5.873  2.860   1.00 16.08 ? 314  VAL A CG1 1 
ATOM   1200 C CG2 . VAL A 1 163 ? 17.338  -3.797  2.558   1.00 17.56 ? 314  VAL A CG2 1 
ATOM   1201 N N   . PHE A 1 164 ? 15.604  -7.084  -0.392  1.00 19.93 ? 315  PHE A N   1 
ATOM   1202 C CA  . PHE A 1 164 ? 14.641  -8.059  -0.886  1.00 21.63 ? 315  PHE A CA  1 
ATOM   1203 C C   . PHE A 1 164 ? 14.176  -8.950  0.258   1.00 22.69 ? 315  PHE A C   1 
ATOM   1204 O O   . PHE A 1 164 ? 14.431  -10.149 0.255   1.00 27.03 ? 315  PHE A O   1 
ATOM   1205 C CB  . PHE A 1 164 ? 15.301  -8.905  -1.981  1.00 22.09 ? 315  PHE A CB  1 
ATOM   1206 C CG  . PHE A 1 164 ? 14.345  -9.773  -2.756  1.00 23.29 ? 315  PHE A CG  1 
ATOM   1207 C CD1 . PHE A 1 164 ? 13.199  -9.234  -3.331  1.00 20.41 ? 315  PHE A CD1 1 
ATOM   1208 C CD2 . PHE A 1 164 ? 14.627  -11.122 -2.961  1.00 23.61 ? 315  PHE A CD2 1 
ATOM   1209 C CE1 . PHE A 1 164 ? 12.355  -10.023 -4.100  1.00 19.86 ? 315  PHE A CE1 1 
ATOM   1210 C CE2 . PHE A 1 164 ? 13.785  -11.919 -3.732  1.00 22.58 ? 315  PHE A CE2 1 
ATOM   1211 C CZ  . PHE A 1 164 ? 12.646  -11.364 -4.302  1.00 21.89 ? 315  PHE A CZ  1 
ATOM   1212 N N   . GLY A 1 165 ? 13.542  -8.352  1.260   1.00 22.26 ? 316  GLY A N   1 
ATOM   1213 C CA  . GLY A 1 165 ? 13.059  -9.125  2.389   1.00 19.18 ? 316  GLY A CA  1 
ATOM   1214 C C   . GLY A 1 165 ? 11.551  -9.252  2.363   1.00 17.44 ? 316  GLY A C   1 
ATOM   1215 O O   . GLY A 1 165 ? 11.021  -10.358 2.263   1.00 17.78 ? 316  GLY A O   1 
ATOM   1216 N N   . MET A 1 166 ? 10.857  -8.118  2.435   1.00 16.49 ? 317  MET A N   1 
ATOM   1217 C CA  . MET A 1 166 ? 9.398   -8.111  2.424   1.00 15.77 ? 317  MET A CA  1 
ATOM   1218 C C   . MET A 1 166 ? 8.796   -8.801  1.203   1.00 16.59 ? 317  MET A C   1 
ATOM   1219 O O   . MET A 1 166 ? 7.908   -9.641  1.348   1.00 18.06 ? 317  MET A O   1 
ATOM   1220 C CB  . MET A 1 166 ? 8.854   -6.687  2.617   1.00 15.33 ? 317  MET A CB  1 
ATOM   1221 C CG  . MET A 1 166 ? 9.094   -6.164  4.041   1.00 20.55 ? 317  MET A CG  1 
ATOM   1222 S SD  . MET A 1 166 ? 8.613   -4.456  4.409   1.00 20.96 ? 317  MET A SD  1 
ATOM   1223 C CE  . MET A 1 166 ? 7.743   -3.991  2.904   1.00 24.88 ? 317  MET A CE  1 
ATOM   1224 N N   . PRO A 1 167 ? 9.280   -8.475  -0.016  1.00 17.25 ? 318  PRO A N   1 
ATOM   1225 C CA  . PRO A 1 167 ? 8.728   -9.127  -1.209  1.00 17.55 ? 318  PRO A CA  1 
ATOM   1226 C C   . PRO A 1 167 ? 9.042   -10.627 -1.215  1.00 19.44 ? 318  PRO A C   1 
ATOM   1227 O O   . PRO A 1 167 ? 8.188   -11.454 -1.559  1.00 18.69 ? 318  PRO A O   1 
ATOM   1228 C CB  . PRO A 1 167 ? 9.454   -8.420  -2.354  1.00 17.58 ? 318  PRO A CB  1 
ATOM   1229 C CG  . PRO A 1 167 ? 9.772   -7.066  -1.786  1.00 17.38 ? 318  PRO A CG  1 
ATOM   1230 C CD  . PRO A 1 167 ? 10.234  -7.415  -0.398  1.00 15.30 ? 318  PRO A CD  1 
ATOM   1231 N N   . LYS A 1 168 ? 10.270  -10.973 -0.832  1.00 19.71 ? 319  LYS A N   1 
ATOM   1232 C CA  . LYS A 1 168 ? 10.683  -12.370 -0.797  1.00 21.70 ? 319  LYS A CA  1 
ATOM   1233 C C   . LYS A 1 168 ? 9.807   -13.202 0.131   1.00 20.03 ? 319  LYS A C   1 
ATOM   1234 O O   . LYS A 1 168 ? 9.432   -14.324 -0.207  1.00 20.57 ? 319  LYS A O   1 
ATOM   1235 C CB  . LYS A 1 168 ? 12.152  -12.507 -0.378  1.00 22.98 ? 319  LYS A CB  1 
ATOM   1236 C CG  . LYS A 1 168 ? 12.644  -13.940 -0.432  1.00 28.04 ? 319  LYS A CG  1 
ATOM   1237 C CD  . LYS A 1 168 ? 14.162  -14.052 -0.405  1.00 32.41 ? 319  LYS A CD  1 
ATOM   1238 C CE  . LYS A 1 168 ? 14.703  -14.227 0.998   1.00 36.05 ? 319  LYS A CE  1 
ATOM   1239 N NZ  . LYS A 1 168 ? 16.146  -14.618 0.956   1.00 41.43 ? 319  LYS A NZ  1 
ATOM   1240 N N   . SER A 1 169 ? 9.493   -12.654 1.302   1.00 18.66 ? 320  SER A N   1 
ATOM   1241 C CA  . SER A 1 169 ? 8.659   -13.357 2.270   1.00 19.26 ? 320  SER A CA  1 
ATOM   1242 C C   . SER A 1 169 ? 7.274   -13.632 1.684   1.00 19.40 ? 320  SER A C   1 
ATOM   1243 O O   . SER A 1 169 ? 6.701   -14.699 1.906   1.00 18.71 ? 320  SER A O   1 
ATOM   1244 C CB  . SER A 1 169 ? 8.544   -12.549 3.560   1.00 18.60 ? 320  SER A CB  1 
ATOM   1245 O OG  . SER A 1 169 ? 7.650   -13.172 4.459   1.00 20.98 ? 320  SER A OG  1 
ATOM   1246 N N   . VAL A 1 170 ? 6.747   -12.664 0.934   1.00 18.43 ? 321  VAL A N   1 
ATOM   1247 C CA  . VAL A 1 170 ? 5.445   -12.807 0.281   1.00 18.46 ? 321  VAL A CA  1 
ATOM   1248 C C   . VAL A 1 170 ? 5.527   -13.906 -0.782  1.00 18.26 ? 321  VAL A C   1 
ATOM   1249 O O   . VAL A 1 170 ? 4.661   -14.780 -0.850  1.00 19.53 ? 321  VAL A O   1 
ATOM   1250 C CB  . VAL A 1 170 ? 4.995   -11.474 -0.394  1.00 17.94 ? 321  VAL A CB  1 
ATOM   1251 C CG1 . VAL A 1 170 ? 3.833   -11.711 -1.350  1.00 17.39 ? 321  VAL A CG1 1 
ATOM   1252 C CG2 . VAL A 1 170 ? 4.598   -10.462 0.661   1.00 15.95 ? 321  VAL A CG2 1 
ATOM   1253 N N   . ILE A 1 171 ? 6.586   -13.870 -1.588  1.00 17.52 ? 322  ILE A N   1 
ATOM   1254 C CA  . ILE A 1 171 ? 6.796   -14.851 -2.657  1.00 18.64 ? 322  ILE A CA  1 
ATOM   1255 C C   . ILE A 1 171 ? 6.977   -16.278 -2.129  1.00 19.96 ? 322  ILE A C   1 
ATOM   1256 O O   . ILE A 1 171 ? 6.409   -17.225 -2.684  1.00 17.26 ? 322  ILE A O   1 
ATOM   1257 C CB  . ILE A 1 171 ? 8.023   -14.475 -3.536  1.00 18.47 ? 322  ILE A CB  1 
ATOM   1258 C CG1 . ILE A 1 171 ? 7.787   -13.125 -4.218  1.00 16.88 ? 322  ILE A CG1 1 
ATOM   1259 C CG2 . ILE A 1 171 ? 8.298   -15.565 -4.586  1.00 17.50 ? 322  ILE A CG2 1 
ATOM   1260 C CD1 . ILE A 1 171 ? 9.052   -12.494 -4.763  1.00 19.58 ? 322  ILE A CD1 1 
ATOM   1261 N N   . GLU A 1 172 ? 7.751   -16.427 -1.054  1.00 19.36 ? 323  GLU A N   1 
ATOM   1262 C CA  . GLU A 1 172 ? 7.997   -17.743 -0.473  1.00 21.95 ? 323  GLU A CA  1 
ATOM   1263 C C   . GLU A 1 172 ? 6.752   -18.452 0.061   1.00 22.32 ? 323  GLU A C   1 
ATOM   1264 O O   . GLU A 1 172 ? 6.743   -19.678 0.183   1.00 22.71 ? 323  GLU A O   1 
ATOM   1265 C CB  . GLU A 1 172 ? 9.085   -17.666 0.598   1.00 23.30 ? 323  GLU A CB  1 
ATOM   1266 C CG  . GLU A 1 172 ? 10.468  -17.434 0.007   1.00 27.34 ? 323  GLU A CG  1 
ATOM   1267 C CD  . GLU A 1 172 ? 11.573  -17.357 1.048   1.00 28.60 ? 323  GLU A CD  1 
ATOM   1268 O OE1 . GLU A 1 172 ? 11.264  -17.234 2.256   1.00 32.19 ? 323  GLU A OE1 1 
ATOM   1269 O OE2 . GLU A 1 172 ? 12.758  -17.416 0.650   1.00 29.87 ? 323  GLU A OE2 1 
ATOM   1270 N N   . GLU A 1 173 ? 5.713   -17.691 0.396   1.00 20.97 ? 324  GLU A N   1 
ATOM   1271 C CA  . GLU A 1 173 ? 4.472   -18.285 0.878   1.00 20.61 ? 324  GLU A CA  1 
ATOM   1272 C C   . GLU A 1 173 ? 3.586   -18.670 -0.302  1.00 21.74 ? 324  GLU A C   1 
ATOM   1273 O O   . GLU A 1 173 ? 2.597   -19.386 -0.139  1.00 23.07 ? 324  GLU A O   1 
ATOM   1274 C CB  . GLU A 1 173 ? 3.712   -17.315 1.782   1.00 22.02 ? 324  GLU A CB  1 
ATOM   1275 C CG  . GLU A 1 173 ? 4.374   -17.035 3.115   1.00 24.25 ? 324  GLU A CG  1 
ATOM   1276 C CD  . GLU A 1 173 ? 4.650   -18.293 3.915   1.00 26.94 ? 324  GLU A CD  1 
ATOM   1277 O OE1 . GLU A 1 173 ? 3.715   -19.099 4.122   1.00 29.26 ? 324  GLU A OE1 1 
ATOM   1278 O OE2 . GLU A 1 173 ? 5.807   -18.473 4.340   1.00 27.51 ? 324  GLU A OE2 1 
ATOM   1279 N N   . GLY A 1 174 ? 3.952   -18.184 -1.487  1.00 21.11 ? 325  GLY A N   1 
ATOM   1280 C CA  . GLY A 1 174 ? 3.194   -18.460 -2.691  1.00 21.10 ? 325  GLY A CA  1 
ATOM   1281 C C   . GLY A 1 174 ? 2.047   -17.478 -2.889  1.00 22.37 ? 325  GLY A C   1 
ATOM   1282 O O   . GLY A 1 174 ? 1.142   -17.734 -3.684  1.00 21.48 ? 325  GLY A O   1 
ATOM   1283 N N   . TYR A 1 175 ? 2.114   -16.333 -2.208  1.00 20.57 ? 326  TYR A N   1 
ATOM   1284 C CA  . TYR A 1 175 ? 1.058   -15.321 -2.297  1.00 21.11 ? 326  TYR A CA  1 
ATOM   1285 C C   . TYR A 1 175 ? 1.174   -14.327 -3.445  1.00 21.15 ? 326  TYR A C   1 
ATOM   1286 O O   . TYR A 1 175 ? 0.225   -13.585 -3.715  1.00 20.81 ? 326  TYR A O   1 
ATOM   1287 C CB  . TYR A 1 175 ? 0.942   -14.543 -0.984  1.00 20.38 ? 326  TYR A CB  1 
ATOM   1288 C CG  . TYR A 1 175 ? 0.586   -15.388 0.219   1.00 20.33 ? 326  TYR A CG  1 
ATOM   1289 C CD1 . TYR A 1 175 ? -0.223  -16.522 0.089   1.00 19.61 ? 326  TYR A CD1 1 
ATOM   1290 C CD2 . TYR A 1 175 ? 1.058   -15.055 1.486   1.00 19.39 ? 326  TYR A CD2 1 
ATOM   1291 C CE1 . TYR A 1 175 ? -0.551  -17.301 1.193   1.00 18.63 ? 326  TYR A CE1 1 
ATOM   1292 C CE2 . TYR A 1 175 ? 0.737   -15.828 2.597   1.00 21.27 ? 326  TYR A CE2 1 
ATOM   1293 C CZ  . TYR A 1 175 ? -0.068  -16.949 2.441   1.00 21.16 ? 326  TYR A CZ  1 
ATOM   1294 O OH  . TYR A 1 175 ? -0.395  -17.704 3.538   1.00 23.06 ? 326  TYR A OH  1 
ATOM   1295 N N   . ALA A 1 176 ? 2.323   -14.304 -4.117  1.00 19.25 ? 327  ALA A N   1 
ATOM   1296 C CA  . ALA A 1 176 ? 2.524   -13.368 -5.217  1.00 19.88 ? 327  ALA A CA  1 
ATOM   1297 C C   . ALA A 1 176 ? 1.970   -13.843 -6.558  1.00 19.42 ? 327  ALA A C   1 
ATOM   1298 O O   . ALA A 1 176 ? 2.270   -14.942 -7.012  1.00 19.98 ? 327  ALA A O   1 
ATOM   1299 C CB  . ALA A 1 176 ? 4.010   -13.016 -5.355  1.00 17.18 ? 327  ALA A CB  1 
ATOM   1300 N N   . ASP A 1 177 ? 1.133   -13.014 -7.171  1.00 18.97 ? 328  ASP A N   1 
ATOM   1301 C CA  . ASP A 1 177 ? 0.571   -13.327 -8.479  1.00 21.07 ? 328  ASP A CA  1 
ATOM   1302 C C   . ASP A 1 177 ? 1.525   -12.768 -9.528  1.00 20.35 ? 328  ASP A C   1 
ATOM   1303 O O   . ASP A 1 177 ? 1.602   -13.278 -10.639 1.00 21.56 ? 328  ASP A O   1 
ATOM   1304 C CB  . ASP A 1 177 ? -0.814  -12.695 -8.655  1.00 20.12 ? 328  ASP A CB  1 
ATOM   1305 C CG  . ASP A 1 177 ? -1.834  -13.250 -7.687  1.00 20.27 ? 328  ASP A CG  1 
ATOM   1306 O OD1 . ASP A 1 177 ? -2.080  -14.472 -7.708  1.00 22.14 ? 328  ASP A OD1 1 
ATOM   1307 O OD2 . ASP A 1 177 ? -2.389  -12.460 -6.900  1.00 20.71 ? 328  ASP A OD2 1 
ATOM   1308 N N   . TYR A 1 178 ? 2.244   -11.713 -9.151  1.00 20.41 ? 329  TYR A N   1 
ATOM   1309 C CA  . TYR A 1 178 ? 3.212   -11.057 -10.025 1.00 21.06 ? 329  TYR A CA  1 
ATOM   1310 C C   . TYR A 1 178 ? 4.457   -10.654 -9.239  1.00 22.09 ? 329  TYR A C   1 
ATOM   1311 O O   . TYR A 1 178 ? 4.373   -10.242 -8.080  1.00 22.25 ? 329  TYR A O   1 
ATOM   1312 C CB  . TYR A 1 178 ? 2.612   -9.788  -10.648 1.00 21.61 ? 329  TYR A CB  1 
ATOM   1313 C CG  . TYR A 1 178 ? 1.351   -10.012 -11.443 1.00 25.06 ? 329  TYR A CG  1 
ATOM   1314 C CD1 . TYR A 1 178 ? 1.403   -10.475 -12.761 1.00 25.50 ? 329  TYR A CD1 1 
ATOM   1315 C CD2 . TYR A 1 178 ? 0.099   -9.772  -10.878 1.00 25.66 ? 329  TYR A CD2 1 
ATOM   1316 C CE1 . TYR A 1 178 ? 0.237   -10.694 -13.494 1.00 25.98 ? 329  TYR A CE1 1 
ATOM   1317 C CE2 . TYR A 1 178 ? -1.070  -9.990  -11.602 1.00 27.33 ? 329  TYR A CE2 1 
ATOM   1318 C CZ  . TYR A 1 178 ? -0.994  -10.451 -12.905 1.00 27.30 ? 329  TYR A CZ  1 
ATOM   1319 O OH  . TYR A 1 178 ? -2.154  -10.683 -13.609 1.00 29.61 ? 329  TYR A OH  1 
ATOM   1320 N N   . VAL A 1 179 ? 5.613   -10.816 -9.871  1.00 22.48 ? 330  VAL A N   1 
ATOM   1321 C CA  . VAL A 1 179 ? 6.890   -10.427 -9.283  1.00 21.67 ? 330  VAL A CA  1 
ATOM   1322 C C   . VAL A 1 179 ? 7.432   -9.481  -10.343 1.00 21.12 ? 330  VAL A C   1 
ATOM   1323 O O   . VAL A 1 179 ? 7.819   -9.914  -11.428 1.00 22.24 ? 330  VAL A O   1 
ATOM   1324 C CB  . VAL A 1 179 ? 7.829   -11.637 -9.096  1.00 21.08 ? 330  VAL A CB  1 
ATOM   1325 C CG1 . VAL A 1 179 ? 9.149   -11.181 -8.482  1.00 18.60 ? 330  VAL A CG1 1 
ATOM   1326 C CG2 . VAL A 1 179 ? 7.163   -12.677 -8.192  1.00 18.99 ? 330  VAL A CG2 1 
ATOM   1327 N N   . LEU A 1 180 ? 7.416   -8.186  -10.048 1.00 21.32 ? 331  LEU A N   1 
ATOM   1328 C CA  . LEU A 1 180 ? 7.839   -7.187  -11.023 1.00 21.34 ? 331  LEU A CA  1 
ATOM   1329 C C   . LEU A 1 180 ? 8.770   -6.106  -10.507 1.00 20.77 ? 331  LEU A C   1 
ATOM   1330 O O   . LEU A 1 180 ? 8.659   -5.671  -9.362  1.00 20.69 ? 331  LEU A O   1 
ATOM   1331 C CB  . LEU A 1 180 ? 6.598   -6.482  -11.583 1.00 21.54 ? 331  LEU A CB  1 
ATOM   1332 C CG  . LEU A 1 180 ? 5.479   -7.302  -12.229 1.00 21.31 ? 331  LEU A CG  1 
ATOM   1333 C CD1 . LEU A 1 180 ? 4.209   -6.478  -12.243 1.00 22.73 ? 331  LEU A CD1 1 
ATOM   1334 C CD2 . LEU A 1 180 ? 5.871   -7.714  -13.637 1.00 21.82 ? 331  LEU A CD2 1 
ATOM   1335 N N   . PRO A 1 181 ? 9.720   -5.666  -11.349 1.00 20.17 ? 332  PRO A N   1 
ATOM   1336 C CA  . PRO A 1 181 ? 10.625  -4.606  -10.899 1.00 18.71 ? 332  PRO A CA  1 
ATOM   1337 C C   . PRO A 1 181 ? 9.725   -3.377  -10.752 1.00 18.58 ? 332  PRO A C   1 
ATOM   1338 O O   . PRO A 1 181 ? 8.699   -3.278  -11.425 1.00 19.52 ? 332  PRO A O   1 
ATOM   1339 C CB  . PRO A 1 181 ? 11.615  -4.488  -12.058 1.00 16.53 ? 332  PRO A CB  1 
ATOM   1340 C CG  . PRO A 1 181 ? 10.839  -4.967  -13.246 1.00 19.22 ? 332  PRO A CG  1 
ATOM   1341 C CD  . PRO A 1 181 ? 10.097  -6.154  -12.685 1.00 18.71 ? 332  PRO A CD  1 
ATOM   1342 N N   . ALA A 1 182 ? 10.072  -2.480  -9.838  1.00 19.61 ? 333  ALA A N   1 
ATOM   1343 C CA  . ALA A 1 182 ? 9.260   -1.294  -9.564  1.00 19.57 ? 333  ALA A CA  1 
ATOM   1344 C C   . ALA A 1 182 ? 8.710   -0.553  -10.778 1.00 19.67 ? 333  ALA A C   1 
ATOM   1345 O O   . ALA A 1 182 ? 7.528   -0.213  -10.806 1.00 21.27 ? 333  ALA A O   1 
ATOM   1346 C CB  . ALA A 1 182 ? 10.018  -0.334  -8.659  1.00 18.55 ? 333  ALA A CB  1 
ATOM   1347 N N   . TYR A 1 183 ? 9.554   -0.323  -11.781 1.00 20.44 ? 334  TYR A N   1 
ATOM   1348 C CA  . TYR A 1 183 ? 9.139   0.394   -12.987 1.00 20.15 ? 334  TYR A CA  1 
ATOM   1349 C C   . TYR A 1 183 ? 8.046   -0.285  -13.822 1.00 20.80 ? 334  TYR A C   1 
ATOM   1350 O O   . TYR A 1 183 ? 7.352   0.383   -14.594 1.00 21.21 ? 334  TYR A O   1 
ATOM   1351 C CB  . TYR A 1 183 ? 10.355  0.751   -13.859 1.00 20.55 ? 334  TYR A CB  1 
ATOM   1352 C CG  . TYR A 1 183 ? 11.227  -0.422  -14.275 1.00 18.47 ? 334  TYR A CG  1 
ATOM   1353 C CD1 . TYR A 1 183 ? 10.917  -1.183  -15.405 1.00 17.62 ? 334  TYR A CD1 1 
ATOM   1354 C CD2 . TYR A 1 183 ? 12.369  -0.757  -13.548 1.00 17.60 ? 334  TYR A CD2 1 
ATOM   1355 C CE1 . TYR A 1 183 ? 11.723  -2.247  -15.801 1.00 16.56 ? 334  TYR A CE1 1 
ATOM   1356 C CE2 . TYR A 1 183 ? 13.180  -1.817  -13.932 1.00 16.61 ? 334  TYR A CE2 1 
ATOM   1357 C CZ  . TYR A 1 183 ? 12.850  -2.557  -15.063 1.00 17.13 ? 334  TYR A CZ  1 
ATOM   1358 O OH  . TYR A 1 183 ? 13.645  -3.609  -15.452 1.00 18.84 ? 334  TYR A OH  1 
ATOM   1359 N N   . LYS A 1 184 ? 7.897   -1.603  -13.691 1.00 20.05 ? 335  LYS A N   1 
ATOM   1360 C CA  . LYS A 1 184 ? 6.852   -2.311  -14.434 1.00 20.46 ? 335  LYS A CA  1 
ATOM   1361 C C   . LYS A 1 184 ? 5.548   -2.417  -13.643 1.00 20.68 ? 335  LYS A C   1 
ATOM   1362 O O   . LYS A 1 184 ? 4.518   -2.821  -14.182 1.00 20.68 ? 335  LYS A O   1 
ATOM   1363 C CB  . LYS A 1 184 ? 7.317   -3.705  -14.862 1.00 21.52 ? 335  LYS A CB  1 
ATOM   1364 C CG  . LYS A 1 184 ? 8.140   -3.717  -16.148 1.00 23.57 ? 335  LYS A CG  1 
ATOM   1365 C CD  . LYS A 1 184 ? 8.424   -5.137  -16.610 1.00 25.11 ? 335  LYS A CD  1 
ATOM   1366 C CE  . LYS A 1 184 ? 9.171   -5.168  -17.943 1.00 26.40 ? 335  LYS A CE  1 
ATOM   1367 N NZ  . LYS A 1 184 ? 8.351   -4.633  -19.071 1.00 25.09 ? 335  LYS A NZ  1 
ATOM   1368 N N   . ILE A 1 185 ? 5.606   -2.064  -12.362 1.00 19.34 ? 336  ILE A N   1 
ATOM   1369 C CA  . ILE A 1 185 ? 4.438   -2.116  -11.486 1.00 18.38 ? 336  ILE A CA  1 
ATOM   1370 C C   . ILE A 1 185 ? 3.316   -1.146  -11.896 1.00 18.09 ? 336  ILE A C   1 
ATOM   1371 O O   . ILE A 1 185 ? 2.153   -1.535  -11.912 1.00 18.98 ? 336  ILE A O   1 
ATOM   1372 C CB  . ILE A 1 185 ? 4.847   -1.930  -9.992  1.00 15.21 ? 336  ILE A CB  1 
ATOM   1373 C CG1 . ILE A 1 185 ? 5.728   -3.107  -9.552  1.00 14.38 ? 336  ILE A CG1 1 
ATOM   1374 C CG2 . ILE A 1 185 ? 3.614   -1.819  -9.093  1.00 13.62 ? 336  ILE A CG2 1 
ATOM   1375 C CD1 . ILE A 1 185 ? 6.019   -3.159  -8.055  1.00 12.28 ? 336  ILE A CD1 1 
ATOM   1376 N N   . PRO A 1 186 ? 3.646   0.118   -12.236 1.00 20.00 ? 337  PRO A N   1 
ATOM   1377 C CA  . PRO A 1 186 ? 2.614   1.085   -12.644 1.00 20.11 ? 337  PRO A CA  1 
ATOM   1378 C C   . PRO A 1 186 ? 1.825   0.578   -13.845 1.00 21.46 ? 337  PRO A C   1 
ATOM   1379 O O   . PRO A 1 186 ? 0.605   0.731   -13.916 1.00 21.02 ? 337  PRO A O   1 
ATOM   1380 C CB  . PRO A 1 186 ? 3.438   2.304   -13.060 1.00 20.55 ? 337  PRO A CB  1 
ATOM   1381 C CG  . PRO A 1 186 ? 4.628   2.215   -12.223 1.00 20.20 ? 337  PRO A CG  1 
ATOM   1382 C CD  . PRO A 1 186 ? 4.973   0.757   -12.239 1.00 18.42 ? 337  PRO A CD  1 
ATOM   1383 N N   . GLU A 1 187 ? 2.543   -0.022  -14.789 1.00 22.43 ? 338  GLU A N   1 
ATOM   1384 C CA  . GLU A 1 187 ? 1.948   -0.552  -16.014 1.00 24.89 ? 338  GLU A CA  1 
ATOM   1385 C C   . GLU A 1 187 ? 0.994   -1.689  -15.699 1.00 24.76 ? 338  GLU A C   1 
ATOM   1386 O O   . GLU A 1 187 ? -0.091  -1.768  -16.270 1.00 25.84 ? 338  GLU A O   1 
ATOM   1387 C CB  . GLU A 1 187 ? 3.048   -1.015  -16.981 1.00 26.32 ? 338  GLU A CB  1 
ATOM   1388 C CG  . GLU A 1 187 ? 4.110   0.068   -17.233 1.00 31.16 ? 338  GLU A CG  1 
ATOM   1389 C CD  . GLU A 1 187 ? 5.326   -0.412  -18.016 1.00 33.28 ? 338  GLU A CD  1 
ATOM   1390 O OE1 . GLU A 1 187 ? 6.084   0.458   -18.494 1.00 35.49 ? 338  GLU A OE1 1 
ATOM   1391 O OE2 . GLU A 1 187 ? 5.541   -1.639  -18.140 1.00 36.55 ? 338  GLU A OE2 1 
ATOM   1392 N N   . LYS A 1 188 ? 1.391   -2.551  -14.767 1.00 23.34 ? 339  LYS A N   1 
ATOM   1393 C CA  . LYS A 1 188 ? 0.556   -3.674  -14.371 1.00 22.11 ? 339  LYS A CA  1 
ATOM   1394 C C   . LYS A 1 188 ? -0.698  -3.165  -13.660 1.00 22.51 ? 339  LYS A C   1 
ATOM   1395 O O   . LYS A 1 188 ? -1.796  -3.664  -13.905 1.00 22.37 ? 339  LYS A O   1 
ATOM   1396 C CB  . LYS A 1 188 ? 1.341   -4.636  -13.475 1.00 20.01 ? 339  LYS A CB  1 
ATOM   1397 C CG  . LYS A 1 188 ? 0.553   -5.847  -12.994 1.00 21.90 ? 339  LYS A CG  1 
ATOM   1398 C CD  . LYS A 1 188 ? -0.071  -6.637  -14.140 1.00 24.64 ? 339  LYS A CD  1 
ATOM   1399 C CE  . LYS A 1 188 ? 0.975   -7.268  -15.042 1.00 25.90 ? 339  LYS A CE  1 
ATOM   1400 N NZ  . LYS A 1 188 ? 0.337   -8.113  -16.090 1.00 29.35 ? 339  LYS A NZ  1 
ATOM   1401 N N   . LEU A 1 189 ? -0.534  -2.157  -12.802 1.00 22.16 ? 340  LEU A N   1 
ATOM   1402 C CA  . LEU A 1 189 ? -1.663  -1.582  -12.070 1.00 22.80 ? 340  LEU A CA  1 
ATOM   1403 C C   . LEU A 1 189 ? -2.684  -0.988  -13.035 1.00 24.78 ? 340  LEU A C   1 
ATOM   1404 O O   . LEU A 1 189 ? -3.887  -1.203  -12.883 1.00 25.37 ? 340  LEU A O   1 
ATOM   1405 C CB  . LEU A 1 189 ? -1.194  -0.510  -11.073 1.00 18.13 ? 340  LEU A CB  1 
ATOM   1406 C CG  . LEU A 1 189 ? -0.412  -1.007  -9.850  1.00 17.20 ? 340  LEU A CG  1 
ATOM   1407 C CD1 . LEU A 1 189 ? -0.016  0.168   -8.953  1.00 12.36 ? 340  LEU A CD1 1 
ATOM   1408 C CD2 . LEU A 1 189 ? -1.254  -2.021  -9.079  1.00 14.75 ? 340  LEU A CD2 1 
ATOM   1409 N N   . ILE A 1 190 ? -2.192  -0.270  -14.041 1.00 26.32 ? 341  ILE A N   1 
ATOM   1410 C CA  . ILE A 1 190 ? -3.049  0.349   -15.046 1.00 29.26 ? 341  ILE A CA  1 
ATOM   1411 C C   . ILE A 1 190 ? -3.891  -0.686  -15.796 1.00 30.73 ? 341  ILE A C   1 
ATOM   1412 O O   . ILE A 1 190 ? -5.049  -0.420  -16.121 1.00 30.65 ? 341  ILE A O   1 
ATOM   1413 C CB  . ILE A 1 190 ? -2.220  1.213   -16.039 1.00 29.55 ? 341  ILE A CB  1 
ATOM   1414 C CG1 . ILE A 1 190 ? -1.707  2.462   -15.321 1.00 27.48 ? 341  ILE A CG1 1 
ATOM   1415 C CG2 . ILE A 1 190 ? -3.067  1.623   -17.257 1.00 30.16 ? 341  ILE A CG2 1 
ATOM   1416 C CD1 . ILE A 1 190 ? -0.702  3.251   -16.112 1.00 30.01 ? 341  ILE A CD1 1 
ATOM   1417 N N   . GLU A 1 191 ? -3.339  -1.872  -16.041 1.00 33.46 ? 342  GLU A N   1 
ATOM   1418 C CA  . GLU A 1 191 ? -4.112  -2.890  -16.743 1.00 36.73 ? 342  GLU A CA  1 
ATOM   1419 C C   . GLU A 1 191 ? -4.988  -3.762  -15.840 1.00 35.99 ? 342  GLU A C   1 
ATOM   1420 O O   . GLU A 1 191 ? -5.917  -4.410  -16.316 1.00 36.88 ? 342  GLU A O   1 
ATOM   1421 C CB  . GLU A 1 191 ? -3.235  -3.730  -17.683 1.00 40.70 ? 342  GLU A CB  1 
ATOM   1422 C CG  . GLU A 1 191 ? -2.013  -4.373  -17.067 1.00 45.75 ? 342  GLU A CG  1 
ATOM   1423 C CD  . GLU A 1 191 ? -1.173  -5.126  -18.095 1.00 49.57 ? 342  GLU A CD  1 
ATOM   1424 O OE1 . GLU A 1 191 ? -0.741  -4.506  -19.096 1.00 51.83 ? 342  GLU A OE1 1 
ATOM   1425 O OE2 . GLU A 1 191 ? -0.939  -6.337  -17.903 1.00 51.47 ? 342  GLU A OE2 1 
ATOM   1426 N N   . LEU A 1 192 ? -4.731  -3.743  -14.535 1.00 35.48 ? 343  LEU A N   1 
ATOM   1427 C CA  . LEU A 1 192 ? -5.539  -4.533  -13.605 1.00 35.87 ? 343  LEU A CA  1 
ATOM   1428 C C   . LEU A 1 192 ? -6.808  -3.803  -13.171 1.00 36.10 ? 343  LEU A C   1 
ATOM   1429 O O   . LEU A 1 192 ? -7.823  -4.437  -12.899 1.00 35.15 ? 343  LEU A O   1 
ATOM   1430 C CB  . LEU A 1 192 ? -4.735  -4.933  -12.364 1.00 36.10 ? 343  LEU A CB  1 
ATOM   1431 C CG  . LEU A 1 192 ? -3.579  -5.925  -12.505 1.00 36.23 ? 343  LEU A CG  1 
ATOM   1432 C CD1 . LEU A 1 192 ? -2.998  -6.193  -11.134 1.00 36.93 ? 343  LEU A CD1 1 
ATOM   1433 C CD2 . LEU A 1 192 ? -4.048  -7.226  -13.138 1.00 37.72 ? 343  LEU A CD2 1 
ATOM   1434 N N   . VAL A 1 193 ? -6.751  -2.475  -13.093 1.00 38.25 ? 344  VAL A N   1 
ATOM   1435 C CA  . VAL A 1 193 ? -7.916  -1.689  -12.687 1.00 41.36 ? 344  VAL A CA  1 
ATOM   1436 C C   . VAL A 1 193 ? -8.857  -1.373  -13.865 1.00 43.87 ? 344  VAL A C   1 
ATOM   1437 O O   . VAL A 1 193 ? -9.101  -0.184  -14.167 1.00 46.90 ? 344  VAL A O   1 
ATOM   1438 C CB  . VAL A 1 193 ? -7.501  -0.392  -11.923 1.00 39.44 ? 344  VAL A CB  1 
ATOM   1439 C CG1 . VAL A 1 193 ? -6.839  -0.751  -10.609 1.00 39.11 ? 344  VAL A CG1 1 
ATOM   1440 C CG2 . VAL A 1 193 ? -6.563  0.455   -12.762 1.00 39.61 ? 344  VAL A CG2 1 
ATOM   1441 O OXT . VAL A 1 193 ? -9.362  -2.338  -14.481 1.00 46.97 ? 344  VAL A OXT 1 
HETATM 1442 O O   . HOH B 2 .   ? 14.949  -9.162  5.713   1.00 16.31 ? 1000 HOH A O   1 
HETATM 1443 O O   . HOH B 2 .   ? 6.617   -9.581  3.754   1.00 14.11 ? 1001 HOH A O   1 
HETATM 1444 O O   . HOH B 2 .   ? 1.773   -20.375 2.231   1.00 23.48 ? 1002 HOH A O   1 
HETATM 1445 O O   . HOH B 2 .   ? 3.403   -10.452 7.997   1.00 19.93 ? 1003 HOH A O   1 
HETATM 1446 O O   . HOH B 2 .   ? 14.087  5.898   -7.966  1.00 25.85 ? 1004 HOH A O   1 
HETATM 1447 O O   . HOH B 2 .   ? -1.291  5.367   10.207  1.00 20.73 ? 1005 HOH A O   1 
HETATM 1448 O O   . HOH B 2 .   ? -1.357  0.215   9.067   1.00 21.72 ? 1006 HOH A O   1 
HETATM 1449 O O   . HOH B 2 .   ? 4.439   -16.277 -4.679  1.00 25.53 ? 1007 HOH A O   1 
HETATM 1450 O O   . HOH B 2 .   ? 12.150  1.982   6.355   1.00 29.87 ? 1008 HOH A O   1 
HETATM 1451 O O   . HOH B 2 .   ? 12.967  -11.436 -7.875  1.00 26.23 ? 1009 HOH A O   1 
HETATM 1452 O O   . HOH B 2 .   ? 14.119  0.800   -3.852  1.00 18.93 ? 1010 HOH A O   1 
HETATM 1453 O O   . HOH B 2 .   ? 3.335   11.908  10.958  1.00 27.42 ? 1011 HOH A O   1 
HETATM 1454 O O   . HOH B 2 .   ? 0.859   -16.050 6.186   1.00 19.39 ? 1012 HOH A O   1 
HETATM 1455 O O   . HOH B 2 .   ? 8.629   -5.792  7.914   1.00 24.99 ? 1013 HOH A O   1 
HETATM 1456 O O   . HOH B 2 .   ? 5.549   -12.347 -12.497 1.00 27.78 ? 1014 HOH A O   1 
HETATM 1457 O O   . HOH B 2 .   ? 9.003   -21.320 0.453   1.00 26.02 ? 1015 HOH A O   1 
HETATM 1458 O O   . HOH B 2 .   ? -9.429  -16.990 -3.435  1.00 27.55 ? 1016 HOH A O   1 
HETATM 1459 O O   . HOH B 2 .   ? 9.122   -8.799  10.401  1.00 35.77 ? 1017 HOH A O   1 
HETATM 1460 O O   . HOH B 2 .   ? -1.123  -15.873 -5.593  1.00 28.10 ? 1018 HOH A O   1 
HETATM 1461 O O   . HOH B 2 .   ? -5.222  -12.900 -8.723  1.00 35.19 ? 1019 HOH A O   1 
HETATM 1462 O O   . HOH B 2 .   ? 5.065   -7.278  -16.767 1.00 34.12 ? 1020 HOH A O   1 
HETATM 1463 O O   . HOH B 2 .   ? 3.511   5.351   5.987   1.00 17.34 ? 1021 HOH A O   1 
HETATM 1464 O O   . HOH B 2 .   ? -11.286 0.956   -9.163  1.00 28.28 ? 1022 HOH A O   1 
HETATM 1465 O O   . HOH B 2 .   ? 0.095   15.786  3.535   1.00 30.15 ? 1023 HOH A O   1 
HETATM 1466 O O   . HOH B 2 .   ? 4.075   -7.569  10.177  1.00 34.29 ? 1024 HOH A O   1 
HETATM 1467 O O   . HOH B 2 .   ? 17.782  -13.673 -2.351  1.00 40.97 ? 1025 HOH A O   1 
HETATM 1468 O O   . HOH B 2 .   ? 10.897  -0.704  10.072  1.00 36.39 ? 1026 HOH A O   1 
HETATM 1469 O O   . HOH B 2 .   ? 18.244  -8.108  -0.038  1.00 25.26 ? 1027 HOH A O   1 
HETATM 1470 O O   . HOH B 2 .   ? -7.945  -7.463  -7.088  1.00 24.16 ? 1028 HOH A O   1 
HETATM 1471 O O   . HOH B 2 .   ? 1.813   -4.576  -17.798 1.00 39.07 ? 1029 HOH A O   1 
HETATM 1472 O O   . HOH B 2 .   ? 5.658   2.105   10.255  1.00 22.63 ? 1030 HOH A O   1 
HETATM 1473 O O   . HOH B 2 .   ? -4.429  -11.123 -12.179 1.00 27.42 ? 1031 HOH A O   1 
HETATM 1474 O O   . HOH B 2 .   ? 9.472   11.196  -7.013  1.00 25.06 ? 1032 HOH A O   1 
HETATM 1475 O O   . HOH B 2 .   ? 5.230   5.438   13.366  1.00 31.83 ? 1033 HOH A O   1 
HETATM 1476 O O   . HOH B 2 .   ? -1.340  -15.808 -10.636 1.00 48.22 ? 1034 HOH A O   1 
HETATM 1477 O O   . HOH B 2 .   ? -13.243 13.353  3.432   1.00 36.62 ? 1035 HOH A O   1 
HETATM 1478 O O   . HOH B 2 .   ? 1.784   16.372  0.159   1.00 34.98 ? 1036 HOH A O   1 
HETATM 1479 O O   . HOH B 2 .   ? 5.406   4.722   9.393   1.00 27.18 ? 1037 HOH A O   1 
HETATM 1480 O O   . HOH B 2 .   ? 0.678   10.387  -10.733 1.00 36.39 ? 1038 HOH A O   1 
HETATM 1481 O O   . HOH B 2 .   ? 13.567  11.531  -5.147  1.00 35.70 ? 1039 HOH A O   1 
HETATM 1482 O O   . HOH B 2 .   ? 11.339  13.400  -5.981  1.00 37.16 ? 1040 HOH A O   1 
HETATM 1483 O O   . HOH B 2 .   ? -15.424 6.460   -4.678  1.00 57.50 ? 1041 HOH A O   1 
HETATM 1484 O O   . HOH B 2 .   ? 7.730   -16.366 4.253   1.00 24.42 ? 1042 HOH A O   1 
HETATM 1485 O O   . HOH B 2 .   ? 0.250   16.394  -7.507  1.00 29.88 ? 1043 HOH A O   1 
HETATM 1486 O O   . HOH B 2 .   ? 5.110   15.015  10.321  1.00 47.11 ? 1044 HOH A O   1 
HETATM 1487 O O   . HOH B 2 .   ? 3.946   -4.851  -16.092 1.00 29.03 ? 1045 HOH A O   1 
HETATM 1488 O O   . HOH B 2 .   ? -7.879  -13.696 -8.152  1.00 41.98 ? 1046 HOH A O   1 
HETATM 1489 O O   . HOH B 2 .   ? -5.891  7.135   -6.799  1.00 27.20 ? 1047 HOH A O   1 
HETATM 1490 O O   . HOH B 2 .   ? 16.787  5.116   -9.006  1.00 42.06 ? 1048 HOH A O   1 
HETATM 1491 O O   . HOH B 2 .   ? 14.632  8.207   -6.716  1.00 28.30 ? 1049 HOH A O   1 
HETATM 1492 O O   . HOH B 2 .   ? -12.808 8.144   12.400  1.00 54.56 ? 1050 HOH A O   1 
HETATM 1493 O O   . HOH B 2 .   ? 7.236   -10.983 -14.643 1.00 48.18 ? 1051 HOH A O   1 
HETATM 1494 O O   . HOH B 2 .   ? -5.535  4.076   -15.541 1.00 35.82 ? 1052 HOH A O   1 
HETATM 1495 O O   . HOH B 2 .   ? -21.431 0.176   3.673   1.00 30.05 ? 1053 HOH A O   1 
HETATM 1496 O O   . HOH B 2 .   ? -6.052  13.164  -9.236  1.00 50.90 ? 1054 HOH A O   1 
HETATM 1497 O O   . HOH B 2 .   ? 11.463  12.821  0.750   1.00 46.58 ? 1055 HOH A O   1 
HETATM 1498 O O   . HOH B 2 .   ? 7.296   3.008   -14.979 1.00 33.88 ? 1056 HOH A O   1 
HETATM 1499 O O   . HOH B 2 .   ? -8.956  -14.879 7.312   1.00 54.22 ? 1057 HOH A O   1 
HETATM 1500 O O   . HOH B 2 .   ? -21.628 2.931   10.413  1.00 32.67 ? 1058 HOH A O   1 
HETATM 1501 O O   . HOH B 2 .   ? -12.802 2.104   -5.258  1.00 29.92 ? 1059 HOH A O   1 
HETATM 1502 O O   . HOH B 2 .   ? -2.266  12.309  -16.103 1.00 39.64 ? 1060 HOH A O   1 
HETATM 1503 O O   . HOH B 2 .   ? -9.513  12.341  0.327   1.00 30.50 ? 1061 HOH A O   1 
HETATM 1504 O O   . HOH B 2 .   ? -12.044 -6.415  -13.181 1.00 49.91 ? 1062 HOH A O   1 
HETATM 1505 O O   . HOH B 2 .   ? 2.650   -14.025 -13.094 1.00 50.46 ? 1063 HOH A O   1 
HETATM 1506 O O   . HOH B 2 .   ? -10.864 -9.021  -9.603  1.00 57.06 ? 1064 HOH A O   1 
HETATM 1507 O O   . HOH B 2 .   ? -15.578 -10.157 -4.094  1.00 34.53 ? 1065 HOH A O   1 
HETATM 1508 O O   . HOH B 2 .   ? 3.249   17.753  -9.560  1.00 51.97 ? 1066 HOH A O   1 
HETATM 1509 O O   . HOH B 2 .   ? 10.193  -14.041 -10.954 1.00 39.57 ? 1067 HOH A O   1 
HETATM 1510 O O   . HOH B 2 .   ? -8.489  15.939  -6.753  1.00 50.65 ? 1068 HOH A O   1 
HETATM 1511 O O   . HOH B 2 .   ? -10.896 -13.886 -7.368  1.00 41.93 ? 1069 HOH A O   1 
HETATM 1512 O O   . HOH B 2 .   ? -10.623 -18.641 0.511   1.00 64.76 ? 1070 HOH A O   1 
HETATM 1513 O O   . HOH B 2 .   ? 13.265  -6.263  -15.985 1.00 35.80 ? 1071 HOH A O   1 
HETATM 1514 O O   . HOH B 2 .   ? 11.335  -3.363  11.163  1.00 55.09 ? 1072 HOH A O   1 
HETATM 1515 O O   . HOH B 2 .   ? -6.694  -9.481  13.073  1.00 49.61 ? 1073 HOH A O   1 
HETATM 1516 O O   . HOH B 2 .   ? 18.310  -2.213  -6.714  1.00 38.94 ? 1074 HOH A O   1 
HETATM 1517 O O   . HOH B 2 .   ? 3.127   3.594   -16.462 1.00 37.03 ? 1075 HOH A O   1 
HETATM 1518 O O   . HOH B 2 .   ? -4.492  4.817   -18.230 1.00 39.46 ? 1076 HOH A O   1 
HETATM 1519 O O   . HOH B 2 .   ? -5.211  11.282  -16.190 1.00 47.19 ? 1077 HOH A O   1 
HETATM 1520 O O   . HOH B 2 .   ? 11.429  15.306  11.431  1.00 50.69 ? 1078 HOH A O   1 
HETATM 1521 O O   . HOH B 2 .   ? -9.388  12.813  -12.851 1.00 68.34 ? 1079 HOH A O   1 
HETATM 1522 O O   . HOH B 2 .   ? 8.068   14.663  7.410   1.00 47.25 ? 1080 HOH A O   1 
HETATM 1523 O O   . HOH B 2 .   ? -7.596  -6.820  -9.927  1.00 39.65 ? 1081 HOH A O   1 
HETATM 1524 O O   . HOH B 2 .   ? 19.851  4.964   -5.679  1.00 39.03 ? 1082 HOH A O   1 
HETATM 1525 O O   . HOH B 2 .   ? -6.595  -9.128  -11.377 1.00 30.84 ? 1083 HOH A O   1 
HETATM 1526 O O   . HOH B 2 .   ? 10.971  -2.943  7.931   1.00 29.95 ? 1084 HOH A O   1 
HETATM 1527 O O   . HOH B 2 .   ? -2.205  -5.126  16.818  1.00 54.95 ? 1085 HOH A O   1 
HETATM 1528 O O   . HOH B 2 .   ? 11.986  -9.661  -15.068 1.00 47.98 ? 1086 HOH A O   1 
HETATM 1529 O O   . HOH B 2 .   ? -9.241  9.653   -10.327 1.00 56.33 ? 1087 HOH A O   1 
HETATM 1530 O O   . HOH B 2 .   ? 11.564  -15.028 4.233   1.00 46.34 ? 1088 HOH A O   1 
HETATM 1531 O O   . HOH B 2 .   ? -14.091 -12.960 -2.128  1.00 40.90 ? 1089 HOH A O   1 
HETATM 1532 O O   . HOH B 2 .   ? 12.770  7.209   -10.561 1.00 49.06 ? 1090 HOH A O   1 
HETATM 1533 O O   . HOH B 2 .   ? -0.368  -0.670  -18.947 1.00 46.08 ? 1091 HOH A O   1 
HETATM 1534 O O   . HOH B 2 .   ? -4.789  -15.658 13.593  1.00 57.15 ? 1092 HOH A O   1 
HETATM 1535 O O   . HOH B 2 .   ? 0.103   10.924  13.533  1.00 49.78 ? 1093 HOH A O   1 
HETATM 1536 O O   . HOH B 2 .   ? 9.229   -5.661  10.870  1.00 44.31 ? 1094 HOH A O   1 
HETATM 1537 O O   . HOH B 2 .   ? -2.977  11.749  13.773  1.00 54.81 ? 1095 HOH A O   1 
HETATM 1538 O O   . HOH B 2 .   ? -24.846 3.163   -1.182  1.00 47.63 ? 1096 HOH A O   1 
HETATM 1539 O O   . HOH B 2 .   ? -18.023 -3.846  3.516   1.00 50.78 ? 1097 HOH A O   1 
HETATM 1540 O O   . HOH B 2 .   ? 3.323   -1.858  21.026  1.00 36.53 ? 1098 HOH A O   1 
HETATM 1541 O O   . HOH B 2 .   ? 6.978   1.763   12.798  1.00 42.24 ? 1099 HOH A O   1 
HETATM 1542 O O   . HOH B 2 .   ? 13.199  -3.003  14.494  1.00 52.77 ? 1100 HOH A O   1 
HETATM 1543 O O   . HOH B 2 .   ? 8.014   -8.965  15.286  1.00 57.62 ? 1101 HOH A O   1 
HETATM 1544 O O   . HOH B 2 .   ? 3.886   -10.605 15.471  1.00 53.18 ? 1102 HOH A O   1 
HETATM 1545 O O   . HOH B 2 .   ? 2.660   1.330   22.660  1.00 58.20 ? 1103 HOH A O   1 
HETATM 1546 O O   . HOH B 2 .   ? -3.453  -4.678  20.665  1.00 44.25 ? 1104 HOH A O   1 
HETATM 1547 O O   . HOH B 2 .   ? 8.356   -2.016  -19.336 1.00 37.53 ? 1105 HOH A O   1 
# 
loop_
_pdbx_poly_seq_scheme.asym_id 
_pdbx_poly_seq_scheme.entity_id 
_pdbx_poly_seq_scheme.seq_id 
_pdbx_poly_seq_scheme.mon_id 
_pdbx_poly_seq_scheme.ndb_seq_num 
_pdbx_poly_seq_scheme.pdb_seq_num 
_pdbx_poly_seq_scheme.auth_seq_num 
_pdbx_poly_seq_scheme.pdb_mon_id 
_pdbx_poly_seq_scheme.auth_mon_id 
_pdbx_poly_seq_scheme.pdb_strand_id 
_pdbx_poly_seq_scheme.pdb_ins_code 
_pdbx_poly_seq_scheme.hetero 
A 1 1   GLY 1   152 ?   ?   ?   A . n 
A 1 2   SER 2   153 ?   ?   ?   A . n 
A 1 3   HIS 3   154 ?   ?   ?   A . n 
A 1 4   MET 4   155 ?   ?   ?   A . n 
A 1 5   VAL 5   156 156 VAL VAL A . n 
A 1 6   SER 6   157 157 SER SER A . n 
A 1 7   GLY 7   158 158 GLY GLY A . n 
A 1 8   LYS 8   159 159 LYS LYS A . n 
A 1 9   ILE 9   160 160 ILE ILE A . n 
A 1 10  VAL 10  161 161 VAL VAL A . n 
A 1 11  VAL 11  162 162 VAL VAL A . n 
A 1 12  ILE 12  163 163 ILE ILE A . n 
A 1 13  GLY 13  164 164 GLY GLY A . n 
A 1 14  SER 14  165 165 SER SER A . n 
A 1 15  SER 15  166 166 SER SER A . n 
A 1 16  THR 16  167 167 THR THR A . n 
A 1 17  GLY 17  168 168 GLY GLY A . n 
A 1 18  GLY 18  169 169 GLY GLY A . n 
A 1 19  PRO 19  170 170 PRO PRO A . n 
A 1 20  ARG 20  171 171 ARG ARG A . n 
A 1 21  SER 21  172 172 SER SER A . n 
A 1 22  LEU 22  173 173 LEU LEU A . n 
A 1 23  ASP 23  174 174 ASP ASP A . n 
A 1 24  MET 24  175 175 MET MET A . n 
A 1 25  ILE 25  176 176 ILE ILE A . n 
A 1 26  ILE 26  177 177 ILE ILE A . n 
A 1 27  PRO 27  178 178 PRO PRO A . n 
A 1 28  ASN 28  179 179 ASN ASN A . n 
A 1 29  LEU 29  180 180 LEU LEU A . n 
A 1 30  PRO 30  181 181 PRO PRO A . n 
A 1 31  LYS 31  182 182 LYS LYS A . n 
A 1 32  ASN 32  183 183 ASN ASN A . n 
A 1 33  PHE 33  184 184 PHE PHE A . n 
A 1 34  PRO 34  185 185 PRO PRO A . n 
A 1 35  ALA 35  186 186 ALA ALA A . n 
A 1 36  PRO 36  187 187 PRO PRO A . n 
A 1 37  ILE 37  188 188 ILE ILE A . n 
A 1 38  VAL 38  189 189 VAL VAL A . n 
A 1 39  VAL 39  190 190 VAL VAL A . n 
A 1 40  VAL 40  191 191 VAL VAL A . n 
A 1 41  GLN 41  192 192 GLN GLN A . n 
A 1 42  HIS 42  193 193 HIS HIS A . n 
A 1 43  MET 43  194 194 MET MET A . n 
A 1 44  PRO 44  195 195 PRO PRO A . n 
A 1 45  PRO 45  196 196 PRO PRO A . n 
A 1 46  GLY 46  197 197 GLY GLY A . n 
A 1 47  PHE 47  198 198 PHE PHE A . n 
A 1 48  THR 48  199 199 THR THR A . n 
A 1 49  LYS 49  200 200 LYS LYS A . n 
A 1 50  SER 50  201 201 SER SER A . n 
A 1 51  LEU 51  202 202 LEU LEU A . n 
A 1 52  ALA 52  203 203 ALA ALA A . n 
A 1 53  MET 53  204 204 MET MET A . n 
A 1 54  ARG 54  205 205 ARG ARG A . n 
A 1 55  LEU 55  206 206 LEU LEU A . n 
A 1 56  ASP 56  207 207 ASP ASP A . n 
A 1 57  SER 57  208 208 SER SER A . n 
A 1 58  THR 58  209 209 THR THR A . n 
A 1 59  SER 59  210 210 SER SER A . n 
A 1 60  GLU 60  211 211 GLU GLU A . n 
A 1 61  LEU 61  212 212 LEU LEU A . n 
A 1 62  THR 62  213 213 THR THR A . n 
A 1 63  VAL 63  214 214 VAL VAL A . n 
A 1 64  LYS 64  215 215 LYS LYS A . n 
A 1 65  GLU 65  216 216 GLU GLU A . n 
A 1 66  ALA 66  217 217 ALA ALA A . n 
A 1 67  GLU 67  218 218 GLU GLU A . n 
A 1 68  ASP 68  219 219 ASP ASP A . n 
A 1 69  GLY 69  220 220 GLY GLY A . n 
A 1 70  GLU 70  221 221 GLU GLU A . n 
A 1 71  GLU 71  222 222 GLU GLU A . n 
A 1 72  VAL 72  223 223 VAL VAL A . n 
A 1 73  LYS 73  224 224 LYS LYS A . n 
A 1 74  PRO 74  225 225 PRO PRO A . n 
A 1 75  GLY 75  226 226 GLY GLY A . n 
A 1 76  PHE 76  227 227 PHE PHE A . n 
A 1 77  VAL 77  228 228 VAL VAL A . n 
A 1 78  TYR 78  229 229 TYR TYR A . n 
A 1 79  ILE 79  230 230 ILE ILE A . n 
A 1 80  ALA 80  231 231 ALA ALA A . n 
A 1 81  PRO 81  232 232 PRO PRO A . n 
A 1 82  GLY 82  233 233 GLY GLY A . n 
A 1 83  ASP 83  234 234 ASP ASP A . n 
A 1 84  PHE 84  235 235 PHE PHE A . n 
A 1 85  HIS 85  236 236 HIS HIS A . n 
A 1 86  LEU 86  237 237 LEU LEU A . n 
A 1 87  GLY 87  238 238 GLY GLY A . n 
A 1 88  LEU 88  239 239 LEU LEU A . n 
A 1 89  LYS 89  240 240 LYS LYS A . n 
A 1 90  ALA 90  241 241 ALA ALA A . n 
A 1 91  GLN 91  242 242 GLN GLN A . n 
A 1 92  ASN 92  243 243 ASN ASN A . n 
A 1 93  GLY 93  244 244 GLY GLY A . n 
A 1 94  LYS 94  245 245 LYS LYS A . n 
A 1 95  VAL 95  246 246 VAL VAL A . n 
A 1 96  PHE 96  247 247 PHE PHE A . n 
A 1 97  PHE 97  248 248 PHE PHE A . n 
A 1 98  PHE 98  249 249 PHE PHE A . n 
A 1 99  LEU 99  250 250 LEU LEU A . n 
A 1 100 ASP 100 251 251 ASP ASP A . n 
A 1 101 LYS 101 252 252 LYS LYS A . n 
A 1 102 SER 102 253 253 SER SER A . n 
A 1 103 ASP 103 254 254 ASP ASP A . n 
A 1 104 LYS 104 255 255 LYS LYS A . n 
A 1 105 ILE 105 256 256 ILE ILE A . n 
A 1 106 ASN 106 257 257 ASN ASN A . n 
A 1 107 ASN 107 258 258 ASN ASN A . n 
A 1 108 VAL 108 259 259 VAL VAL A . n 
A 1 109 ARG 109 260 260 ARG ARG A . n 
A 1 110 PRO 110 261 261 PRO PRO A . n 
A 1 111 ALA 111 262 262 ALA ALA A . n 
A 1 112 VAL 112 263 263 VAL VAL A . n 
A 1 113 ASP 113 264 264 ASP ASP A . n 
A 1 114 PHE 114 265 265 PHE PHE A . n 
A 1 115 THR 115 266 266 THR THR A . n 
A 1 116 LEU 116 267 267 LEU LEU A . n 
A 1 117 ASP 117 268 268 ASP ASP A . n 
A 1 118 LYS 118 269 269 LYS LYS A . n 
A 1 119 ALA 119 270 270 ALA ALA A . n 
A 1 120 ALA 120 271 271 ALA ALA A . n 
A 1 121 GLU 121 272 272 GLU GLU A . n 
A 1 122 ILE 122 273 273 ILE ILE A . n 
A 1 123 TYR 123 274 274 TYR TYR A . n 
A 1 124 LYS 124 275 275 LYS LYS A . n 
A 1 125 SER 125 276 276 SER SER A . n 
A 1 126 LYS 126 277 277 LYS LYS A . n 
A 1 127 THR 127 278 278 THR THR A . n 
A 1 128 ILE 128 279 279 ILE ILE A . n 
A 1 129 ALA 129 280 280 ALA ALA A . n 
A 1 130 VAL 130 281 281 VAL VAL A . n 
A 1 131 ILE 131 282 282 ILE ILE A . n 
A 1 132 LEU 132 283 283 LEU LEU A . n 
A 1 133 THR 133 284 284 THR THR A . n 
A 1 134 GLY 134 285 285 GLY GLY A . n 
A 1 135 MET 135 286 286 MET MET A . n 
A 1 136 GLY 136 287 287 GLY GLY A . n 
A 1 137 LYS 137 288 288 LYS LYS A . n 
A 1 138 ASP 138 289 289 ASP ASP A . n 
A 1 139 GLY 139 290 290 GLY GLY A . n 
A 1 140 THR 140 291 291 THR THR A . n 
A 1 141 LYS 141 292 292 LYS LYS A . n 
A 1 142 GLY 142 293 293 GLY GLY A . n 
A 1 143 ALA 143 294 294 ALA ALA A . n 
A 1 144 PHE 144 295 295 PHE PHE A . n 
A 1 145 LYS 145 296 296 LYS LYS A . n 
A 1 146 VAL 146 297 297 VAL VAL A . n 
A 1 147 LYS 147 298 298 LYS LYS A . n 
A 1 148 PHE 148 299 299 PHE PHE A . n 
A 1 149 TYR 149 300 300 TYR TYR A . n 
A 1 150 GLY 150 301 301 GLY GLY A . n 
A 1 151 GLY 151 302 302 GLY GLY A . n 
A 1 152 THR 152 303 303 THR THR A . n 
A 1 153 VAL 153 304 304 VAL VAL A . n 
A 1 154 ILE 154 305 305 ILE ILE A . n 
A 1 155 ALA 155 306 306 ALA ALA A . n 
A 1 156 GLU 156 307 307 GLU GLU A . n 
A 1 157 ASP 157 308 308 ASP ASP A . n 
A 1 158 LYS 158 309 309 LYS LYS A . n 
A 1 159 GLU 159 310 310 GLU GLU A . n 
A 1 160 THR 160 311 311 THR THR A . n 
A 1 161 CYS 161 312 312 CYS CYS A . n 
A 1 162 VAL 162 313 313 VAL VAL A . n 
A 1 163 VAL 163 314 314 VAL VAL A . n 
A 1 164 PHE 164 315 315 PHE PHE A . n 
A 1 165 GLY 165 316 316 GLY GLY A . n 
A 1 166 MET 166 317 317 MET MET A . n 
A 1 167 PRO 167 318 318 PRO PRO A . n 
A 1 168 LYS 168 319 319 LYS LYS A . n 
A 1 169 SER 169 320 320 SER SER A . n 
A 1 170 VAL 170 321 321 VAL VAL A . n 
A 1 171 ILE 171 322 322 ILE ILE A . n 
A 1 172 GLU 172 323 323 GLU GLU A . n 
A 1 173 GLU 173 324 324 GLU GLU A . n 
A 1 174 GLY 174 325 325 GLY GLY A . n 
A 1 175 TYR 175 326 326 TYR TYR A . n 
A 1 176 ALA 176 327 327 ALA ALA A . n 
A 1 177 ASP 177 328 328 ASP ASP A . n 
A 1 178 TYR 178 329 329 TYR TYR A . n 
A 1 179 VAL 179 330 330 VAL VAL A . n 
A 1 180 LEU 180 331 331 LEU LEU A . n 
A 1 181 PRO 181 332 332 PRO PRO A . n 
A 1 182 ALA 182 333 333 ALA ALA A . n 
A 1 183 TYR 183 334 334 TYR TYR A . n 
A 1 184 LYS 184 335 335 LYS LYS A . n 
A 1 185 ILE 185 336 336 ILE ILE A . n 
A 1 186 PRO 186 337 337 PRO PRO A . n 
A 1 187 GLU 187 338 338 GLU GLU A . n 
A 1 188 LYS 188 339 339 LYS LYS A . n 
A 1 189 LEU 189 340 340 LEU LEU A . n 
A 1 190 ILE 190 341 341 ILE ILE A . n 
A 1 191 GLU 191 342 342 GLU GLU A . n 
A 1 192 LEU 192 343 343 LEU LEU A . n 
A 1 193 VAL 193 344 344 VAL VAL A . n 
# 
loop_
_pdbx_nonpoly_scheme.asym_id 
_pdbx_nonpoly_scheme.entity_id 
_pdbx_nonpoly_scheme.mon_id 
_pdbx_nonpoly_scheme.ndb_seq_num 
_pdbx_nonpoly_scheme.pdb_seq_num 
_pdbx_nonpoly_scheme.auth_seq_num 
_pdbx_nonpoly_scheme.pdb_mon_id 
_pdbx_nonpoly_scheme.auth_mon_id 
_pdbx_nonpoly_scheme.pdb_strand_id 
_pdbx_nonpoly_scheme.pdb_ins_code 
B 2 HOH 1   1000 1000 HOH WAT A . 
B 2 HOH 2   1001 1001 HOH WAT A . 
B 2 HOH 3   1002 1002 HOH WAT A . 
B 2 HOH 4   1003 1003 HOH WAT A . 
B 2 HOH 5   1004 1004 HOH WAT A . 
B 2 HOH 6   1005 1005 HOH WAT A . 
B 2 HOH 7   1006 1006 HOH WAT A . 
B 2 HOH 8   1007 1007 HOH WAT A . 
B 2 HOH 9   1008 1008 HOH WAT A . 
B 2 HOH 10  1009 1009 HOH WAT A . 
B 2 HOH 11  1010 1010 HOH WAT A . 
B 2 HOH 12  1011 1011 HOH WAT A . 
B 2 HOH 13  1012 1012 HOH WAT A . 
B 2 HOH 14  1013 1013 HOH WAT A . 
B 2 HOH 15  1014 1014 HOH WAT A . 
B 2 HOH 16  1015 1015 HOH WAT A . 
B 2 HOH 17  1016 1016 HOH WAT A . 
B 2 HOH 18  1017 1017 HOH WAT A . 
B 2 HOH 19  1018 1018 HOH WAT A . 
B 2 HOH 20  1019 1019 HOH WAT A . 
B 2 HOH 21  1020 1020 HOH WAT A . 
B 2 HOH 22  1021 1021 HOH WAT A . 
B 2 HOH 23  1022 1022 HOH WAT A . 
B 2 HOH 24  1023 1023 HOH WAT A . 
B 2 HOH 25  1024 1024 HOH WAT A . 
B 2 HOH 26  1025 1025 HOH WAT A . 
B 2 HOH 27  1026 1026 HOH WAT A . 
B 2 HOH 28  1027 1027 HOH WAT A . 
B 2 HOH 29  1028 1028 HOH WAT A . 
B 2 HOH 30  1029 1029 HOH WAT A . 
B 2 HOH 31  1030 1030 HOH WAT A . 
B 2 HOH 32  1031 1031 HOH WAT A . 
B 2 HOH 33  1032 1032 HOH WAT A . 
B 2 HOH 34  1033 1033 HOH WAT A . 
B 2 HOH 35  1034 1034 HOH WAT A . 
B 2 HOH 36  1035 1035 HOH WAT A . 
B 2 HOH 37  1036 1036 HOH WAT A . 
B 2 HOH 38  1037 1037 HOH WAT A . 
B 2 HOH 39  1038 1038 HOH WAT A . 
B 2 HOH 40  1039 1039 HOH WAT A . 
B 2 HOH 41  1040 1040 HOH WAT A . 
B 2 HOH 42  1041 1041 HOH WAT A . 
B 2 HOH 43  1042 1042 HOH WAT A . 
B 2 HOH 44  1043 1043 HOH WAT A . 
B 2 HOH 45  1044 1044 HOH WAT A . 
B 2 HOH 46  1045 1045 HOH WAT A . 
B 2 HOH 47  1046 1046 HOH WAT A . 
B 2 HOH 48  1047 1047 HOH WAT A . 
B 2 HOH 49  1048 1048 HOH WAT A . 
B 2 HOH 50  1049 1049 HOH WAT A . 
B 2 HOH 51  1050 1050 HOH WAT A . 
B 2 HOH 52  1051 1051 HOH WAT A . 
B 2 HOH 53  1052 1052 HOH WAT A . 
B 2 HOH 54  1053 1053 HOH WAT A . 
B 2 HOH 55  1054 1054 HOH WAT A . 
B 2 HOH 56  1055 1055 HOH WAT A . 
B 2 HOH 57  1056 1056 HOH WAT A . 
B 2 HOH 58  1057 1057 HOH WAT A . 
B 2 HOH 59  1058 1058 HOH WAT A . 
B 2 HOH 60  1059 1059 HOH WAT A . 
B 2 HOH 61  1060 1060 HOH WAT A . 
B 2 HOH 62  1061 1061 HOH WAT A . 
B 2 HOH 63  1062 1062 HOH WAT A . 
B 2 HOH 64  1063 1063 HOH WAT A . 
B 2 HOH 65  1064 1064 HOH WAT A . 
B 2 HOH 66  1065 1065 HOH WAT A . 
B 2 HOH 67  1066 1066 HOH WAT A . 
B 2 HOH 68  1067 1067 HOH WAT A . 
B 2 HOH 69  1068 1068 HOH WAT A . 
B 2 HOH 70  1069 1069 HOH WAT A . 
B 2 HOH 71  1070 1070 HOH WAT A . 
B 2 HOH 72  1071 1071 HOH WAT A . 
B 2 HOH 73  1072 1072 HOH WAT A . 
B 2 HOH 74  1073 1073 HOH WAT A . 
B 2 HOH 75  1074 1074 HOH WAT A . 
B 2 HOH 76  1075 1075 HOH WAT A . 
B 2 HOH 77  1076 1076 HOH WAT A . 
B 2 HOH 78  1077 1077 HOH WAT A . 
B 2 HOH 79  1078 1078 HOH WAT A . 
B 2 HOH 80  1079 1079 HOH WAT A . 
B 2 HOH 81  1080 1080 HOH WAT A . 
B 2 HOH 82  1081 1081 HOH WAT A . 
B 2 HOH 83  1082 1082 HOH WAT A . 
B 2 HOH 84  1083 1083 HOH WAT A . 
B 2 HOH 85  1084 1084 HOH WAT A . 
B 2 HOH 86  1085 1085 HOH WAT A . 
B 2 HOH 87  1086 1086 HOH WAT A . 
B 2 HOH 88  1087 1087 HOH WAT A . 
B 2 HOH 89  1088 1088 HOH WAT A . 
B 2 HOH 90  1089 1089 HOH WAT A . 
B 2 HOH 91  1090 1090 HOH WAT A . 
B 2 HOH 92  1091 1091 HOH WAT A . 
B 2 HOH 93  1092 1092 HOH WAT A . 
B 2 HOH 94  1093 1093 HOH WAT A . 
B 2 HOH 95  1094 1094 HOH WAT A . 
B 2 HOH 96  1095 1095 HOH WAT A . 
B 2 HOH 97  1096 1096 HOH WAT A . 
B 2 HOH 98  1097 1097 HOH WAT A . 
B 2 HOH 99  1098 1098 HOH WAT A . 
B 2 HOH 100 1099 1099 HOH WAT A . 
B 2 HOH 101 1100 1100 HOH WAT A . 
B 2 HOH 102 1101 1101 HOH WAT A . 
B 2 HOH 103 1102 1102 HOH WAT A . 
B 2 HOH 104 1103 1103 HOH WAT A . 
B 2 HOH 105 1104 1104 HOH WAT A . 
B 2 HOH 106 1105 1105 HOH WAT A . 
# 
_pdbx_struct_assembly.id                   1 
_pdbx_struct_assembly.details              author_and_software_defined_assembly 
_pdbx_struct_assembly.method_details       PISA 
_pdbx_struct_assembly.oligomeric_details   monomeric 
_pdbx_struct_assembly.oligomeric_count     1 
# 
_pdbx_struct_assembly_gen.assembly_id       1 
_pdbx_struct_assembly_gen.oper_expression   1 
_pdbx_struct_assembly_gen.asym_id_list      A,B 
# 
_pdbx_struct_oper_list.id                   1 
_pdbx_struct_oper_list.type                 'identity operation' 
_pdbx_struct_oper_list.name                 1_555 
_pdbx_struct_oper_list.symmetry_operation   x,y,z 
_pdbx_struct_oper_list.matrix[1][1]         1.0000000000 
_pdbx_struct_oper_list.matrix[1][2]         0.0000000000 
_pdbx_struct_oper_list.matrix[1][3]         0.0000000000 
_pdbx_struct_oper_list.vector[1]            0.0000000000 
_pdbx_struct_oper_list.matrix[2][1]         0.0000000000 
_pdbx_struct_oper_list.matrix[2][2]         1.0000000000 
_pdbx_struct_oper_list.matrix[2][3]         0.0000000000 
_pdbx_struct_oper_list.vector[2]            0.0000000000 
_pdbx_struct_oper_list.matrix[3][1]         0.0000000000 
_pdbx_struct_oper_list.matrix[3][2]         0.0000000000 
_pdbx_struct_oper_list.matrix[3][3]         1.0000000000 
_pdbx_struct_oper_list.vector[3]            0.0000000000 
# 
loop_
_pdbx_audit_revision_history.ordinal 
_pdbx_audit_revision_history.data_content_type 
_pdbx_audit_revision_history.major_revision 
_pdbx_audit_revision_history.minor_revision 
_pdbx_audit_revision_history.revision_date 
1 'Structure model' 1 0 2011-07-20 
2 'Structure model' 1 1 2013-06-19 
3 'Structure model' 1 2 2023-11-01 
# 
_pdbx_audit_revision_details.ordinal             1 
_pdbx_audit_revision_details.revision_ordinal    1 
_pdbx_audit_revision_details.data_content_type   'Structure model' 
_pdbx_audit_revision_details.provider            repository 
_pdbx_audit_revision_details.type                'Initial release' 
_pdbx_audit_revision_details.description         ? 
_pdbx_audit_revision_details.details             ? 
# 
loop_
_pdbx_audit_revision_group.ordinal 
_pdbx_audit_revision_group.revision_ordinal 
_pdbx_audit_revision_group.data_content_type 
_pdbx_audit_revision_group.group 
1 2 'Structure model' 'Database references'    
2 3 'Structure model' 'Data collection'        
3 3 'Structure model' 'Database references'    
4 3 'Structure model' 'Refinement description' 
# 
loop_
_pdbx_audit_revision_category.ordinal 
_pdbx_audit_revision_category.revision_ordinal 
_pdbx_audit_revision_category.data_content_type 
_pdbx_audit_revision_category.category 
1 3 'Structure model' chem_comp_atom                
2 3 'Structure model' chem_comp_bond                
3 3 'Structure model' database_2                    
4 3 'Structure model' pdbx_initial_refinement_model 
5 3 'Structure model' struct_ref_seq_dif            
# 
loop_
_pdbx_audit_revision_item.ordinal 
_pdbx_audit_revision_item.revision_ordinal 
_pdbx_audit_revision_item.data_content_type 
_pdbx_audit_revision_item.item 
1 3 'Structure model' '_database_2.pdbx_DOI'                
2 3 'Structure model' '_database_2.pdbx_database_accession' 
3 3 'Structure model' '_struct_ref_seq_dif.details'         
# 
loop_
_software.name 
_software.classification 
_software.version 
_software.citation_id 
_software.pdbx_ordinal 
HKL-2000 'data collection' . ? 1 
AMoRE    phasing           . ? 2 
CNS      refinement        . ? 3 
HKL-2000 'data reduction'  . ? 4 
HKL-2000 'data scaling'    . ? 5 
# 
_pdbx_validate_rmsd_angle.id                         1 
_pdbx_validate_rmsd_angle.PDB_model_num              1 
_pdbx_validate_rmsd_angle.auth_atom_id_1             N 
_pdbx_validate_rmsd_angle.auth_asym_id_1             A 
_pdbx_validate_rmsd_angle.auth_comp_id_1             ASN 
_pdbx_validate_rmsd_angle.auth_seq_id_1              257 
_pdbx_validate_rmsd_angle.PDB_ins_code_1             ? 
_pdbx_validate_rmsd_angle.label_alt_id_1             ? 
_pdbx_validate_rmsd_angle.auth_atom_id_2             CA 
_pdbx_validate_rmsd_angle.auth_asym_id_2             A 
_pdbx_validate_rmsd_angle.auth_comp_id_2             ASN 
_pdbx_validate_rmsd_angle.auth_seq_id_2              257 
_pdbx_validate_rmsd_angle.PDB_ins_code_2             ? 
_pdbx_validate_rmsd_angle.label_alt_id_2             ? 
_pdbx_validate_rmsd_angle.auth_atom_id_3             C 
_pdbx_validate_rmsd_angle.auth_asym_id_3             A 
_pdbx_validate_rmsd_angle.auth_comp_id_3             ASN 
_pdbx_validate_rmsd_angle.auth_seq_id_3              257 
_pdbx_validate_rmsd_angle.PDB_ins_code_3             ? 
_pdbx_validate_rmsd_angle.label_alt_id_3             ? 
_pdbx_validate_rmsd_angle.angle_value                94.15 
_pdbx_validate_rmsd_angle.angle_target_value         111.00 
_pdbx_validate_rmsd_angle.angle_deviation            -16.85 
_pdbx_validate_rmsd_angle.angle_standard_deviation   2.70 
_pdbx_validate_rmsd_angle.linker_flag                N 
# 
loop_
_pdbx_validate_torsion.id 
_pdbx_validate_torsion.PDB_model_num 
_pdbx_validate_torsion.auth_comp_id 
_pdbx_validate_torsion.auth_asym_id 
_pdbx_validate_torsion.auth_seq_id 
_pdbx_validate_torsion.PDB_ins_code 
_pdbx_validate_torsion.label_alt_id 
_pdbx_validate_torsion.phi 
_pdbx_validate_torsion.psi 
1 1 SER A 166 ? ? -141.89 -112.71 
2 1 ILE A 176 ? ? -109.69 -69.36  
3 1 MET A 194 ? ? -170.76 146.02  
4 1 ASP A 234 ? ? 73.22   -11.85  
5 1 ASN A 257 ? ? 97.01   -140.58 
6 1 ARG A 260 ? ? -166.08 118.58  
7 1 LYS A 275 ? ? 47.70   -122.46 
# 
loop_
_pdbx_unobs_or_zero_occ_residues.id 
_pdbx_unobs_or_zero_occ_residues.PDB_model_num 
_pdbx_unobs_or_zero_occ_residues.polymer_flag 
_pdbx_unobs_or_zero_occ_residues.occupancy_flag 
_pdbx_unobs_or_zero_occ_residues.auth_asym_id 
_pdbx_unobs_or_zero_occ_residues.auth_comp_id 
_pdbx_unobs_or_zero_occ_residues.auth_seq_id 
_pdbx_unobs_or_zero_occ_residues.PDB_ins_code 
_pdbx_unobs_or_zero_occ_residues.label_asym_id 
_pdbx_unobs_or_zero_occ_residues.label_comp_id 
_pdbx_unobs_or_zero_occ_residues.label_seq_id 
1 1 Y 1 A GLY 152 ? A GLY 1 
2 1 Y 1 A SER 153 ? A SER 2 
3 1 Y 1 A HIS 154 ? A HIS 3 
4 1 Y 1 A MET 155 ? A MET 4 
# 
loop_
_chem_comp_atom.comp_id 
_chem_comp_atom.atom_id 
_chem_comp_atom.type_symbol 
_chem_comp_atom.pdbx_aromatic_flag 
_chem_comp_atom.pdbx_stereo_config 
_chem_comp_atom.pdbx_ordinal 
ALA N    N N N 1   
ALA CA   C N S 2   
ALA C    C N N 3   
ALA O    O N N 4   
ALA CB   C N N 5   
ALA OXT  O N N 6   
ALA H    H N N 7   
ALA H2   H N N 8   
ALA HA   H N N 9   
ALA HB1  H N N 10  
ALA HB2  H N N 11  
ALA HB3  H N N 12  
ALA HXT  H N N 13  
ARG N    N N N 14  
ARG CA   C N S 15  
ARG C    C N N 16  
ARG O    O N N 17  
ARG CB   C N N 18  
ARG CG   C N N 19  
ARG CD   C N N 20  
ARG NE   N N N 21  
ARG CZ   C N N 22  
ARG NH1  N N N 23  
ARG NH2  N N N 24  
ARG OXT  O N N 25  
ARG H    H N N 26  
ARG H2   H N N 27  
ARG HA   H N N 28  
ARG HB2  H N N 29  
ARG HB3  H N N 30  
ARG HG2  H N N 31  
ARG HG3  H N N 32  
ARG HD2  H N N 33  
ARG HD3  H N N 34  
ARG HE   H N N 35  
ARG HH11 H N N 36  
ARG HH12 H N N 37  
ARG HH21 H N N 38  
ARG HH22 H N N 39  
ARG HXT  H N N 40  
ASN N    N N N 41  
ASN CA   C N S 42  
ASN C    C N N 43  
ASN O    O N N 44  
ASN CB   C N N 45  
ASN CG   C N N 46  
ASN OD1  O N N 47  
ASN ND2  N N N 48  
ASN OXT  O N N 49  
ASN H    H N N 50  
ASN H2   H N N 51  
ASN HA   H N N 52  
ASN HB2  H N N 53  
ASN HB3  H N N 54  
ASN HD21 H N N 55  
ASN HD22 H N N 56  
ASN HXT  H N N 57  
ASP N    N N N 58  
ASP CA   C N S 59  
ASP C    C N N 60  
ASP O    O N N 61  
ASP CB   C N N 62  
ASP CG   C N N 63  
ASP OD1  O N N 64  
ASP OD2  O N N 65  
ASP OXT  O N N 66  
ASP H    H N N 67  
ASP H2   H N N 68  
ASP HA   H N N 69  
ASP HB2  H N N 70  
ASP HB3  H N N 71  
ASP HD2  H N N 72  
ASP HXT  H N N 73  
CYS N    N N N 74  
CYS CA   C N R 75  
CYS C    C N N 76  
CYS O    O N N 77  
CYS CB   C N N 78  
CYS SG   S N N 79  
CYS OXT  O N N 80  
CYS H    H N N 81  
CYS H2   H N N 82  
CYS HA   H N N 83  
CYS HB2  H N N 84  
CYS HB3  H N N 85  
CYS HG   H N N 86  
CYS HXT  H N N 87  
GLN N    N N N 88  
GLN CA   C N S 89  
GLN C    C N N 90  
GLN O    O N N 91  
GLN CB   C N N 92  
GLN CG   C N N 93  
GLN CD   C N N 94  
GLN OE1  O N N 95  
GLN NE2  N N N 96  
GLN OXT  O N N 97  
GLN H    H N N 98  
GLN H2   H N N 99  
GLN HA   H N N 100 
GLN HB2  H N N 101 
GLN HB3  H N N 102 
GLN HG2  H N N 103 
GLN HG3  H N N 104 
GLN HE21 H N N 105 
GLN HE22 H N N 106 
GLN HXT  H N N 107 
GLU N    N N N 108 
GLU CA   C N S 109 
GLU C    C N N 110 
GLU O    O N N 111 
GLU CB   C N N 112 
GLU CG   C N N 113 
GLU CD   C N N 114 
GLU OE1  O N N 115 
GLU OE2  O N N 116 
GLU OXT  O N N 117 
GLU H    H N N 118 
GLU H2   H N N 119 
GLU HA   H N N 120 
GLU HB2  H N N 121 
GLU HB3  H N N 122 
GLU HG2  H N N 123 
GLU HG3  H N N 124 
GLU HE2  H N N 125 
GLU HXT  H N N 126 
GLY N    N N N 127 
GLY CA   C N N 128 
GLY C    C N N 129 
GLY O    O N N 130 
GLY OXT  O N N 131 
GLY H    H N N 132 
GLY H2   H N N 133 
GLY HA2  H N N 134 
GLY HA3  H N N 135 
GLY HXT  H N N 136 
HIS N    N N N 137 
HIS CA   C N S 138 
HIS C    C N N 139 
HIS O    O N N 140 
HIS CB   C N N 141 
HIS CG   C Y N 142 
HIS ND1  N Y N 143 
HIS CD2  C Y N 144 
HIS CE1  C Y N 145 
HIS NE2  N Y N 146 
HIS OXT  O N N 147 
HIS H    H N N 148 
HIS H2   H N N 149 
HIS HA   H N N 150 
HIS HB2  H N N 151 
HIS HB3  H N N 152 
HIS HD1  H N N 153 
HIS HD2  H N N 154 
HIS HE1  H N N 155 
HIS HE2  H N N 156 
HIS HXT  H N N 157 
HOH O    O N N 158 
HOH H1   H N N 159 
HOH H2   H N N 160 
ILE N    N N N 161 
ILE CA   C N S 162 
ILE C    C N N 163 
ILE O    O N N 164 
ILE CB   C N S 165 
ILE CG1  C N N 166 
ILE CG2  C N N 167 
ILE CD1  C N N 168 
ILE OXT  O N N 169 
ILE H    H N N 170 
ILE H2   H N N 171 
ILE HA   H N N 172 
ILE HB   H N N 173 
ILE HG12 H N N 174 
ILE HG13 H N N 175 
ILE HG21 H N N 176 
ILE HG22 H N N 177 
ILE HG23 H N N 178 
ILE HD11 H N N 179 
ILE HD12 H N N 180 
ILE HD13 H N N 181 
ILE HXT  H N N 182 
LEU N    N N N 183 
LEU CA   C N S 184 
LEU C    C N N 185 
LEU O    O N N 186 
LEU CB   C N N 187 
LEU CG   C N N 188 
LEU CD1  C N N 189 
LEU CD2  C N N 190 
LEU OXT  O N N 191 
LEU H    H N N 192 
LEU H2   H N N 193 
LEU HA   H N N 194 
LEU HB2  H N N 195 
LEU HB3  H N N 196 
LEU HG   H N N 197 
LEU HD11 H N N 198 
LEU HD12 H N N 199 
LEU HD13 H N N 200 
LEU HD21 H N N 201 
LEU HD22 H N N 202 
LEU HD23 H N N 203 
LEU HXT  H N N 204 
LYS N    N N N 205 
LYS CA   C N S 206 
LYS C    C N N 207 
LYS O    O N N 208 
LYS CB   C N N 209 
LYS CG   C N N 210 
LYS CD   C N N 211 
LYS CE   C N N 212 
LYS NZ   N N N 213 
LYS OXT  O N N 214 
LYS H    H N N 215 
LYS H2   H N N 216 
LYS HA   H N N 217 
LYS HB2  H N N 218 
LYS HB3  H N N 219 
LYS HG2  H N N 220 
LYS HG3  H N N 221 
LYS HD2  H N N 222 
LYS HD3  H N N 223 
LYS HE2  H N N 224 
LYS HE3  H N N 225 
LYS HZ1  H N N 226 
LYS HZ2  H N N 227 
LYS HZ3  H N N 228 
LYS HXT  H N N 229 
MET N    N N N 230 
MET CA   C N S 231 
MET C    C N N 232 
MET O    O N N 233 
MET CB   C N N 234 
MET CG   C N N 235 
MET SD   S N N 236 
MET CE   C N N 237 
MET OXT  O N N 238 
MET H    H N N 239 
MET H2   H N N 240 
MET HA   H N N 241 
MET HB2  H N N 242 
MET HB3  H N N 243 
MET HG2  H N N 244 
MET HG3  H N N 245 
MET HE1  H N N 246 
MET HE2  H N N 247 
MET HE3  H N N 248 
MET HXT  H N N 249 
PHE N    N N N 250 
PHE CA   C N S 251 
PHE C    C N N 252 
PHE O    O N N 253 
PHE CB   C N N 254 
PHE CG   C Y N 255 
PHE CD1  C Y N 256 
PHE CD2  C Y N 257 
PHE CE1  C Y N 258 
PHE CE2  C Y N 259 
PHE CZ   C Y N 260 
PHE OXT  O N N 261 
PHE H    H N N 262 
PHE H2   H N N 263 
PHE HA   H N N 264 
PHE HB2  H N N 265 
PHE HB3  H N N 266 
PHE HD1  H N N 267 
PHE HD2  H N N 268 
PHE HE1  H N N 269 
PHE HE2  H N N 270 
PHE HZ   H N N 271 
PHE HXT  H N N 272 
PRO N    N N N 273 
PRO CA   C N S 274 
PRO C    C N N 275 
PRO O    O N N 276 
PRO CB   C N N 277 
PRO CG   C N N 278 
PRO CD   C N N 279 
PRO OXT  O N N 280 
PRO H    H N N 281 
PRO HA   H N N 282 
PRO HB2  H N N 283 
PRO HB3  H N N 284 
PRO HG2  H N N 285 
PRO HG3  H N N 286 
PRO HD2  H N N 287 
PRO HD3  H N N 288 
PRO HXT  H N N 289 
SER N    N N N 290 
SER CA   C N S 291 
SER C    C N N 292 
SER O    O N N 293 
SER CB   C N N 294 
SER OG   O N N 295 
SER OXT  O N N 296 
SER H    H N N 297 
SER H2   H N N 298 
SER HA   H N N 299 
SER HB2  H N N 300 
SER HB3  H N N 301 
SER HG   H N N 302 
SER HXT  H N N 303 
THR N    N N N 304 
THR CA   C N S 305 
THR C    C N N 306 
THR O    O N N 307 
THR CB   C N R 308 
THR OG1  O N N 309 
THR CG2  C N N 310 
THR OXT  O N N 311 
THR H    H N N 312 
THR H2   H N N 313 
THR HA   H N N 314 
THR HB   H N N 315 
THR HG1  H N N 316 
THR HG21 H N N 317 
THR HG22 H N N 318 
THR HG23 H N N 319 
THR HXT  H N N 320 
TYR N    N N N 321 
TYR CA   C N S 322 
TYR C    C N N 323 
TYR O    O N N 324 
TYR CB   C N N 325 
TYR CG   C Y N 326 
TYR CD1  C Y N 327 
TYR CD2  C Y N 328 
TYR CE1  C Y N 329 
TYR CE2  C Y N 330 
TYR CZ   C Y N 331 
TYR OH   O N N 332 
TYR OXT  O N N 333 
TYR H    H N N 334 
TYR H2   H N N 335 
TYR HA   H N N 336 
TYR HB2  H N N 337 
TYR HB3  H N N 338 
TYR HD1  H N N 339 
TYR HD2  H N N 340 
TYR HE1  H N N 341 
TYR HE2  H N N 342 
TYR HH   H N N 343 
TYR HXT  H N N 344 
VAL N    N N N 345 
VAL CA   C N S 346 
VAL C    C N N 347 
VAL O    O N N 348 
VAL CB   C N N 349 
VAL CG1  C N N 350 
VAL CG2  C N N 351 
VAL OXT  O N N 352 
VAL H    H N N 353 
VAL H2   H N N 354 
VAL HA   H N N 355 
VAL HB   H N N 356 
VAL HG11 H N N 357 
VAL HG12 H N N 358 
VAL HG13 H N N 359 
VAL HG21 H N N 360 
VAL HG22 H N N 361 
VAL HG23 H N N 362 
VAL HXT  H N N 363 
# 
loop_
_chem_comp_bond.comp_id 
_chem_comp_bond.atom_id_1 
_chem_comp_bond.atom_id_2 
_chem_comp_bond.value_order 
_chem_comp_bond.pdbx_aromatic_flag 
_chem_comp_bond.pdbx_stereo_config 
_chem_comp_bond.pdbx_ordinal 
ALA N   CA   sing N N 1   
ALA N   H    sing N N 2   
ALA N   H2   sing N N 3   
ALA CA  C    sing N N 4   
ALA CA  CB   sing N N 5   
ALA CA  HA   sing N N 6   
ALA C   O    doub N N 7   
ALA C   OXT  sing N N 8   
ALA CB  HB1  sing N N 9   
ALA CB  HB2  sing N N 10  
ALA CB  HB3  sing N N 11  
ALA OXT HXT  sing N N 12  
ARG N   CA   sing N N 13  
ARG N   H    sing N N 14  
ARG N   H2   sing N N 15  
ARG CA  C    sing N N 16  
ARG CA  CB   sing N N 17  
ARG CA  HA   sing N N 18  
ARG C   O    doub N N 19  
ARG C   OXT  sing N N 20  
ARG CB  CG   sing N N 21  
ARG CB  HB2  sing N N 22  
ARG CB  HB3  sing N N 23  
ARG CG  CD   sing N N 24  
ARG CG  HG2  sing N N 25  
ARG CG  HG3  sing N N 26  
ARG CD  NE   sing N N 27  
ARG CD  HD2  sing N N 28  
ARG CD  HD3  sing N N 29  
ARG NE  CZ   sing N N 30  
ARG NE  HE   sing N N 31  
ARG CZ  NH1  sing N N 32  
ARG CZ  NH2  doub N N 33  
ARG NH1 HH11 sing N N 34  
ARG NH1 HH12 sing N N 35  
ARG NH2 HH21 sing N N 36  
ARG NH2 HH22 sing N N 37  
ARG OXT HXT  sing N N 38  
ASN N   CA   sing N N 39  
ASN N   H    sing N N 40  
ASN N   H2   sing N N 41  
ASN CA  C    sing N N 42  
ASN CA  CB   sing N N 43  
ASN CA  HA   sing N N 44  
ASN C   O    doub N N 45  
ASN C   OXT  sing N N 46  
ASN CB  CG   sing N N 47  
ASN CB  HB2  sing N N 48  
ASN CB  HB3  sing N N 49  
ASN CG  OD1  doub N N 50  
ASN CG  ND2  sing N N 51  
ASN ND2 HD21 sing N N 52  
ASN ND2 HD22 sing N N 53  
ASN OXT HXT  sing N N 54  
ASP N   CA   sing N N 55  
ASP N   H    sing N N 56  
ASP N   H2   sing N N 57  
ASP CA  C    sing N N 58  
ASP CA  CB   sing N N 59  
ASP CA  HA   sing N N 60  
ASP C   O    doub N N 61  
ASP C   OXT  sing N N 62  
ASP CB  CG   sing N N 63  
ASP CB  HB2  sing N N 64  
ASP CB  HB3  sing N N 65  
ASP CG  OD1  doub N N 66  
ASP CG  OD2  sing N N 67  
ASP OD2 HD2  sing N N 68  
ASP OXT HXT  sing N N 69  
CYS N   CA   sing N N 70  
CYS N   H    sing N N 71  
CYS N   H2   sing N N 72  
CYS CA  C    sing N N 73  
CYS CA  CB   sing N N 74  
CYS CA  HA   sing N N 75  
CYS C   O    doub N N 76  
CYS C   OXT  sing N N 77  
CYS CB  SG   sing N N 78  
CYS CB  HB2  sing N N 79  
CYS CB  HB3  sing N N 80  
CYS SG  HG   sing N N 81  
CYS OXT HXT  sing N N 82  
GLN N   CA   sing N N 83  
GLN N   H    sing N N 84  
GLN N   H2   sing N N 85  
GLN CA  C    sing N N 86  
GLN CA  CB   sing N N 87  
GLN CA  HA   sing N N 88  
GLN C   O    doub N N 89  
GLN C   OXT  sing N N 90  
GLN CB  CG   sing N N 91  
GLN CB  HB2  sing N N 92  
GLN CB  HB3  sing N N 93  
GLN CG  CD   sing N N 94  
GLN CG  HG2  sing N N 95  
GLN CG  HG3  sing N N 96  
GLN CD  OE1  doub N N 97  
GLN CD  NE2  sing N N 98  
GLN NE2 HE21 sing N N 99  
GLN NE2 HE22 sing N N 100 
GLN OXT HXT  sing N N 101 
GLU N   CA   sing N N 102 
GLU N   H    sing N N 103 
GLU N   H2   sing N N 104 
GLU CA  C    sing N N 105 
GLU CA  CB   sing N N 106 
GLU CA  HA   sing N N 107 
GLU C   O    doub N N 108 
GLU C   OXT  sing N N 109 
GLU CB  CG   sing N N 110 
GLU CB  HB2  sing N N 111 
GLU CB  HB3  sing N N 112 
GLU CG  CD   sing N N 113 
GLU CG  HG2  sing N N 114 
GLU CG  HG3  sing N N 115 
GLU CD  OE1  doub N N 116 
GLU CD  OE2  sing N N 117 
GLU OE2 HE2  sing N N 118 
GLU OXT HXT  sing N N 119 
GLY N   CA   sing N N 120 
GLY N   H    sing N N 121 
GLY N   H2   sing N N 122 
GLY CA  C    sing N N 123 
GLY CA  HA2  sing N N 124 
GLY CA  HA3  sing N N 125 
GLY C   O    doub N N 126 
GLY C   OXT  sing N N 127 
GLY OXT HXT  sing N N 128 
HIS N   CA   sing N N 129 
HIS N   H    sing N N 130 
HIS N   H2   sing N N 131 
HIS CA  C    sing N N 132 
HIS CA  CB   sing N N 133 
HIS CA  HA   sing N N 134 
HIS C   O    doub N N 135 
HIS C   OXT  sing N N 136 
HIS CB  CG   sing N N 137 
HIS CB  HB2  sing N N 138 
HIS CB  HB3  sing N N 139 
HIS CG  ND1  sing Y N 140 
HIS CG  CD2  doub Y N 141 
HIS ND1 CE1  doub Y N 142 
HIS ND1 HD1  sing N N 143 
HIS CD2 NE2  sing Y N 144 
HIS CD2 HD2  sing N N 145 
HIS CE1 NE2  sing Y N 146 
HIS CE1 HE1  sing N N 147 
HIS NE2 HE2  sing N N 148 
HIS OXT HXT  sing N N 149 
HOH O   H1   sing N N 150 
HOH O   H2   sing N N 151 
ILE N   CA   sing N N 152 
ILE N   H    sing N N 153 
ILE N   H2   sing N N 154 
ILE CA  C    sing N N 155 
ILE CA  CB   sing N N 156 
ILE CA  HA   sing N N 157 
ILE C   O    doub N N 158 
ILE C   OXT  sing N N 159 
ILE CB  CG1  sing N N 160 
ILE CB  CG2  sing N N 161 
ILE CB  HB   sing N N 162 
ILE CG1 CD1  sing N N 163 
ILE CG1 HG12 sing N N 164 
ILE CG1 HG13 sing N N 165 
ILE CG2 HG21 sing N N 166 
ILE CG2 HG22 sing N N 167 
ILE CG2 HG23 sing N N 168 
ILE CD1 HD11 sing N N 169 
ILE CD1 HD12 sing N N 170 
ILE CD1 HD13 sing N N 171 
ILE OXT HXT  sing N N 172 
LEU N   CA   sing N N 173 
LEU N   H    sing N N 174 
LEU N   H2   sing N N 175 
LEU CA  C    sing N N 176 
LEU CA  CB   sing N N 177 
LEU CA  HA   sing N N 178 
LEU C   O    doub N N 179 
LEU C   OXT  sing N N 180 
LEU CB  CG   sing N N 181 
LEU CB  HB2  sing N N 182 
LEU CB  HB3  sing N N 183 
LEU CG  CD1  sing N N 184 
LEU CG  CD2  sing N N 185 
LEU CG  HG   sing N N 186 
LEU CD1 HD11 sing N N 187 
LEU CD1 HD12 sing N N 188 
LEU CD1 HD13 sing N N 189 
LEU CD2 HD21 sing N N 190 
LEU CD2 HD22 sing N N 191 
LEU CD2 HD23 sing N N 192 
LEU OXT HXT  sing N N 193 
LYS N   CA   sing N N 194 
LYS N   H    sing N N 195 
LYS N   H2   sing N N 196 
LYS CA  C    sing N N 197 
LYS CA  CB   sing N N 198 
LYS CA  HA   sing N N 199 
LYS C   O    doub N N 200 
LYS C   OXT  sing N N 201 
LYS CB  CG   sing N N 202 
LYS CB  HB2  sing N N 203 
LYS CB  HB3  sing N N 204 
LYS CG  CD   sing N N 205 
LYS CG  HG2  sing N N 206 
LYS CG  HG3  sing N N 207 
LYS CD  CE   sing N N 208 
LYS CD  HD2  sing N N 209 
LYS CD  HD3  sing N N 210 
LYS CE  NZ   sing N N 211 
LYS CE  HE2  sing N N 212 
LYS CE  HE3  sing N N 213 
LYS NZ  HZ1  sing N N 214 
LYS NZ  HZ2  sing N N 215 
LYS NZ  HZ3  sing N N 216 
LYS OXT HXT  sing N N 217 
MET N   CA   sing N N 218 
MET N   H    sing N N 219 
MET N   H2   sing N N 220 
MET CA  C    sing N N 221 
MET CA  CB   sing N N 222 
MET CA  HA   sing N N 223 
MET C   O    doub N N 224 
MET C   OXT  sing N N 225 
MET CB  CG   sing N N 226 
MET CB  HB2  sing N N 227 
MET CB  HB3  sing N N 228 
MET CG  SD   sing N N 229 
MET CG  HG2  sing N N 230 
MET CG  HG3  sing N N 231 
MET SD  CE   sing N N 232 
MET CE  HE1  sing N N 233 
MET CE  HE2  sing N N 234 
MET CE  HE3  sing N N 235 
MET OXT HXT  sing N N 236 
PHE N   CA   sing N N 237 
PHE N   H    sing N N 238 
PHE N   H2   sing N N 239 
PHE CA  C    sing N N 240 
PHE CA  CB   sing N N 241 
PHE CA  HA   sing N N 242 
PHE C   O    doub N N 243 
PHE C   OXT  sing N N 244 
PHE CB  CG   sing N N 245 
PHE CB  HB2  sing N N 246 
PHE CB  HB3  sing N N 247 
PHE CG  CD1  doub Y N 248 
PHE CG  CD2  sing Y N 249 
PHE CD1 CE1  sing Y N 250 
PHE CD1 HD1  sing N N 251 
PHE CD2 CE2  doub Y N 252 
PHE CD2 HD2  sing N N 253 
PHE CE1 CZ   doub Y N 254 
PHE CE1 HE1  sing N N 255 
PHE CE2 CZ   sing Y N 256 
PHE CE2 HE2  sing N N 257 
PHE CZ  HZ   sing N N 258 
PHE OXT HXT  sing N N 259 
PRO N   CA   sing N N 260 
PRO N   CD   sing N N 261 
PRO N   H    sing N N 262 
PRO CA  C    sing N N 263 
PRO CA  CB   sing N N 264 
PRO CA  HA   sing N N 265 
PRO C   O    doub N N 266 
PRO C   OXT  sing N N 267 
PRO CB  CG   sing N N 268 
PRO CB  HB2  sing N N 269 
PRO CB  HB3  sing N N 270 
PRO CG  CD   sing N N 271 
PRO CG  HG2  sing N N 272 
PRO CG  HG3  sing N N 273 
PRO CD  HD2  sing N N 274 
PRO CD  HD3  sing N N 275 
PRO OXT HXT  sing N N 276 
SER N   CA   sing N N 277 
SER N   H    sing N N 278 
SER N   H2   sing N N 279 
SER CA  C    sing N N 280 
SER CA  CB   sing N N 281 
SER CA  HA   sing N N 282 
SER C   O    doub N N 283 
SER C   OXT  sing N N 284 
SER CB  OG   sing N N 285 
SER CB  HB2  sing N N 286 
SER CB  HB3  sing N N 287 
SER OG  HG   sing N N 288 
SER OXT HXT  sing N N 289 
THR N   CA   sing N N 290 
THR N   H    sing N N 291 
THR N   H2   sing N N 292 
THR CA  C    sing N N 293 
THR CA  CB   sing N N 294 
THR CA  HA   sing N N 295 
THR C   O    doub N N 296 
THR C   OXT  sing N N 297 
THR CB  OG1  sing N N 298 
THR CB  CG2  sing N N 299 
THR CB  HB   sing N N 300 
THR OG1 HG1  sing N N 301 
THR CG2 HG21 sing N N 302 
THR CG2 HG22 sing N N 303 
THR CG2 HG23 sing N N 304 
THR OXT HXT  sing N N 305 
TYR N   CA   sing N N 306 
TYR N   H    sing N N 307 
TYR N   H2   sing N N 308 
TYR CA  C    sing N N 309 
TYR CA  CB   sing N N 310 
TYR CA  HA   sing N N 311 
TYR C   O    doub N N 312 
TYR C   OXT  sing N N 313 
TYR CB  CG   sing N N 314 
TYR CB  HB2  sing N N 315 
TYR CB  HB3  sing N N 316 
TYR CG  CD1  doub Y N 317 
TYR CG  CD2  sing Y N 318 
TYR CD1 CE1  sing Y N 319 
TYR CD1 HD1  sing N N 320 
TYR CD2 CE2  doub Y N 321 
TYR CD2 HD2  sing N N 322 
TYR CE1 CZ   doub Y N 323 
TYR CE1 HE1  sing N N 324 
TYR CE2 CZ   sing Y N 325 
TYR CE2 HE2  sing N N 326 
TYR CZ  OH   sing N N 327 
TYR OH  HH   sing N N 328 
TYR OXT HXT  sing N N 329 
VAL N   CA   sing N N 330 
VAL N   H    sing N N 331 
VAL N   H2   sing N N 332 
VAL CA  C    sing N N 333 
VAL CA  CB   sing N N 334 
VAL CA  HA   sing N N 335 
VAL C   O    doub N N 336 
VAL C   OXT  sing N N 337 
VAL CB  CG1  sing N N 338 
VAL CB  CG2  sing N N 339 
VAL CB  HB   sing N N 340 
VAL CG1 HG11 sing N N 341 
VAL CG1 HG12 sing N N 342 
VAL CG1 HG13 sing N N 343 
VAL CG2 HG21 sing N N 344 
VAL CG2 HG22 sing N N 345 
VAL CG2 HG23 sing N N 346 
VAL OXT HXT  sing N N 347 
# 
_pdbx_entity_nonpoly.entity_id   2 
_pdbx_entity_nonpoly.name        water 
_pdbx_entity_nonpoly.comp_id     HOH 
# 
_pdbx_initial_refinement_model.id               1 
_pdbx_initial_refinement_model.entity_id_list   ? 
_pdbx_initial_refinement_model.type             'experimental model' 
_pdbx_initial_refinement_model.source_name      PDB 
_pdbx_initial_refinement_model.accession_code   1CHD 
_pdbx_initial_refinement_model.details          ? 
# 
